data_3CM0
# 
_entry.id   3CM0 
# 
_audit_conform.dict_name       mmcif_pdbx.dic 
_audit_conform.dict_version    5.395 
_audit_conform.dict_location   http://mmcif.pdb.org/dictionaries/ascii/mmcif_pdbx.dic 
# 
loop_
_database_2.database_id 
_database_2.database_code 
_database_2.pdbx_database_accession 
_database_2.pdbx_DOI 
PDB   3CM0         pdb_00003cm0 10.2210/pdb3cm0/pdb 
RCSB  RCSB046937   ?            ?                   
WWPDB D_1000046937 ?            ?                   
# 
loop_
_pdbx_audit_revision_history.ordinal 
_pdbx_audit_revision_history.data_content_type 
_pdbx_audit_revision_history.major_revision 
_pdbx_audit_revision_history.minor_revision 
_pdbx_audit_revision_history.revision_date 
1 'Structure model' 1 0 2008-09-23 
2 'Structure model' 1 1 2011-07-13 
3 'Structure model' 1 2 2023-11-01 
4 'Structure model' 1 3 2024-08-14 
# 
_pdbx_audit_revision_details.ordinal             1 
_pdbx_audit_revision_details.revision_ordinal    1 
_pdbx_audit_revision_details.data_content_type   'Structure model' 
_pdbx_audit_revision_details.provider            repository 
_pdbx_audit_revision_details.type                'Initial release' 
_pdbx_audit_revision_details.description         ? 
_pdbx_audit_revision_details.details             ? 
# 
loop_
_pdbx_audit_revision_group.ordinal 
_pdbx_audit_revision_group.revision_ordinal 
_pdbx_audit_revision_group.data_content_type 
_pdbx_audit_revision_group.group 
1 2 'Structure model' 'Version format compliance' 
2 3 'Structure model' 'Data collection'           
3 3 'Structure model' 'Database references'       
4 3 'Structure model' 'Refinement description'    
5 4 'Structure model' 'Database references'       
# 
loop_
_pdbx_audit_revision_category.ordinal 
_pdbx_audit_revision_category.revision_ordinal 
_pdbx_audit_revision_category.data_content_type 
_pdbx_audit_revision_category.category 
1 3 'Structure model' chem_comp_atom                
2 3 'Structure model' chem_comp_bond                
3 3 'Structure model' database_2                    
4 3 'Structure model' pdbx_initial_refinement_model 
5 4 'Structure model' citation                      
# 
loop_
_pdbx_audit_revision_item.ordinal 
_pdbx_audit_revision_item.revision_ordinal 
_pdbx_audit_revision_item.data_content_type 
_pdbx_audit_revision_item.item 
1 3 'Structure model' '_database_2.pdbx_DOI'                
2 3 'Structure model' '_database_2.pdbx_database_accession' 
3 4 'Structure model' '_citation.title'                     
# 
_pdbx_database_status.status_code                     REL 
_pdbx_database_status.entry_id                        3CM0 
_pdbx_database_status.recvd_initial_deposition_date   2008-03-20 
_pdbx_database_status.deposit_site                    RCSB 
_pdbx_database_status.process_site                    PDBJ 
_pdbx_database_status.status_code_sf                  REL 
_pdbx_database_status.status_code_mr                  ? 
_pdbx_database_status.SG_entry                        Y 
_pdbx_database_status.pdb_format_compatible           Y 
_pdbx_database_status.status_code_cs                  ? 
_pdbx_database_status.status_code_nmr_data            ? 
_pdbx_database_status.methods_development_category    ? 
# 
_pdbx_database_related.db_name        TargetDB 
_pdbx_database_related.db_id          ttk003000089.1 
_pdbx_database_related.details        . 
_pdbx_database_related.content_type   unspecified 
# 
loop_
_audit_author.name 
_audit_author.pdbx_ordinal 
_audit_author.identifier_ORCID 
'Nakagawa, N.'                                           1 ? 
'Kondo, N.'                                              2 ? 
'Masui, R.'                                              3 ? 
'Matsuda, Z.'                                            4 ? 
'Iwamoto, I.'                                            5 ? 
'Yokoyama, S.'                                           6 ? 
'Kuramitsu, S.'                                          7 ? 
'RIKEN Structural Genomics/Proteomics Initiative (RSGI)' 8 ? 
# 
_citation.id                        primary 
_citation.title                     'Crystal structure of adenylate kinase from Thermus thermophilus HB8.' 
_citation.journal_abbrev            'To be Published' 
_citation.journal_volume            ? 
_citation.page_first                ? 
_citation.page_last                 ? 
_citation.year                      ? 
_citation.journal_id_ASTM           ? 
_citation.country                   ? 
_citation.journal_id_ISSN           ? 
_citation.journal_id_CSD            0353 
_citation.book_publisher            ? 
_citation.pdbx_database_id_PubMed   ? 
_citation.pdbx_database_id_DOI      ? 
# 
loop_
_citation_author.citation_id 
_citation_author.name 
_citation_author.ordinal 
_citation_author.identifier_ORCID 
primary 'Nakagawa, N.'  1 ? 
primary 'Kondo, N.'     2 ? 
primary 'Masui, R.'     3 ? 
primary 'Yokoyama, S.'  4 ? 
primary 'Kuramitsu, S.' 5 ? 
# 
loop_
_entity.id 
_entity.type 
_entity.src_method 
_entity.pdbx_description 
_entity.formula_weight 
_entity.pdbx_number_of_molecules 
_entity.pdbx_ec 
_entity.pdbx_mutation 
_entity.pdbx_fragment 
_entity.details 
1 polymer man 'Adenylate kinase' 20783.779 1  2.7.4.3 ? ? ? 
2 water   nat water              18.015    88 ?       ? ? ? 
# 
_entity_name_com.entity_id   1 
_entity_name_com.name        'ATP-AMP transphosphorylase, AK' 
# 
_entity_poly.entity_id                      1 
_entity_poly.type                           'polypeptide(L)' 
_entity_poly.nstd_linkage                   no 
_entity_poly.nstd_monomer                   no 
_entity_poly.pdbx_seq_one_letter_code       
;MDVGQAVIFLGPPGAGKGTQASRLAQELGFKKLSTGDILRDHVARGTPLGERVRPIMERGDLVPDDLILELIREELAERV
IFDGFPRTLAQAEALDRLLSETGTRLLGVVLVEVPEEELVRRILRRAELEGRSDDNEETVRRRLEVYREKTEPLVGYYEA
RGVLKRVDGLGTPDEVYARIRAALGI
;
_entity_poly.pdbx_seq_one_letter_code_can   
;MDVGQAVIFLGPPGAGKGTQASRLAQELGFKKLSTGDILRDHVARGTPLGERVRPIMERGDLVPDDLILELIREELAERV
IFDGFPRTLAQAEALDRLLSETGTRLLGVVLVEVPEEELVRRILRRAELEGRSDDNEETVRRRLEVYREKTEPLVGYYEA
RGVLKRVDGLGTPDEVYARIRAALGI
;
_entity_poly.pdbx_strand_id                 A 
_entity_poly.pdbx_target_identifier         ttk003000089.1 
# 
_pdbx_entity_nonpoly.entity_id   2 
_pdbx_entity_nonpoly.name        water 
_pdbx_entity_nonpoly.comp_id     HOH 
# 
loop_
_entity_poly_seq.entity_id 
_entity_poly_seq.num 
_entity_poly_seq.mon_id 
_entity_poly_seq.hetero 
1 1   MET n 
1 2   ASP n 
1 3   VAL n 
1 4   GLY n 
1 5   GLN n 
1 6   ALA n 
1 7   VAL n 
1 8   ILE n 
1 9   PHE n 
1 10  LEU n 
1 11  GLY n 
1 12  PRO n 
1 13  PRO n 
1 14  GLY n 
1 15  ALA n 
1 16  GLY n 
1 17  LYS n 
1 18  GLY n 
1 19  THR n 
1 20  GLN n 
1 21  ALA n 
1 22  SER n 
1 23  ARG n 
1 24  LEU n 
1 25  ALA n 
1 26  GLN n 
1 27  GLU n 
1 28  LEU n 
1 29  GLY n 
1 30  PHE n 
1 31  LYS n 
1 32  LYS n 
1 33  LEU n 
1 34  SER n 
1 35  THR n 
1 36  GLY n 
1 37  ASP n 
1 38  ILE n 
1 39  LEU n 
1 40  ARG n 
1 41  ASP n 
1 42  HIS n 
1 43  VAL n 
1 44  ALA n 
1 45  ARG n 
1 46  GLY n 
1 47  THR n 
1 48  PRO n 
1 49  LEU n 
1 50  GLY n 
1 51  GLU n 
1 52  ARG n 
1 53  VAL n 
1 54  ARG n 
1 55  PRO n 
1 56  ILE n 
1 57  MET n 
1 58  GLU n 
1 59  ARG n 
1 60  GLY n 
1 61  ASP n 
1 62  LEU n 
1 63  VAL n 
1 64  PRO n 
1 65  ASP n 
1 66  ASP n 
1 67  LEU n 
1 68  ILE n 
1 69  LEU n 
1 70  GLU n 
1 71  LEU n 
1 72  ILE n 
1 73  ARG n 
1 74  GLU n 
1 75  GLU n 
1 76  LEU n 
1 77  ALA n 
1 78  GLU n 
1 79  ARG n 
1 80  VAL n 
1 81  ILE n 
1 82  PHE n 
1 83  ASP n 
1 84  GLY n 
1 85  PHE n 
1 86  PRO n 
1 87  ARG n 
1 88  THR n 
1 89  LEU n 
1 90  ALA n 
1 91  GLN n 
1 92  ALA n 
1 93  GLU n 
1 94  ALA n 
1 95  LEU n 
1 96  ASP n 
1 97  ARG n 
1 98  LEU n 
1 99  LEU n 
1 100 SER n 
1 101 GLU n 
1 102 THR n 
1 103 GLY n 
1 104 THR n 
1 105 ARG n 
1 106 LEU n 
1 107 LEU n 
1 108 GLY n 
1 109 VAL n 
1 110 VAL n 
1 111 LEU n 
1 112 VAL n 
1 113 GLU n 
1 114 VAL n 
1 115 PRO n 
1 116 GLU n 
1 117 GLU n 
1 118 GLU n 
1 119 LEU n 
1 120 VAL n 
1 121 ARG n 
1 122 ARG n 
1 123 ILE n 
1 124 LEU n 
1 125 ARG n 
1 126 ARG n 
1 127 ALA n 
1 128 GLU n 
1 129 LEU n 
1 130 GLU n 
1 131 GLY n 
1 132 ARG n 
1 133 SER n 
1 134 ASP n 
1 135 ASP n 
1 136 ASN n 
1 137 GLU n 
1 138 GLU n 
1 139 THR n 
1 140 VAL n 
1 141 ARG n 
1 142 ARG n 
1 143 ARG n 
1 144 LEU n 
1 145 GLU n 
1 146 VAL n 
1 147 TYR n 
1 148 ARG n 
1 149 GLU n 
1 150 LYS n 
1 151 THR n 
1 152 GLU n 
1 153 PRO n 
1 154 LEU n 
1 155 VAL n 
1 156 GLY n 
1 157 TYR n 
1 158 TYR n 
1 159 GLU n 
1 160 ALA n 
1 161 ARG n 
1 162 GLY n 
1 163 VAL n 
1 164 LEU n 
1 165 LYS n 
1 166 ARG n 
1 167 VAL n 
1 168 ASP n 
1 169 GLY n 
1 170 LEU n 
1 171 GLY n 
1 172 THR n 
1 173 PRO n 
1 174 ASP n 
1 175 GLU n 
1 176 VAL n 
1 177 TYR n 
1 178 ALA n 
1 179 ARG n 
1 180 ILE n 
1 181 ARG n 
1 182 ALA n 
1 183 ALA n 
1 184 LEU n 
1 185 GLY n 
1 186 ILE n 
# 
_entity_src_gen.entity_id                          1 
_entity_src_gen.pdbx_src_id                        1 
_entity_src_gen.pdbx_alt_source_flag               sample 
_entity_src_gen.pdbx_seq_type                      ? 
_entity_src_gen.pdbx_beg_seq_num                   ? 
_entity_src_gen.pdbx_end_seq_num                   ? 
_entity_src_gen.gene_src_common_name               ? 
_entity_src_gen.gene_src_genus                     ? 
_entity_src_gen.pdbx_gene_src_gene                 adk 
_entity_src_gen.gene_src_species                   ? 
_entity_src_gen.gene_src_strain                    HB8 
_entity_src_gen.gene_src_tissue                    ? 
_entity_src_gen.gene_src_tissue_fraction           ? 
_entity_src_gen.gene_src_details                   ? 
_entity_src_gen.pdbx_gene_src_fragment             ? 
_entity_src_gen.pdbx_gene_src_scientific_name      'Thermus thermophilus' 
_entity_src_gen.pdbx_gene_src_ncbi_taxonomy_id     274 
_entity_src_gen.pdbx_gene_src_variant              ? 
_entity_src_gen.pdbx_gene_src_cell_line            ? 
_entity_src_gen.pdbx_gene_src_atcc                 ? 
_entity_src_gen.pdbx_gene_src_organ                ? 
_entity_src_gen.pdbx_gene_src_organelle            ? 
_entity_src_gen.pdbx_gene_src_cell                 ? 
_entity_src_gen.pdbx_gene_src_cellular_location    ? 
_entity_src_gen.host_org_common_name               ? 
_entity_src_gen.pdbx_host_org_scientific_name      'Escherichia coli' 
_entity_src_gen.pdbx_host_org_ncbi_taxonomy_id     562 
_entity_src_gen.host_org_genus                     ? 
_entity_src_gen.pdbx_host_org_gene                 ? 
_entity_src_gen.pdbx_host_org_organ                ? 
_entity_src_gen.host_org_species                   ? 
_entity_src_gen.pdbx_host_org_tissue               ? 
_entity_src_gen.pdbx_host_org_tissue_fraction      ? 
_entity_src_gen.pdbx_host_org_strain               'BL21(DE3)' 
_entity_src_gen.pdbx_host_org_variant              ? 
_entity_src_gen.pdbx_host_org_cell_line            ? 
_entity_src_gen.pdbx_host_org_atcc                 ? 
_entity_src_gen.pdbx_host_org_culture_collection   ? 
_entity_src_gen.pdbx_host_org_cell                 ? 
_entity_src_gen.pdbx_host_org_organelle            ? 
_entity_src_gen.pdbx_host_org_cellular_location    ? 
_entity_src_gen.pdbx_host_org_vector_type          plasmid 
_entity_src_gen.pdbx_host_org_vector               ? 
_entity_src_gen.host_org_details                   ? 
_entity_src_gen.expression_system_id               ? 
_entity_src_gen.plasmid_name                       pET-3a 
_entity_src_gen.plasmid_details                    ? 
_entity_src_gen.pdbx_description                   ? 
# 
loop_
_chem_comp.id 
_chem_comp.type 
_chem_comp.mon_nstd_flag 
_chem_comp.name 
_chem_comp.pdbx_synonyms 
_chem_comp.formula 
_chem_comp.formula_weight 
ALA 'L-peptide linking' y ALANINE         ? 'C3 H7 N O2'     89.093  
ARG 'L-peptide linking' y ARGININE        ? 'C6 H15 N4 O2 1' 175.209 
ASN 'L-peptide linking' y ASPARAGINE      ? 'C4 H8 N2 O3'    132.118 
ASP 'L-peptide linking' y 'ASPARTIC ACID' ? 'C4 H7 N O4'     133.103 
GLN 'L-peptide linking' y GLUTAMINE       ? 'C5 H10 N2 O3'   146.144 
GLU 'L-peptide linking' y 'GLUTAMIC ACID' ? 'C5 H9 N O4'     147.129 
GLY 'peptide linking'   y GLYCINE         ? 'C2 H5 N O2'     75.067  
HIS 'L-peptide linking' y HISTIDINE       ? 'C6 H10 N3 O2 1' 156.162 
HOH non-polymer         . WATER           ? 'H2 O'           18.015  
ILE 'L-peptide linking' y ISOLEUCINE      ? 'C6 H13 N O2'    131.173 
LEU 'L-peptide linking' y LEUCINE         ? 'C6 H13 N O2'    131.173 
LYS 'L-peptide linking' y LYSINE          ? 'C6 H15 N2 O2 1' 147.195 
MET 'L-peptide linking' y METHIONINE      ? 'C5 H11 N O2 S'  149.211 
PHE 'L-peptide linking' y PHENYLALANINE   ? 'C9 H11 N O2'    165.189 
PRO 'L-peptide linking' y PROLINE         ? 'C5 H9 N O2'     115.130 
SER 'L-peptide linking' y SERINE          ? 'C3 H7 N O3'     105.093 
THR 'L-peptide linking' y THREONINE       ? 'C4 H9 N O3'     119.119 
TYR 'L-peptide linking' y TYROSINE        ? 'C9 H11 N O3'    181.189 
VAL 'L-peptide linking' y VALINE          ? 'C5 H11 N O2'    117.146 
# 
loop_
_pdbx_poly_seq_scheme.asym_id 
_pdbx_poly_seq_scheme.entity_id 
_pdbx_poly_seq_scheme.seq_id 
_pdbx_poly_seq_scheme.mon_id 
_pdbx_poly_seq_scheme.ndb_seq_num 
_pdbx_poly_seq_scheme.pdb_seq_num 
_pdbx_poly_seq_scheme.auth_seq_num 
_pdbx_poly_seq_scheme.pdb_mon_id 
_pdbx_poly_seq_scheme.auth_mon_id 
_pdbx_poly_seq_scheme.pdb_strand_id 
_pdbx_poly_seq_scheme.pdb_ins_code 
_pdbx_poly_seq_scheme.hetero 
A 1 1   MET 1   1   ?   ?   ?   A . n 
A 1 2   ASP 2   2   ?   ?   ?   A . n 
A 1 3   VAL 3   3   3   VAL VAL A . n 
A 1 4   GLY 4   4   4   GLY GLY A . n 
A 1 5   GLN 5   5   5   GLN GLN A . n 
A 1 6   ALA 6   6   6   ALA ALA A . n 
A 1 7   VAL 7   7   7   VAL VAL A . n 
A 1 8   ILE 8   8   8   ILE ILE A . n 
A 1 9   PHE 9   9   9   PHE PHE A . n 
A 1 10  LEU 10  10  10  LEU LEU A . n 
A 1 11  GLY 11  11  11  GLY GLY A . n 
A 1 12  PRO 12  12  12  PRO PRO A . n 
A 1 13  PRO 13  13  13  PRO PRO A . n 
A 1 14  GLY 14  14  14  GLY GLY A . n 
A 1 15  ALA 15  15  15  ALA ALA A . n 
A 1 16  GLY 16  16  16  GLY GLY A . n 
A 1 17  LYS 17  17  17  LYS LYS A . n 
A 1 18  GLY 18  18  18  GLY GLY A . n 
A 1 19  THR 19  19  19  THR THR A . n 
A 1 20  GLN 20  20  20  GLN GLN A . n 
A 1 21  ALA 21  21  21  ALA ALA A . n 
A 1 22  SER 22  22  22  SER SER A . n 
A 1 23  ARG 23  23  23  ARG ARG A . n 
A 1 24  LEU 24  24  24  LEU LEU A . n 
A 1 25  ALA 25  25  25  ALA ALA A . n 
A 1 26  GLN 26  26  26  GLN GLN A . n 
A 1 27  GLU 27  27  27  GLU GLU A . n 
A 1 28  LEU 28  28  28  LEU LEU A . n 
A 1 29  GLY 29  29  29  GLY GLY A . n 
A 1 30  PHE 30  30  30  PHE PHE A . n 
A 1 31  LYS 31  31  31  LYS LYS A . n 
A 1 32  LYS 32  32  32  LYS LYS A . n 
A 1 33  LEU 33  33  33  LEU LEU A . n 
A 1 34  SER 34  34  34  SER SER A . n 
A 1 35  THR 35  35  35  THR THR A . n 
A 1 36  GLY 36  36  36  GLY GLY A . n 
A 1 37  ASP 37  37  37  ASP ASP A . n 
A 1 38  ILE 38  38  38  ILE ILE A . n 
A 1 39  LEU 39  39  39  LEU LEU A . n 
A 1 40  ARG 40  40  40  ARG ARG A . n 
A 1 41  ASP 41  41  41  ASP ASP A . n 
A 1 42  HIS 42  42  42  HIS HIS A . n 
A 1 43  VAL 43  43  43  VAL VAL A . n 
A 1 44  ALA 44  44  44  ALA ALA A . n 
A 1 45  ARG 45  45  45  ARG ARG A . n 
A 1 46  GLY 46  46  46  GLY GLY A . n 
A 1 47  THR 47  47  47  THR THR A . n 
A 1 48  PRO 48  48  48  PRO PRO A . n 
A 1 49  LEU 49  49  49  LEU LEU A . n 
A 1 50  GLY 50  50  50  GLY GLY A . n 
A 1 51  GLU 51  51  51  GLU GLU A . n 
A 1 52  ARG 52  52  52  ARG ARG A . n 
A 1 53  VAL 53  53  53  VAL VAL A . n 
A 1 54  ARG 54  54  54  ARG ARG A . n 
A 1 55  PRO 55  55  55  PRO PRO A . n 
A 1 56  ILE 56  56  56  ILE ILE A . n 
A 1 57  MET 57  57  57  MET MET A . n 
A 1 58  GLU 58  58  58  GLU GLU A . n 
A 1 59  ARG 59  59  59  ARG ARG A . n 
A 1 60  GLY 60  60  60  GLY GLY A . n 
A 1 61  ASP 61  61  61  ASP ASP A . n 
A 1 62  LEU 62  62  62  LEU LEU A . n 
A 1 63  VAL 63  63  63  VAL VAL A . n 
A 1 64  PRO 64  64  64  PRO PRO A . n 
A 1 65  ASP 65  65  65  ASP ASP A . n 
A 1 66  ASP 66  66  66  ASP ASP A . n 
A 1 67  LEU 67  67  67  LEU LEU A . n 
A 1 68  ILE 68  68  68  ILE ILE A . n 
A 1 69  LEU 69  69  69  LEU LEU A . n 
A 1 70  GLU 70  70  70  GLU GLU A . n 
A 1 71  LEU 71  71  71  LEU LEU A . n 
A 1 72  ILE 72  72  72  ILE ILE A . n 
A 1 73  ARG 73  73  73  ARG ARG A . n 
A 1 74  GLU 74  74  74  GLU GLU A . n 
A 1 75  GLU 75  75  75  GLU GLU A . n 
A 1 76  LEU 76  76  76  LEU LEU A . n 
A 1 77  ALA 77  77  77  ALA ALA A . n 
A 1 78  GLU 78  78  78  GLU GLU A . n 
A 1 79  ARG 79  79  79  ARG ARG A . n 
A 1 80  VAL 80  80  80  VAL VAL A . n 
A 1 81  ILE 81  81  81  ILE ILE A . n 
A 1 82  PHE 82  82  82  PHE PHE A . n 
A 1 83  ASP 83  83  83  ASP ASP A . n 
A 1 84  GLY 84  84  84  GLY GLY A . n 
A 1 85  PHE 85  85  85  PHE PHE A . n 
A 1 86  PRO 86  86  86  PRO PRO A . n 
A 1 87  ARG 87  87  87  ARG ARG A . n 
A 1 88  THR 88  88  88  THR THR A . n 
A 1 89  LEU 89  89  89  LEU LEU A . n 
A 1 90  ALA 90  90  90  ALA ALA A . n 
A 1 91  GLN 91  91  91  GLN GLN A . n 
A 1 92  ALA 92  92  92  ALA ALA A . n 
A 1 93  GLU 93  93  93  GLU GLU A . n 
A 1 94  ALA 94  94  94  ALA ALA A . n 
A 1 95  LEU 95  95  95  LEU LEU A . n 
A 1 96  ASP 96  96  96  ASP ASP A . n 
A 1 97  ARG 97  97  97  ARG ARG A . n 
A 1 98  LEU 98  98  98  LEU LEU A . n 
A 1 99  LEU 99  99  99  LEU LEU A . n 
A 1 100 SER 100 100 100 SER SER A . n 
A 1 101 GLU 101 101 101 GLU GLU A . n 
A 1 102 THR 102 102 102 THR THR A . n 
A 1 103 GLY 103 103 103 GLY GLY A . n 
A 1 104 THR 104 104 104 THR THR A . n 
A 1 105 ARG 105 105 105 ARG ARG A . n 
A 1 106 LEU 106 106 106 LEU LEU A . n 
A 1 107 LEU 107 107 107 LEU LEU A . n 
A 1 108 GLY 108 108 108 GLY GLY A . n 
A 1 109 VAL 109 109 109 VAL VAL A . n 
A 1 110 VAL 110 110 110 VAL VAL A . n 
A 1 111 LEU 111 111 111 LEU LEU A . n 
A 1 112 VAL 112 112 112 VAL VAL A . n 
A 1 113 GLU 113 113 113 GLU GLU A . n 
A 1 114 VAL 114 114 114 VAL VAL A . n 
A 1 115 PRO 115 115 115 PRO PRO A . n 
A 1 116 GLU 116 116 116 GLU GLU A . n 
A 1 117 GLU 117 117 117 GLU GLU A . n 
A 1 118 GLU 118 118 118 GLU GLU A . n 
A 1 119 LEU 119 119 119 LEU LEU A . n 
A 1 120 VAL 120 120 120 VAL VAL A . n 
A 1 121 ARG 121 121 121 ARG ARG A . n 
A 1 122 ARG 122 122 122 ARG ARG A . n 
A 1 123 ILE 123 123 123 ILE ILE A . n 
A 1 124 LEU 124 124 124 LEU LEU A . n 
A 1 125 ARG 125 125 125 ARG ARG A . n 
A 1 126 ARG 126 126 126 ARG ARG A . n 
A 1 127 ALA 127 127 127 ALA ALA A . n 
A 1 128 GLU 128 128 128 GLU GLU A . n 
A 1 129 LEU 129 129 129 LEU LEU A . n 
A 1 130 GLU 130 130 130 GLU GLU A . n 
A 1 131 GLY 131 131 131 GLY GLY A . n 
A 1 132 ARG 132 132 132 ARG ARG A . n 
A 1 133 SER 133 133 133 SER SER A . n 
A 1 134 ASP 134 134 134 ASP ASP A . n 
A 1 135 ASP 135 135 135 ASP ASP A . n 
A 1 136 ASN 136 136 136 ASN ASN A . n 
A 1 137 GLU 137 137 137 GLU GLU A . n 
A 1 138 GLU 138 138 138 GLU GLU A . n 
A 1 139 THR 139 139 139 THR THR A . n 
A 1 140 VAL 140 140 140 VAL VAL A . n 
A 1 141 ARG 141 141 141 ARG ARG A . n 
A 1 142 ARG 142 142 142 ARG ARG A . n 
A 1 143 ARG 143 143 143 ARG ARG A . n 
A 1 144 LEU 144 144 144 LEU LEU A . n 
A 1 145 GLU 145 145 145 GLU GLU A . n 
A 1 146 VAL 146 146 146 VAL VAL A . n 
A 1 147 TYR 147 147 147 TYR TYR A . n 
A 1 148 ARG 148 148 148 ARG ARG A . n 
A 1 149 GLU 149 149 149 GLU GLU A . n 
A 1 150 LYS 150 150 150 LYS LYS A . n 
A 1 151 THR 151 151 151 THR THR A . n 
A 1 152 GLU 152 152 152 GLU GLU A . n 
A 1 153 PRO 153 153 153 PRO PRO A . n 
A 1 154 LEU 154 154 154 LEU LEU A . n 
A 1 155 VAL 155 155 155 VAL VAL A . n 
A 1 156 GLY 156 156 156 GLY GLY A . n 
A 1 157 TYR 157 157 157 TYR TYR A . n 
A 1 158 TYR 158 158 158 TYR TYR A . n 
A 1 159 GLU 159 159 159 GLU GLU A . n 
A 1 160 ALA 160 160 160 ALA ALA A . n 
A 1 161 ARG 161 161 161 ARG ARG A . n 
A 1 162 GLY 162 162 162 GLY GLY A . n 
A 1 163 VAL 163 163 163 VAL VAL A . n 
A 1 164 LEU 164 164 164 LEU LEU A . n 
A 1 165 LYS 165 165 165 LYS LYS A . n 
A 1 166 ARG 166 166 166 ARG ARG A . n 
A 1 167 VAL 167 167 167 VAL VAL A . n 
A 1 168 ASP 168 168 168 ASP ASP A . n 
A 1 169 GLY 169 169 169 GLY GLY A . n 
A 1 170 LEU 170 170 170 LEU LEU A . n 
A 1 171 GLY 171 171 171 GLY GLY A . n 
A 1 172 THR 172 172 172 THR THR A . n 
A 1 173 PRO 173 173 173 PRO PRO A . n 
A 1 174 ASP 174 174 174 ASP ASP A . n 
A 1 175 GLU 175 175 175 GLU GLU A . n 
A 1 176 VAL 176 176 176 VAL VAL A . n 
A 1 177 TYR 177 177 177 TYR TYR A . n 
A 1 178 ALA 178 178 178 ALA ALA A . n 
A 1 179 ARG 179 179 179 ARG ARG A . n 
A 1 180 ILE 180 180 180 ILE ILE A . n 
A 1 181 ARG 181 181 181 ARG ARG A . n 
A 1 182 ALA 182 182 182 ALA ALA A . n 
A 1 183 ALA 183 183 183 ALA ALA A . n 
A 1 184 LEU 184 184 184 LEU LEU A . n 
A 1 185 GLY 185 185 185 GLY GLY A . n 
A 1 186 ILE 186 186 186 ILE ILE A . n 
# 
loop_
_pdbx_nonpoly_scheme.asym_id 
_pdbx_nonpoly_scheme.entity_id 
_pdbx_nonpoly_scheme.mon_id 
_pdbx_nonpoly_scheme.ndb_seq_num 
_pdbx_nonpoly_scheme.pdb_seq_num 
_pdbx_nonpoly_scheme.auth_seq_num 
_pdbx_nonpoly_scheme.pdb_mon_id 
_pdbx_nonpoly_scheme.auth_mon_id 
_pdbx_nonpoly_scheme.pdb_strand_id 
_pdbx_nonpoly_scheme.pdb_ins_code 
B 2 HOH 1  187 1  HOH HOH A . 
B 2 HOH 2  188 2  HOH HOH A . 
B 2 HOH 3  189 3  HOH HOH A . 
B 2 HOH 4  190 4  HOH HOH A . 
B 2 HOH 5  191 5  HOH HOH A . 
B 2 HOH 6  192 6  HOH HOH A . 
B 2 HOH 7  193 7  HOH HOH A . 
B 2 HOH 8  194 8  HOH HOH A . 
B 2 HOH 9  195 9  HOH HOH A . 
B 2 HOH 10 196 10 HOH HOH A . 
B 2 HOH 11 197 11 HOH HOH A . 
B 2 HOH 12 198 12 HOH HOH A . 
B 2 HOH 13 199 13 HOH HOH A . 
B 2 HOH 14 200 14 HOH HOH A . 
B 2 HOH 15 201 15 HOH HOH A . 
B 2 HOH 16 202 16 HOH HOH A . 
B 2 HOH 17 203 17 HOH HOH A . 
B 2 HOH 18 204 18 HOH HOH A . 
B 2 HOH 19 205 19 HOH HOH A . 
B 2 HOH 20 206 20 HOH HOH A . 
B 2 HOH 21 207 21 HOH HOH A . 
B 2 HOH 22 208 22 HOH HOH A . 
B 2 HOH 23 209 23 HOH HOH A . 
B 2 HOH 24 210 24 HOH HOH A . 
B 2 HOH 25 211 25 HOH HOH A . 
B 2 HOH 26 212 26 HOH HOH A . 
B 2 HOH 27 213 27 HOH HOH A . 
B 2 HOH 28 214 28 HOH HOH A . 
B 2 HOH 29 215 29 HOH HOH A . 
B 2 HOH 30 216 30 HOH HOH A . 
B 2 HOH 31 217 31 HOH HOH A . 
B 2 HOH 32 218 32 HOH HOH A . 
B 2 HOH 33 219 33 HOH HOH A . 
B 2 HOH 34 220 34 HOH HOH A . 
B 2 HOH 35 221 35 HOH HOH A . 
B 2 HOH 36 222 36 HOH HOH A . 
B 2 HOH 37 223 37 HOH HOH A . 
B 2 HOH 38 224 38 HOH HOH A . 
B 2 HOH 39 225 39 HOH HOH A . 
B 2 HOH 40 226 40 HOH HOH A . 
B 2 HOH 41 227 41 HOH HOH A . 
B 2 HOH 42 228 42 HOH HOH A . 
B 2 HOH 43 229 43 HOH HOH A . 
B 2 HOH 44 230 44 HOH HOH A . 
B 2 HOH 45 231 45 HOH HOH A . 
B 2 HOH 46 232 46 HOH HOH A . 
B 2 HOH 47 233 47 HOH HOH A . 
B 2 HOH 48 234 48 HOH HOH A . 
B 2 HOH 49 235 49 HOH HOH A . 
B 2 HOH 50 236 50 HOH HOH A . 
B 2 HOH 51 237 51 HOH HOH A . 
B 2 HOH 52 238 52 HOH HOH A . 
B 2 HOH 53 239 53 HOH HOH A . 
B 2 HOH 54 240 54 HOH HOH A . 
B 2 HOH 55 241 55 HOH HOH A . 
B 2 HOH 56 242 56 HOH HOH A . 
B 2 HOH 57 243 57 HOH HOH A . 
B 2 HOH 58 244 58 HOH HOH A . 
B 2 HOH 59 245 59 HOH HOH A . 
B 2 HOH 60 246 60 HOH HOH A . 
B 2 HOH 61 247 61 HOH HOH A . 
B 2 HOH 62 248 62 HOH HOH A . 
B 2 HOH 63 249 63 HOH HOH A . 
B 2 HOH 64 250 64 HOH HOH A . 
B 2 HOH 65 251 65 HOH HOH A . 
B 2 HOH 66 252 66 HOH HOH A . 
B 2 HOH 67 253 67 HOH HOH A . 
B 2 HOH 68 254 68 HOH HOH A . 
B 2 HOH 69 255 69 HOH HOH A . 
B 2 HOH 70 256 70 HOH HOH A . 
B 2 HOH 71 257 71 HOH HOH A . 
B 2 HOH 72 258 72 HOH HOH A . 
B 2 HOH 73 259 73 HOH HOH A . 
B 2 HOH 74 260 74 HOH HOH A . 
B 2 HOH 75 261 75 HOH HOH A . 
B 2 HOH 76 262 76 HOH HOH A . 
B 2 HOH 77 263 77 HOH HOH A . 
B 2 HOH 78 264 78 HOH HOH A . 
B 2 HOH 79 265 79 HOH HOH A . 
B 2 HOH 80 266 80 HOH HOH A . 
B 2 HOH 81 267 81 HOH HOH A . 
B 2 HOH 82 268 82 HOH HOH A . 
B 2 HOH 83 269 83 HOH HOH A . 
B 2 HOH 84 270 84 HOH HOH A . 
B 2 HOH 85 271 85 HOH HOH A . 
B 2 HOH 86 272 86 HOH HOH A . 
B 2 HOH 87 273 87 HOH HOH A . 
B 2 HOH 88 274 88 HOH HOH A . 
# 
loop_
_software.name 
_software.classification 
_software.version 
_software.citation_id 
_software.pdbx_ordinal 
CNS      refinement       1.2 ? 1 
HKL-2000 'data reduction' .   ? 2 
HKL-2000 'data scaling'   .   ? 3 
MOLREP   phasing          .   ? 4 
# 
_cell.entry_id           3CM0 
_cell.length_a           51.446 
_cell.length_b           51.446 
_cell.length_c           131.474 
_cell.angle_alpha        90.00 
_cell.angle_beta         90.00 
_cell.angle_gamma        120.00 
_cell.Z_PDB              6 
_cell.pdbx_unique_axis   ? 
_cell.length_a_esd       ? 
_cell.length_b_esd       ? 
_cell.length_c_esd       ? 
_cell.angle_alpha_esd    ? 
_cell.angle_beta_esd     ? 
_cell.angle_gamma_esd    ? 
# 
_symmetry.entry_id                         3CM0 
_symmetry.space_group_name_H-M             'P 32 2 1' 
_symmetry.pdbx_full_space_group_name_H-M   ? 
_symmetry.cell_setting                     ? 
_symmetry.Int_Tables_number                154 
_symmetry.space_group_name_Hall            ? 
# 
_exptl.entry_id          3CM0 
_exptl.method            'X-RAY DIFFRACTION' 
_exptl.crystals_number   1 
# 
_exptl_crystal.id                    1 
_exptl_crystal.density_meas          ? 
_exptl_crystal.density_Matthews      2.42 
_exptl_crystal.density_percent_sol   49.10 
_exptl_crystal.description           ? 
_exptl_crystal.F_000                 ? 
_exptl_crystal.preparation           ? 
# 
_exptl_crystal_grow.crystal_id      1 
_exptl_crystal_grow.method          'VAPOR DIFFUSION' 
_exptl_crystal_grow.temp            293 
_exptl_crystal_grow.temp_details    ? 
_exptl_crystal_grow.pH              4.5 
_exptl_crystal_grow.pdbx_details    '40% 1,2-propanediol, 0.1M NaAcetate, pH4.5, VAPOR DIFFUSION, temperature 293K' 
_exptl_crystal_grow.pdbx_pH_range   . 
# 
_diffrn.id                     1 
_diffrn.ambient_temp           90 
_diffrn.ambient_temp_details   ? 
_diffrn.crystal_id             1 
# 
_diffrn_detector.diffrn_id              1 
_diffrn_detector.detector               'IMAGE PLATE' 
_diffrn_detector.type                   'RIGAKU RAXIS V' 
_diffrn_detector.pdbx_collection_date   2003-03-10 
_diffrn_detector.details                ? 
# 
_diffrn_radiation.diffrn_id                        1 
_diffrn_radiation.wavelength_id                    1 
_diffrn_radiation.pdbx_monochromatic_or_laue_m_l   M 
_diffrn_radiation.monochromator                    'Diamond crystals' 
_diffrn_radiation.pdbx_diffrn_protocol             'SINGLE WAVELENGTH' 
_diffrn_radiation.pdbx_scattering_type             x-ray 
# 
_diffrn_radiation_wavelength.id           1 
_diffrn_radiation_wavelength.wavelength   1.0000 
_diffrn_radiation_wavelength.wt           1.0 
# 
_diffrn_source.diffrn_id                   1 
_diffrn_source.source                      SYNCHROTRON 
_diffrn_source.type                        'SPRING-8 BEAMLINE BL45PX' 
_diffrn_source.pdbx_synchrotron_site       SPring-8 
_diffrn_source.pdbx_synchrotron_beamline   BL45PX 
_diffrn_source.pdbx_wavelength             ? 
_diffrn_source.pdbx_wavelength_list        1.0000 
# 
_reflns.entry_id                     3CM0 
_reflns.observed_criterion_sigma_I   1.0 
_reflns.observed_criterion_sigma_F   ? 
_reflns.d_resolution_low             50 
_reflns.d_resolution_high            1.8 
_reflns.number_obs                   19365 
_reflns.number_all                   ? 
_reflns.percent_possible_obs         99.5 
_reflns.pdbx_Rmerge_I_obs            0.068 
_reflns.pdbx_Rsym_value              ? 
_reflns.pdbx_netI_over_sigmaI        ? 
_reflns.B_iso_Wilson_estimate        18.8 
_reflns.pdbx_redundancy              ? 
_reflns.R_free_details               ? 
_reflns.limit_h_max                  ? 
_reflns.limit_h_min                  ? 
_reflns.limit_k_max                  ? 
_reflns.limit_k_min                  ? 
_reflns.limit_l_max                  ? 
_reflns.limit_l_min                  ? 
_reflns.observed_criterion_F_max     ? 
_reflns.observed_criterion_F_min     ? 
_reflns.pdbx_chi_squared             ? 
_reflns.pdbx_scaling_rejects         ? 
_reflns.pdbx_diffrn_id               1 
_reflns.pdbx_ordinal                 1 
# 
_reflns_shell.d_res_high             1.80 
_reflns_shell.d_res_low              1.86 
_reflns_shell.percent_possible_all   100 
_reflns_shell.Rmerge_I_obs           0.243 
_reflns_shell.pdbx_Rsym_value        ? 
_reflns_shell.meanI_over_sigI_obs    ? 
_reflns_shell.pdbx_redundancy        ? 
_reflns_shell.percent_possible_obs   ? 
_reflns_shell.number_unique_all      ? 
_reflns_shell.number_measured_all    ? 
_reflns_shell.number_measured_obs    ? 
_reflns_shell.number_unique_obs      ? 
_reflns_shell.pdbx_chi_squared       ? 
_reflns_shell.pdbx_diffrn_id         ? 
_reflns_shell.pdbx_ordinal           1 
# 
_refine.entry_id                                 3CM0 
_refine.ls_number_reflns_obs                     19109 
_refine.ls_number_reflns_all                     19365 
_refine.pdbx_ls_sigma_I                          ? 
_refine.pdbx_ls_sigma_F                          0.0 
_refine.pdbx_data_cutoff_high_absF               1140508.95 
_refine.pdbx_data_cutoff_low_absF                0.000000 
_refine.pdbx_data_cutoff_high_rms_absF           ? 
_refine.ls_d_res_low                             44.55 
_refine.ls_d_res_high                            1.80 
_refine.ls_percent_reflns_obs                    98.3 
_refine.ls_R_factor_obs                          0.205 
_refine.ls_R_factor_all                          ? 
_refine.ls_R_factor_R_work                       0.205 
_refine.ls_R_factor_R_free                       0.242 
_refine.ls_R_factor_R_free_error                 0.006 
_refine.ls_R_factor_R_free_error_details         ? 
_refine.ls_percent_reflns_R_free                 9.9 
_refine.ls_number_reflns_R_free                  1888 
_refine.ls_number_parameters                     ? 
_refine.ls_number_restraints                     ? 
_refine.occupancy_min                            ? 
_refine.occupancy_max                            ? 
_refine.correlation_coeff_Fo_to_Fc               ? 
_refine.correlation_coeff_Fo_to_Fc_free          ? 
_refine.B_iso_mean                               27.6 
_refine.aniso_B[1][1]                            -0.86 
_refine.aniso_B[2][2]                            -0.86 
_refine.aniso_B[3][3]                            1.71 
_refine.aniso_B[1][2]                            0.00 
_refine.aniso_B[1][3]                            0.00 
_refine.aniso_B[2][3]                            0.00 
_refine.solvent_model_details                    'FLAT MODEL' 
_refine.solvent_model_param_ksol                 0.4 
_refine.solvent_model_param_bsol                 68.002 
_refine.pdbx_solvent_vdw_probe_radii             ? 
_refine.pdbx_solvent_ion_probe_radii             ? 
_refine.pdbx_solvent_shrinkage_radii             ? 
_refine.pdbx_ls_cross_valid_method               THROUGHOUT 
_refine.details                                  'BULK SOLVENT MODEL USED' 
_refine.pdbx_starting_model                      'PDB ENTRY 2AK2' 
_refine.pdbx_method_to_determine_struct          'MOLECULAR REPLACEMENT' 
_refine.pdbx_isotropic_thermal_model             RESTRAINED 
_refine.pdbx_stereochemistry_target_values       ? 
_refine.pdbx_stereochem_target_val_spec_case     ? 
_refine.pdbx_R_Free_selection_details            RANDOM 
_refine.pdbx_overall_ESU_R                       ? 
_refine.pdbx_overall_ESU_R_Free                  ? 
_refine.overall_SU_ML                            ? 
_refine.overall_SU_B                             ? 
_refine.ls_redundancy_reflns_obs                 ? 
_refine.B_iso_min                                ? 
_refine.B_iso_max                                ? 
_refine.overall_SU_R_Cruickshank_DPI             ? 
_refine.overall_SU_R_free                        ? 
_refine.ls_wR_factor_R_free                      ? 
_refine.ls_wR_factor_R_work                      ? 
_refine.overall_FOM_free_R_set                   ? 
_refine.overall_FOM_work_R_set                   ? 
_refine.pdbx_overall_phase_error                 ? 
_refine.pdbx_refine_id                           'X-RAY DIFFRACTION' 
_refine.pdbx_diffrn_id                           1 
_refine.pdbx_TLS_residual_ADP_flag               ? 
_refine.pdbx_overall_SU_R_free_Cruickshank_DPI   ? 
_refine.pdbx_overall_SU_R_Blow_DPI               ? 
_refine.pdbx_overall_SU_R_free_Blow_DPI          ? 
# 
_refine_analyze.entry_id                        3CM0 
_refine_analyze.Luzzati_coordinate_error_obs    0.20 
_refine_analyze.Luzzati_sigma_a_obs             0.11 
_refine_analyze.Luzzati_d_res_low_obs           5.00 
_refine_analyze.Luzzati_coordinate_error_free   0.25 
_refine_analyze.Luzzati_sigma_a_free            0.17 
_refine_analyze.Luzzati_d_res_low_free          ? 
_refine_analyze.number_disordered_residues      ? 
_refine_analyze.occupancy_sum_hydrogen          ? 
_refine_analyze.occupancy_sum_non_hydrogen      ? 
_refine_analyze.pdbx_Luzzati_d_res_high_obs     ? 
_refine_analyze.pdbx_refine_id                  'X-RAY DIFFRACTION' 
# 
_refine_hist.pdbx_refine_id                   'X-RAY DIFFRACTION' 
_refine_hist.cycle_id                         LAST 
_refine_hist.pdbx_number_atoms_protein        1445 
_refine_hist.pdbx_number_atoms_nucleic_acid   0 
_refine_hist.pdbx_number_atoms_ligand         0 
_refine_hist.number_atoms_solvent             88 
_refine_hist.number_atoms_total               1533 
_refine_hist.d_res_high                       1.80 
_refine_hist.d_res_low                        44.55 
# 
loop_
_refine_ls_restr.type 
_refine_ls_restr.dev_ideal 
_refine_ls_restr.dev_ideal_target 
_refine_ls_restr.weight 
_refine_ls_restr.number 
_refine_ls_restr.pdbx_refine_id 
_refine_ls_restr.pdbx_restraint_function 
c_bond_d           0.013 ? ? ? 'X-RAY DIFFRACTION' ? 
c_angle_deg        1.4   ? ? ? 'X-RAY DIFFRACTION' ? 
c_dihedral_angle_d 20.7  ? ? ? 'X-RAY DIFFRACTION' ? 
c_improper_angle_d 0.91  ? ? ? 'X-RAY DIFFRACTION' ? 
# 
_refine_ls_shell.pdbx_total_number_of_bins_used   6 
_refine_ls_shell.d_res_high                       1.80 
_refine_ls_shell.d_res_low                        1.91 
_refine_ls_shell.number_reflns_R_work             2731 
_refine_ls_shell.R_factor_R_work                  0.240 
_refine_ls_shell.percent_reflns_obs               95.0 
_refine_ls_shell.R_factor_R_free                  0.299 
_refine_ls_shell.R_factor_R_free_error            0.017 
_refine_ls_shell.percent_reflns_R_free            10.0 
_refine_ls_shell.number_reflns_R_free             303 
_refine_ls_shell.number_reflns_all                ? 
_refine_ls_shell.R_factor_all                     ? 
_refine_ls_shell.number_reflns_obs                2731 
_refine_ls_shell.redundancy_reflns_obs            ? 
_refine_ls_shell.pdbx_refine_id                   'X-RAY DIFFRACTION' 
# 
loop_
_pdbx_xplor_file.serial_no 
_pdbx_xplor_file.param_file 
_pdbx_xplor_file.topol_file 
_pdbx_xplor_file.pdbx_refine_id 
1 protein_rep.param protein.top 'X-RAY DIFFRACTION' 
2 water_rep.param   water.top   'X-RAY DIFFRACTION' 
# 
_struct.entry_id                  3CM0 
_struct.title                     'Crystal structure of adenylate kinase from Thermus thermophilus HB8' 
_struct.pdbx_model_details        ? 
_struct.pdbx_CASP_flag            ? 
_struct.pdbx_model_type_details   ? 
# 
_struct_keywords.entry_id        3CM0 
_struct_keywords.pdbx_keywords   TRANSFERASE 
_struct_keywords.text            
;Adenylate kinase, ATP-binding, Cytoplasm, Nucleotide biosynthesis, Nucleotide-binding, Transferase, Structural Genomics, RIKEN Structural Genomics/Proteomics Initiative, RSGI
;
# 
loop_
_struct_asym.id 
_struct_asym.pdbx_blank_PDB_chainid_flag 
_struct_asym.pdbx_modified 
_struct_asym.entity_id 
_struct_asym.details 
A N N 1 ? 
B N N 2 ? 
# 
_struct_ref.id                         1 
_struct_ref.db_name                    UNP 
_struct_ref.db_code                    KAD_THET8 
_struct_ref.pdbx_db_accession          Q5SHQ9 
_struct_ref.entity_id                  1 
_struct_ref.pdbx_seq_one_letter_code   
;MDVGQAVIFLGPPGAGKGTQASRLAQELGFKKLSTGDILRDHVARGTPLGERVRPIMERGDLVPDDLILELIREELAERV
IFDGFPRTLAQAEALDRLLSETGTRLLGVVLVEVPEEELVRRILRRAELEGRSDDNEETVRRRLEVYREKTEPLVGYYEA
RGVLKRVDGLGTPDEVYARIRAALGI
;
_struct_ref.pdbx_align_begin           1 
_struct_ref.pdbx_db_isoform            ? 
# 
_struct_ref_seq.align_id                      1 
_struct_ref_seq.ref_id                        1 
_struct_ref_seq.pdbx_PDB_id_code              3CM0 
_struct_ref_seq.pdbx_strand_id                A 
_struct_ref_seq.seq_align_beg                 1 
_struct_ref_seq.pdbx_seq_align_beg_ins_code   ? 
_struct_ref_seq.seq_align_end                 186 
_struct_ref_seq.pdbx_seq_align_end_ins_code   ? 
_struct_ref_seq.pdbx_db_accession             Q5SHQ9 
_struct_ref_seq.db_align_beg                  1 
_struct_ref_seq.pdbx_db_align_beg_ins_code    ? 
_struct_ref_seq.db_align_end                  186 
_struct_ref_seq.pdbx_db_align_end_ins_code    ? 
_struct_ref_seq.pdbx_auth_seq_align_beg       1 
_struct_ref_seq.pdbx_auth_seq_align_end       186 
# 
_pdbx_struct_assembly.id                   1 
_pdbx_struct_assembly.details              author_and_software_defined_assembly 
_pdbx_struct_assembly.method_details       PISA 
_pdbx_struct_assembly.oligomeric_details   monomeric 
_pdbx_struct_assembly.oligomeric_count     1 
# 
_pdbx_struct_assembly_gen.assembly_id       1 
_pdbx_struct_assembly_gen.oper_expression   1 
_pdbx_struct_assembly_gen.asym_id_list      A,B 
# 
_pdbx_struct_oper_list.id                   1 
_pdbx_struct_oper_list.type                 'identity operation' 
_pdbx_struct_oper_list.name                 1_555 
_pdbx_struct_oper_list.symmetry_operation   x,y,z 
_pdbx_struct_oper_list.matrix[1][1]         1.0000000000 
_pdbx_struct_oper_list.matrix[1][2]         0.0000000000 
_pdbx_struct_oper_list.matrix[1][3]         0.0000000000 
_pdbx_struct_oper_list.vector[1]            0.0000000000 
_pdbx_struct_oper_list.matrix[2][1]         0.0000000000 
_pdbx_struct_oper_list.matrix[2][2]         1.0000000000 
_pdbx_struct_oper_list.matrix[2][3]         0.0000000000 
_pdbx_struct_oper_list.vector[2]            0.0000000000 
_pdbx_struct_oper_list.matrix[3][1]         0.0000000000 
_pdbx_struct_oper_list.matrix[3][2]         0.0000000000 
_pdbx_struct_oper_list.matrix[3][3]         1.0000000000 
_pdbx_struct_oper_list.vector[3]            0.0000000000 
# 
loop_
_struct_conf.conf_type_id 
_struct_conf.id 
_struct_conf.pdbx_PDB_helix_id 
_struct_conf.beg_label_comp_id 
_struct_conf.beg_label_asym_id 
_struct_conf.beg_label_seq_id 
_struct_conf.pdbx_beg_PDB_ins_code 
_struct_conf.end_label_comp_id 
_struct_conf.end_label_asym_id 
_struct_conf.end_label_seq_id 
_struct_conf.pdbx_end_PDB_ins_code 
_struct_conf.beg_auth_comp_id 
_struct_conf.beg_auth_asym_id 
_struct_conf.beg_auth_seq_id 
_struct_conf.end_auth_comp_id 
_struct_conf.end_auth_asym_id 
_struct_conf.end_auth_seq_id 
_struct_conf.pdbx_PDB_helix_class 
_struct_conf.details 
_struct_conf.pdbx_PDB_helix_length 
HELX_P HELX_P1 1 GLY A 16  ? GLY A 29  ? GLY A 16  GLY A 29  1 ? 14 
HELX_P HELX_P2 2 SER A 34  ? ARG A 45  ? SER A 34  ARG A 45  1 ? 12 
HELX_P HELX_P3 3 THR A 47  ? ARG A 59  ? THR A 47  ARG A 59  1 ? 13 
HELX_P HELX_P4 4 PRO A 64  ? LEU A 76  ? PRO A 64  LEU A 76  1 ? 13 
HELX_P HELX_P5 5 THR A 88  ? THR A 102 ? THR A 88  THR A 102 1 ? 15 
HELX_P HELX_P6 6 PRO A 115 ? GLY A 131 ? PRO A 115 GLY A 131 1 ? 17 
HELX_P HELX_P7 7 ASN A 136 ? ARG A 161 ? ASN A 136 ARG A 161 1 ? 26 
HELX_P HELX_P8 8 THR A 172 ? GLY A 185 ? THR A 172 GLY A 185 1 ? 14 
# 
_struct_conf_type.id          HELX_P 
_struct_conf_type.criteria    ? 
_struct_conf_type.reference   ? 
# 
_struct_mon_prot_cis.pdbx_id                1 
_struct_mon_prot_cis.label_comp_id          PHE 
_struct_mon_prot_cis.label_seq_id           85 
_struct_mon_prot_cis.label_asym_id          A 
_struct_mon_prot_cis.label_alt_id           . 
_struct_mon_prot_cis.pdbx_PDB_ins_code      ? 
_struct_mon_prot_cis.auth_comp_id           PHE 
_struct_mon_prot_cis.auth_seq_id            85 
_struct_mon_prot_cis.auth_asym_id           A 
_struct_mon_prot_cis.pdbx_label_comp_id_2   PRO 
_struct_mon_prot_cis.pdbx_label_seq_id_2    86 
_struct_mon_prot_cis.pdbx_label_asym_id_2   A 
_struct_mon_prot_cis.pdbx_PDB_ins_code_2    ? 
_struct_mon_prot_cis.pdbx_auth_comp_id_2    PRO 
_struct_mon_prot_cis.pdbx_auth_seq_id_2     86 
_struct_mon_prot_cis.pdbx_auth_asym_id_2    A 
_struct_mon_prot_cis.pdbx_PDB_model_num     1 
_struct_mon_prot_cis.pdbx_omega_angle       -0.15 
# 
_struct_sheet.id               A 
_struct_sheet.type             ? 
_struct_sheet.number_strands   5 
_struct_sheet.details          ? 
# 
loop_
_struct_sheet_order.sheet_id 
_struct_sheet_order.range_id_1 
_struct_sheet_order.range_id_2 
_struct_sheet_order.offset 
_struct_sheet_order.sense 
A 1 2 ? parallel 
A 2 3 ? parallel 
A 3 4 ? parallel 
A 4 5 ? parallel 
# 
loop_
_struct_sheet_range.sheet_id 
_struct_sheet_range.id 
_struct_sheet_range.beg_label_comp_id 
_struct_sheet_range.beg_label_asym_id 
_struct_sheet_range.beg_label_seq_id 
_struct_sheet_range.pdbx_beg_PDB_ins_code 
_struct_sheet_range.end_label_comp_id 
_struct_sheet_range.end_label_asym_id 
_struct_sheet_range.end_label_seq_id 
_struct_sheet_range.pdbx_end_PDB_ins_code 
_struct_sheet_range.beg_auth_comp_id 
_struct_sheet_range.beg_auth_asym_id 
_struct_sheet_range.beg_auth_seq_id 
_struct_sheet_range.end_auth_comp_id 
_struct_sheet_range.end_auth_asym_id 
_struct_sheet_range.end_auth_seq_id 
A 1 LYS A 31  ? LEU A 33  ? LYS A 31  LEU A 33  
A 2 ARG A 79  ? ASP A 83  ? ARG A 79  ASP A 83  
A 3 GLY A 4   ? LEU A 10  ? GLY A 4   LEU A 10  
A 4 THR A 104 ? GLU A 113 ? THR A 104 GLU A 113 
A 5 LEU A 164 ? ASP A 168 ? LEU A 164 ASP A 168 
# 
loop_
_pdbx_struct_sheet_hbond.sheet_id 
_pdbx_struct_sheet_hbond.range_id_1 
_pdbx_struct_sheet_hbond.range_id_2 
_pdbx_struct_sheet_hbond.range_1_label_atom_id 
_pdbx_struct_sheet_hbond.range_1_label_comp_id 
_pdbx_struct_sheet_hbond.range_1_label_asym_id 
_pdbx_struct_sheet_hbond.range_1_label_seq_id 
_pdbx_struct_sheet_hbond.range_1_PDB_ins_code 
_pdbx_struct_sheet_hbond.range_1_auth_atom_id 
_pdbx_struct_sheet_hbond.range_1_auth_comp_id 
_pdbx_struct_sheet_hbond.range_1_auth_asym_id 
_pdbx_struct_sheet_hbond.range_1_auth_seq_id 
_pdbx_struct_sheet_hbond.range_2_label_atom_id 
_pdbx_struct_sheet_hbond.range_2_label_comp_id 
_pdbx_struct_sheet_hbond.range_2_label_asym_id 
_pdbx_struct_sheet_hbond.range_2_label_seq_id 
_pdbx_struct_sheet_hbond.range_2_PDB_ins_code 
_pdbx_struct_sheet_hbond.range_2_auth_atom_id 
_pdbx_struct_sheet_hbond.range_2_auth_comp_id 
_pdbx_struct_sheet_hbond.range_2_auth_asym_id 
_pdbx_struct_sheet_hbond.range_2_auth_seq_id 
A 1 2 N LYS A 31  ? N LYS A 31  O ARG A 79  ? O ARG A 79  
A 2 3 O PHE A 82  ? O PHE A 82  N VAL A 7   ? N VAL A 7   
A 3 4 N LEU A 10  ? N LEU A 10  O VAL A 110 ? O VAL A 110 
A 4 5 N VAL A 109 ? N VAL A 109 O LYS A 165 ? O LYS A 165 
# 
_pdbx_SG_project.id                    1 
_pdbx_SG_project.project_name          ? 
_pdbx_SG_project.full_name_of_center   'RIKEN Structural Genomics/Proteomics Initiative' 
_pdbx_SG_project.initial_of_center     RSGI 
# 
_pdbx_struct_special_symmetry.id              1 
_pdbx_struct_special_symmetry.PDB_model_num   1 
_pdbx_struct_special_symmetry.auth_asym_id    A 
_pdbx_struct_special_symmetry.auth_comp_id    HOH 
_pdbx_struct_special_symmetry.auth_seq_id     264 
_pdbx_struct_special_symmetry.PDB_ins_code    ? 
_pdbx_struct_special_symmetry.label_asym_id   B 
_pdbx_struct_special_symmetry.label_comp_id   HOH 
_pdbx_struct_special_symmetry.label_seq_id    . 
# 
loop_
_pdbx_unobs_or_zero_occ_residues.id 
_pdbx_unobs_or_zero_occ_residues.PDB_model_num 
_pdbx_unobs_or_zero_occ_residues.polymer_flag 
_pdbx_unobs_or_zero_occ_residues.occupancy_flag 
_pdbx_unobs_or_zero_occ_residues.auth_asym_id 
_pdbx_unobs_or_zero_occ_residues.auth_comp_id 
_pdbx_unobs_or_zero_occ_residues.auth_seq_id 
_pdbx_unobs_or_zero_occ_residues.PDB_ins_code 
_pdbx_unobs_or_zero_occ_residues.label_asym_id 
_pdbx_unobs_or_zero_occ_residues.label_comp_id 
_pdbx_unobs_or_zero_occ_residues.label_seq_id 
1 1 Y 1 A MET 1 ? A MET 1 
2 1 Y 1 A ASP 2 ? A ASP 2 
# 
loop_
_chem_comp_atom.comp_id 
_chem_comp_atom.atom_id 
_chem_comp_atom.type_symbol 
_chem_comp_atom.pdbx_aromatic_flag 
_chem_comp_atom.pdbx_stereo_config 
_chem_comp_atom.pdbx_ordinal 
ALA N    N N N 1   
ALA CA   C N S 2   
ALA C    C N N 3   
ALA O    O N N 4   
ALA CB   C N N 5   
ALA OXT  O N N 6   
ALA H    H N N 7   
ALA H2   H N N 8   
ALA HA   H N N 9   
ALA HB1  H N N 10  
ALA HB2  H N N 11  
ALA HB3  H N N 12  
ALA HXT  H N N 13  
ARG N    N N N 14  
ARG CA   C N S 15  
ARG C    C N N 16  
ARG O    O N N 17  
ARG CB   C N N 18  
ARG CG   C N N 19  
ARG CD   C N N 20  
ARG NE   N N N 21  
ARG CZ   C N N 22  
ARG NH1  N N N 23  
ARG NH2  N N N 24  
ARG OXT  O N N 25  
ARG H    H N N 26  
ARG H2   H N N 27  
ARG HA   H N N 28  
ARG HB2  H N N 29  
ARG HB3  H N N 30  
ARG HG2  H N N 31  
ARG HG3  H N N 32  
ARG HD2  H N N 33  
ARG HD3  H N N 34  
ARG HE   H N N 35  
ARG HH11 H N N 36  
ARG HH12 H N N 37  
ARG HH21 H N N 38  
ARG HH22 H N N 39  
ARG HXT  H N N 40  
ASN N    N N N 41  
ASN CA   C N S 42  
ASN C    C N N 43  
ASN O    O N N 44  
ASN CB   C N N 45  
ASN CG   C N N 46  
ASN OD1  O N N 47  
ASN ND2  N N N 48  
ASN OXT  O N N 49  
ASN H    H N N 50  
ASN H2   H N N 51  
ASN HA   H N N 52  
ASN HB2  H N N 53  
ASN HB3  H N N 54  
ASN HD21 H N N 55  
ASN HD22 H N N 56  
ASN HXT  H N N 57  
ASP N    N N N 58  
ASP CA   C N S 59  
ASP C    C N N 60  
ASP O    O N N 61  
ASP CB   C N N 62  
ASP CG   C N N 63  
ASP OD1  O N N 64  
ASP OD2  O N N 65  
ASP OXT  O N N 66  
ASP H    H N N 67  
ASP H2   H N N 68  
ASP HA   H N N 69  
ASP HB2  H N N 70  
ASP HB3  H N N 71  
ASP HD2  H N N 72  
ASP HXT  H N N 73  
GLN N    N N N 74  
GLN CA   C N S 75  
GLN C    C N N 76  
GLN O    O N N 77  
GLN CB   C N N 78  
GLN CG   C N N 79  
GLN CD   C N N 80  
GLN OE1  O N N 81  
GLN NE2  N N N 82  
GLN OXT  O N N 83  
GLN H    H N N 84  
GLN H2   H N N 85  
GLN HA   H N N 86  
GLN HB2  H N N 87  
GLN HB3  H N N 88  
GLN HG2  H N N 89  
GLN HG3  H N N 90  
GLN HE21 H N N 91  
GLN HE22 H N N 92  
GLN HXT  H N N 93  
GLU N    N N N 94  
GLU CA   C N S 95  
GLU C    C N N 96  
GLU O    O N N 97  
GLU CB   C N N 98  
GLU CG   C N N 99  
GLU CD   C N N 100 
GLU OE1  O N N 101 
GLU OE2  O N N 102 
GLU OXT  O N N 103 
GLU H    H N N 104 
GLU H2   H N N 105 
GLU HA   H N N 106 
GLU HB2  H N N 107 
GLU HB3  H N N 108 
GLU HG2  H N N 109 
GLU HG3  H N N 110 
GLU HE2  H N N 111 
GLU HXT  H N N 112 
GLY N    N N N 113 
GLY CA   C N N 114 
GLY C    C N N 115 
GLY O    O N N 116 
GLY OXT  O N N 117 
GLY H    H N N 118 
GLY H2   H N N 119 
GLY HA2  H N N 120 
GLY HA3  H N N 121 
GLY HXT  H N N 122 
HIS N    N N N 123 
HIS CA   C N S 124 
HIS C    C N N 125 
HIS O    O N N 126 
HIS CB   C N N 127 
HIS CG   C Y N 128 
HIS ND1  N Y N 129 
HIS CD2  C Y N 130 
HIS CE1  C Y N 131 
HIS NE2  N Y N 132 
HIS OXT  O N N 133 
HIS H    H N N 134 
HIS H2   H N N 135 
HIS HA   H N N 136 
HIS HB2  H N N 137 
HIS HB3  H N N 138 
HIS HD1  H N N 139 
HIS HD2  H N N 140 
HIS HE1  H N N 141 
HIS HE2  H N N 142 
HIS HXT  H N N 143 
HOH O    O N N 144 
HOH H1   H N N 145 
HOH H2   H N N 146 
ILE N    N N N 147 
ILE CA   C N S 148 
ILE C    C N N 149 
ILE O    O N N 150 
ILE CB   C N S 151 
ILE CG1  C N N 152 
ILE CG2  C N N 153 
ILE CD1  C N N 154 
ILE OXT  O N N 155 
ILE H    H N N 156 
ILE H2   H N N 157 
ILE HA   H N N 158 
ILE HB   H N N 159 
ILE HG12 H N N 160 
ILE HG13 H N N 161 
ILE HG21 H N N 162 
ILE HG22 H N N 163 
ILE HG23 H N N 164 
ILE HD11 H N N 165 
ILE HD12 H N N 166 
ILE HD13 H N N 167 
ILE HXT  H N N 168 
LEU N    N N N 169 
LEU CA   C N S 170 
LEU C    C N N 171 
LEU O    O N N 172 
LEU CB   C N N 173 
LEU CG   C N N 174 
LEU CD1  C N N 175 
LEU CD2  C N N 176 
LEU OXT  O N N 177 
LEU H    H N N 178 
LEU H2   H N N 179 
LEU HA   H N N 180 
LEU HB2  H N N 181 
LEU HB3  H N N 182 
LEU HG   H N N 183 
LEU HD11 H N N 184 
LEU HD12 H N N 185 
LEU HD13 H N N 186 
LEU HD21 H N N 187 
LEU HD22 H N N 188 
LEU HD23 H N N 189 
LEU HXT  H N N 190 
LYS N    N N N 191 
LYS CA   C N S 192 
LYS C    C N N 193 
LYS O    O N N 194 
LYS CB   C N N 195 
LYS CG   C N N 196 
LYS CD   C N N 197 
LYS CE   C N N 198 
LYS NZ   N N N 199 
LYS OXT  O N N 200 
LYS H    H N N 201 
LYS H2   H N N 202 
LYS HA   H N N 203 
LYS HB2  H N N 204 
LYS HB3  H N N 205 
LYS HG2  H N N 206 
LYS HG3  H N N 207 
LYS HD2  H N N 208 
LYS HD3  H N N 209 
LYS HE2  H N N 210 
LYS HE3  H N N 211 
LYS HZ1  H N N 212 
LYS HZ2  H N N 213 
LYS HZ3  H N N 214 
LYS HXT  H N N 215 
MET N    N N N 216 
MET CA   C N S 217 
MET C    C N N 218 
MET O    O N N 219 
MET CB   C N N 220 
MET CG   C N N 221 
MET SD   S N N 222 
MET CE   C N N 223 
MET OXT  O N N 224 
MET H    H N N 225 
MET H2   H N N 226 
MET HA   H N N 227 
MET HB2  H N N 228 
MET HB3  H N N 229 
MET HG2  H N N 230 
MET HG3  H N N 231 
MET HE1  H N N 232 
MET HE2  H N N 233 
MET HE3  H N N 234 
MET HXT  H N N 235 
PHE N    N N N 236 
PHE CA   C N S 237 
PHE C    C N N 238 
PHE O    O N N 239 
PHE CB   C N N 240 
PHE CG   C Y N 241 
PHE CD1  C Y N 242 
PHE CD2  C Y N 243 
PHE CE1  C Y N 244 
PHE CE2  C Y N 245 
PHE CZ   C Y N 246 
PHE OXT  O N N 247 
PHE H    H N N 248 
PHE H2   H N N 249 
PHE HA   H N N 250 
PHE HB2  H N N 251 
PHE HB3  H N N 252 
PHE HD1  H N N 253 
PHE HD2  H N N 254 
PHE HE1  H N N 255 
PHE HE2  H N N 256 
PHE HZ   H N N 257 
PHE HXT  H N N 258 
PRO N    N N N 259 
PRO CA   C N S 260 
PRO C    C N N 261 
PRO O    O N N 262 
PRO CB   C N N 263 
PRO CG   C N N 264 
PRO CD   C N N 265 
PRO OXT  O N N 266 
PRO H    H N N 267 
PRO HA   H N N 268 
PRO HB2  H N N 269 
PRO HB3  H N N 270 
PRO HG2  H N N 271 
PRO HG3  H N N 272 
PRO HD2  H N N 273 
PRO HD3  H N N 274 
PRO HXT  H N N 275 
SER N    N N N 276 
SER CA   C N S 277 
SER C    C N N 278 
SER O    O N N 279 
SER CB   C N N 280 
SER OG   O N N 281 
SER OXT  O N N 282 
SER H    H N N 283 
SER H2   H N N 284 
SER HA   H N N 285 
SER HB2  H N N 286 
SER HB3  H N N 287 
SER HG   H N N 288 
SER HXT  H N N 289 
THR N    N N N 290 
THR CA   C N S 291 
THR C    C N N 292 
THR O    O N N 293 
THR CB   C N R 294 
THR OG1  O N N 295 
THR CG2  C N N 296 
THR OXT  O N N 297 
THR H    H N N 298 
THR H2   H N N 299 
THR HA   H N N 300 
THR HB   H N N 301 
THR HG1  H N N 302 
THR HG21 H N N 303 
THR HG22 H N N 304 
THR HG23 H N N 305 
THR HXT  H N N 306 
TYR N    N N N 307 
TYR CA   C N S 308 
TYR C    C N N 309 
TYR O    O N N 310 
TYR CB   C N N 311 
TYR CG   C Y N 312 
TYR CD1  C Y N 313 
TYR CD2  C Y N 314 
TYR CE1  C Y N 315 
TYR CE2  C Y N 316 
TYR CZ   C Y N 317 
TYR OH   O N N 318 
TYR OXT  O N N 319 
TYR H    H N N 320 
TYR H2   H N N 321 
TYR HA   H N N 322 
TYR HB2  H N N 323 
TYR HB3  H N N 324 
TYR HD1  H N N 325 
TYR HD2  H N N 326 
TYR HE1  H N N 327 
TYR HE2  H N N 328 
TYR HH   H N N 329 
TYR HXT  H N N 330 
VAL N    N N N 331 
VAL CA   C N S 332 
VAL C    C N N 333 
VAL O    O N N 334 
VAL CB   C N N 335 
VAL CG1  C N N 336 
VAL CG2  C N N 337 
VAL OXT  O N N 338 
VAL H    H N N 339 
VAL H2   H N N 340 
VAL HA   H N N 341 
VAL HB   H N N 342 
VAL HG11 H N N 343 
VAL HG12 H N N 344 
VAL HG13 H N N 345 
VAL HG21 H N N 346 
VAL HG22 H N N 347 
VAL HG23 H N N 348 
VAL HXT  H N N 349 
# 
loop_
_chem_comp_bond.comp_id 
_chem_comp_bond.atom_id_1 
_chem_comp_bond.atom_id_2 
_chem_comp_bond.value_order 
_chem_comp_bond.pdbx_aromatic_flag 
_chem_comp_bond.pdbx_stereo_config 
_chem_comp_bond.pdbx_ordinal 
ALA N   CA   sing N N 1   
ALA N   H    sing N N 2   
ALA N   H2   sing N N 3   
ALA CA  C    sing N N 4   
ALA CA  CB   sing N N 5   
ALA CA  HA   sing N N 6   
ALA C   O    doub N N 7   
ALA C   OXT  sing N N 8   
ALA CB  HB1  sing N N 9   
ALA CB  HB2  sing N N 10  
ALA CB  HB3  sing N N 11  
ALA OXT HXT  sing N N 12  
ARG N   CA   sing N N 13  
ARG N   H    sing N N 14  
ARG N   H2   sing N N 15  
ARG CA  C    sing N N 16  
ARG CA  CB   sing N N 17  
ARG CA  HA   sing N N 18  
ARG C   O    doub N N 19  
ARG C   OXT  sing N N 20  
ARG CB  CG   sing N N 21  
ARG CB  HB2  sing N N 22  
ARG CB  HB3  sing N N 23  
ARG CG  CD   sing N N 24  
ARG CG  HG2  sing N N 25  
ARG CG  HG3  sing N N 26  
ARG CD  NE   sing N N 27  
ARG CD  HD2  sing N N 28  
ARG CD  HD3  sing N N 29  
ARG NE  CZ   sing N N 30  
ARG NE  HE   sing N N 31  
ARG CZ  NH1  sing N N 32  
ARG CZ  NH2  doub N N 33  
ARG NH1 HH11 sing N N 34  
ARG NH1 HH12 sing N N 35  
ARG NH2 HH21 sing N N 36  
ARG NH2 HH22 sing N N 37  
ARG OXT HXT  sing N N 38  
ASN N   CA   sing N N 39  
ASN N   H    sing N N 40  
ASN N   H2   sing N N 41  
ASN CA  C    sing N N 42  
ASN CA  CB   sing N N 43  
ASN CA  HA   sing N N 44  
ASN C   O    doub N N 45  
ASN C   OXT  sing N N 46  
ASN CB  CG   sing N N 47  
ASN CB  HB2  sing N N 48  
ASN CB  HB3  sing N N 49  
ASN CG  OD1  doub N N 50  
ASN CG  ND2  sing N N 51  
ASN ND2 HD21 sing N N 52  
ASN ND2 HD22 sing N N 53  
ASN OXT HXT  sing N N 54  
ASP N   CA   sing N N 55  
ASP N   H    sing N N 56  
ASP N   H2   sing N N 57  
ASP CA  C    sing N N 58  
ASP CA  CB   sing N N 59  
ASP CA  HA   sing N N 60  
ASP C   O    doub N N 61  
ASP C   OXT  sing N N 62  
ASP CB  CG   sing N N 63  
ASP CB  HB2  sing N N 64  
ASP CB  HB3  sing N N 65  
ASP CG  OD1  doub N N 66  
ASP CG  OD2  sing N N 67  
ASP OD2 HD2  sing N N 68  
ASP OXT HXT  sing N N 69  
GLN N   CA   sing N N 70  
GLN N   H    sing N N 71  
GLN N   H2   sing N N 72  
GLN CA  C    sing N N 73  
GLN CA  CB   sing N N 74  
GLN CA  HA   sing N N 75  
GLN C   O    doub N N 76  
GLN C   OXT  sing N N 77  
GLN CB  CG   sing N N 78  
GLN CB  HB2  sing N N 79  
GLN CB  HB3  sing N N 80  
GLN CG  CD   sing N N 81  
GLN CG  HG2  sing N N 82  
GLN CG  HG3  sing N N 83  
GLN CD  OE1  doub N N 84  
GLN CD  NE2  sing N N 85  
GLN NE2 HE21 sing N N 86  
GLN NE2 HE22 sing N N 87  
GLN OXT HXT  sing N N 88  
GLU N   CA   sing N N 89  
GLU N   H    sing N N 90  
GLU N   H2   sing N N 91  
GLU CA  C    sing N N 92  
GLU CA  CB   sing N N 93  
GLU CA  HA   sing N N 94  
GLU C   O    doub N N 95  
GLU C   OXT  sing N N 96  
GLU CB  CG   sing N N 97  
GLU CB  HB2  sing N N 98  
GLU CB  HB3  sing N N 99  
GLU CG  CD   sing N N 100 
GLU CG  HG2  sing N N 101 
GLU CG  HG3  sing N N 102 
GLU CD  OE1  doub N N 103 
GLU CD  OE2  sing N N 104 
GLU OE2 HE2  sing N N 105 
GLU OXT HXT  sing N N 106 
GLY N   CA   sing N N 107 
GLY N   H    sing N N 108 
GLY N   H2   sing N N 109 
GLY CA  C    sing N N 110 
GLY CA  HA2  sing N N 111 
GLY CA  HA3  sing N N 112 
GLY C   O    doub N N 113 
GLY C   OXT  sing N N 114 
GLY OXT HXT  sing N N 115 
HIS N   CA   sing N N 116 
HIS N   H    sing N N 117 
HIS N   H2   sing N N 118 
HIS CA  C    sing N N 119 
HIS CA  CB   sing N N 120 
HIS CA  HA   sing N N 121 
HIS C   O    doub N N 122 
HIS C   OXT  sing N N 123 
HIS CB  CG   sing N N 124 
HIS CB  HB2  sing N N 125 
HIS CB  HB3  sing N N 126 
HIS CG  ND1  sing Y N 127 
HIS CG  CD2  doub Y N 128 
HIS ND1 CE1  doub Y N 129 
HIS ND1 HD1  sing N N 130 
HIS CD2 NE2  sing Y N 131 
HIS CD2 HD2  sing N N 132 
HIS CE1 NE2  sing Y N 133 
HIS CE1 HE1  sing N N 134 
HIS NE2 HE2  sing N N 135 
HIS OXT HXT  sing N N 136 
HOH O   H1   sing N N 137 
HOH O   H2   sing N N 138 
ILE N   CA   sing N N 139 
ILE N   H    sing N N 140 
ILE N   H2   sing N N 141 
ILE CA  C    sing N N 142 
ILE CA  CB   sing N N 143 
ILE CA  HA   sing N N 144 
ILE C   O    doub N N 145 
ILE C   OXT  sing N N 146 
ILE CB  CG1  sing N N 147 
ILE CB  CG2  sing N N 148 
ILE CB  HB   sing N N 149 
ILE CG1 CD1  sing N N 150 
ILE CG1 HG12 sing N N 151 
ILE CG1 HG13 sing N N 152 
ILE CG2 HG21 sing N N 153 
ILE CG2 HG22 sing N N 154 
ILE CG2 HG23 sing N N 155 
ILE CD1 HD11 sing N N 156 
ILE CD1 HD12 sing N N 157 
ILE CD1 HD13 sing N N 158 
ILE OXT HXT  sing N N 159 
LEU N   CA   sing N N 160 
LEU N   H    sing N N 161 
LEU N   H2   sing N N 162 
LEU CA  C    sing N N 163 
LEU CA  CB   sing N N 164 
LEU CA  HA   sing N N 165 
LEU C   O    doub N N 166 
LEU C   OXT  sing N N 167 
LEU CB  CG   sing N N 168 
LEU CB  HB2  sing N N 169 
LEU CB  HB3  sing N N 170 
LEU CG  CD1  sing N N 171 
LEU CG  CD2  sing N N 172 
LEU CG  HG   sing N N 173 
LEU CD1 HD11 sing N N 174 
LEU CD1 HD12 sing N N 175 
LEU CD1 HD13 sing N N 176 
LEU CD2 HD21 sing N N 177 
LEU CD2 HD22 sing N N 178 
LEU CD2 HD23 sing N N 179 
LEU OXT HXT  sing N N 180 
LYS N   CA   sing N N 181 
LYS N   H    sing N N 182 
LYS N   H2   sing N N 183 
LYS CA  C    sing N N 184 
LYS CA  CB   sing N N 185 
LYS CA  HA   sing N N 186 
LYS C   O    doub N N 187 
LYS C   OXT  sing N N 188 
LYS CB  CG   sing N N 189 
LYS CB  HB2  sing N N 190 
LYS CB  HB3  sing N N 191 
LYS CG  CD   sing N N 192 
LYS CG  HG2  sing N N 193 
LYS CG  HG3  sing N N 194 
LYS CD  CE   sing N N 195 
LYS CD  HD2  sing N N 196 
LYS CD  HD3  sing N N 197 
LYS CE  NZ   sing N N 198 
LYS CE  HE2  sing N N 199 
LYS CE  HE3  sing N N 200 
LYS NZ  HZ1  sing N N 201 
LYS NZ  HZ2  sing N N 202 
LYS NZ  HZ3  sing N N 203 
LYS OXT HXT  sing N N 204 
MET N   CA   sing N N 205 
MET N   H    sing N N 206 
MET N   H2   sing N N 207 
MET CA  C    sing N N 208 
MET CA  CB   sing N N 209 
MET CA  HA   sing N N 210 
MET C   O    doub N N 211 
MET C   OXT  sing N N 212 
MET CB  CG   sing N N 213 
MET CB  HB2  sing N N 214 
MET CB  HB3  sing N N 215 
MET CG  SD   sing N N 216 
MET CG  HG2  sing N N 217 
MET CG  HG3  sing N N 218 
MET SD  CE   sing N N 219 
MET CE  HE1  sing N N 220 
MET CE  HE2  sing N N 221 
MET CE  HE3  sing N N 222 
MET OXT HXT  sing N N 223 
PHE N   CA   sing N N 224 
PHE N   H    sing N N 225 
PHE N   H2   sing N N 226 
PHE CA  C    sing N N 227 
PHE CA  CB   sing N N 228 
PHE CA  HA   sing N N 229 
PHE C   O    doub N N 230 
PHE C   OXT  sing N N 231 
PHE CB  CG   sing N N 232 
PHE CB  HB2  sing N N 233 
PHE CB  HB3  sing N N 234 
PHE CG  CD1  doub Y N 235 
PHE CG  CD2  sing Y N 236 
PHE CD1 CE1  sing Y N 237 
PHE CD1 HD1  sing N N 238 
PHE CD2 CE2  doub Y N 239 
PHE CD2 HD2  sing N N 240 
PHE CE1 CZ   doub Y N 241 
PHE CE1 HE1  sing N N 242 
PHE CE2 CZ   sing Y N 243 
PHE CE2 HE2  sing N N 244 
PHE CZ  HZ   sing N N 245 
PHE OXT HXT  sing N N 246 
PRO N   CA   sing N N 247 
PRO N   CD   sing N N 248 
PRO N   H    sing N N 249 
PRO CA  C    sing N N 250 
PRO CA  CB   sing N N 251 
PRO CA  HA   sing N N 252 
PRO C   O    doub N N 253 
PRO C   OXT  sing N N 254 
PRO CB  CG   sing N N 255 
PRO CB  HB2  sing N N 256 
PRO CB  HB3  sing N N 257 
PRO CG  CD   sing N N 258 
PRO CG  HG2  sing N N 259 
PRO CG  HG3  sing N N 260 
PRO CD  HD2  sing N N 261 
PRO CD  HD3  sing N N 262 
PRO OXT HXT  sing N N 263 
SER N   CA   sing N N 264 
SER N   H    sing N N 265 
SER N   H2   sing N N 266 
SER CA  C    sing N N 267 
SER CA  CB   sing N N 268 
SER CA  HA   sing N N 269 
SER C   O    doub N N 270 
SER C   OXT  sing N N 271 
SER CB  OG   sing N N 272 
SER CB  HB2  sing N N 273 
SER CB  HB3  sing N N 274 
SER OG  HG   sing N N 275 
SER OXT HXT  sing N N 276 
THR N   CA   sing N N 277 
THR N   H    sing N N 278 
THR N   H2   sing N N 279 
THR CA  C    sing N N 280 
THR CA  CB   sing N N 281 
THR CA  HA   sing N N 282 
THR C   O    doub N N 283 
THR C   OXT  sing N N 284 
THR CB  OG1  sing N N 285 
THR CB  CG2  sing N N 286 
THR CB  HB   sing N N 287 
THR OG1 HG1  sing N N 288 
THR CG2 HG21 sing N N 289 
THR CG2 HG22 sing N N 290 
THR CG2 HG23 sing N N 291 
THR OXT HXT  sing N N 292 
TYR N   CA   sing N N 293 
TYR N   H    sing N N 294 
TYR N   H2   sing N N 295 
TYR CA  C    sing N N 296 
TYR CA  CB   sing N N 297 
TYR CA  HA   sing N N 298 
TYR C   O    doub N N 299 
TYR C   OXT  sing N N 300 
TYR CB  CG   sing N N 301 
TYR CB  HB2  sing N N 302 
TYR CB  HB3  sing N N 303 
TYR CG  CD1  doub Y N 304 
TYR CG  CD2  sing Y N 305 
TYR CD1 CE1  sing Y N 306 
TYR CD1 HD1  sing N N 307 
TYR CD2 CE2  doub Y N 308 
TYR CD2 HD2  sing N N 309 
TYR CE1 CZ   doub Y N 310 
TYR CE1 HE1  sing N N 311 
TYR CE2 CZ   sing Y N 312 
TYR CE2 HE2  sing N N 313 
TYR CZ  OH   sing N N 314 
TYR OH  HH   sing N N 315 
TYR OXT HXT  sing N N 316 
VAL N   CA   sing N N 317 
VAL N   H    sing N N 318 
VAL N   H2   sing N N 319 
VAL CA  C    sing N N 320 
VAL CA  CB   sing N N 321 
VAL CA  HA   sing N N 322 
VAL C   O    doub N N 323 
VAL C   OXT  sing N N 324 
VAL CB  CG1  sing N N 325 
VAL CB  CG2  sing N N 326 
VAL CB  HB   sing N N 327 
VAL CG1 HG11 sing N N 328 
VAL CG1 HG12 sing N N 329 
VAL CG1 HG13 sing N N 330 
VAL CG2 HG21 sing N N 331 
VAL CG2 HG22 sing N N 332 
VAL CG2 HG23 sing N N 333 
VAL OXT HXT  sing N N 334 
# 
_pdbx_initial_refinement_model.id               1 
_pdbx_initial_refinement_model.entity_id_list   ? 
_pdbx_initial_refinement_model.type             'experimental model' 
_pdbx_initial_refinement_model.source_name      PDB 
_pdbx_initial_refinement_model.accession_code   2AK2 
_pdbx_initial_refinement_model.details          'PDB ENTRY 2AK2' 
# 
_atom_sites.entry_id                    3CM0 
_atom_sites.fract_transf_matrix[1][1]   0.02141820 
_atom_sites.fract_transf_matrix[1][2]   -0.00316893 
_atom_sites.fract_transf_matrix[1][3]   0.00591506 
_atom_sites.fract_transf_matrix[2][1]   0.01344237 
_atom_sites.fract_transf_matrix[2][2]   -0.01258459 
_atom_sites.fract_transf_matrix[2][3]   -0.01283389 
_atom_sites.fract_transf_matrix[3][1]   0.00200674 
_atom_sites.fract_transf_matrix[3][2]   0.00617829 
_atom_sites.fract_transf_matrix[3][3]   -0.00395639 
_atom_sites.fract_transf_vector[1]      1.000497 
_atom_sites.fract_transf_vector[2]      0.395336 
_atom_sites.fract_transf_vector[3]      0.100699 
# 
loop_
_atom_type.symbol 
C 
N 
O 
S 
# 
loop_
_atom_site.group_PDB 
_atom_site.id 
_atom_site.type_symbol 
_atom_site.label_atom_id 
_atom_site.label_alt_id 
_atom_site.label_comp_id 
_atom_site.label_asym_id 
_atom_site.label_entity_id 
_atom_site.label_seq_id 
_atom_site.pdbx_PDB_ins_code 
_atom_site.Cartn_x 
_atom_site.Cartn_y 
_atom_site.Cartn_z 
_atom_site.occupancy 
_atom_site.B_iso_or_equiv 
_atom_site.pdbx_formal_charge 
_atom_site.auth_seq_id 
_atom_site.auth_comp_id 
_atom_site.auth_asym_id 
_atom_site.auth_atom_id 
_atom_site.pdbx_PDB_model_num 
ATOM   1    N N   . VAL A 1 3   ? 9.124   -15.205 14.725  1.00 55.37 ? 3   VAL A N   1 
ATOM   2    C CA  . VAL A 1 3   ? 8.364   -13.931 14.874  1.00 49.30 ? 3   VAL A CA  1 
ATOM   3    C C   . VAL A 1 3   ? 8.699   -12.928 13.788  1.00 45.60 ? 3   VAL A C   1 
ATOM   4    O O   . VAL A 1 3   ? 9.789   -12.937 13.206  1.00 39.22 ? 3   VAL A O   1 
ATOM   5    C CB  . VAL A 1 3   ? 8.653   -13.211 16.207  1.00 56.81 ? 3   VAL A CB  1 
ATOM   6    C CG1 . VAL A 1 3   ? 8.241   -14.083 17.375  1.00 66.16 ? 3   VAL A CG1 1 
ATOM   7    C CG2 . VAL A 1 3   ? 10.131  -12.842 16.283  1.00 61.22 ? 3   VAL A CG2 1 
ATOM   8    N N   . GLY A 1 4   ? 7.749   -12.038 13.542  1.00 26.65 ? 4   GLY A N   1 
ATOM   9    C CA  . GLY A 1 4   ? 7.968   -11.022 12.542  1.00 21.71 ? 4   GLY A CA  1 
ATOM   10   C C   . GLY A 1 4   ? 7.089   -9.841  12.852  1.00 14.60 ? 4   GLY A C   1 
ATOM   11   O O   . GLY A 1 4   ? 6.274   -9.874  13.784  1.00 19.71 ? 4   GLY A O   1 
ATOM   12   N N   . GLN A 1 5   ? 7.276   -8.782  12.074  1.00 19.28 ? 5   GLN A N   1 
ATOM   13   C CA  . GLN A 1 5   ? 6.486   -7.573  12.254  1.00 20.10 ? 5   GLN A CA  1 
ATOM   14   C C   . GLN A 1 5   ? 6.072   -7.039  10.895  1.00 15.70 ? 5   GLN A C   1 
ATOM   15   O O   . GLN A 1 5   ? 6.842   -7.062  9.926   1.00 16.47 ? 5   GLN A O   1 
ATOM   16   C CB  . GLN A 1 5   ? 7.297   -6.518  13.008  1.00 26.80 ? 5   GLN A CB  1 
ATOM   17   C CG  . GLN A 1 5   ? 7.687   -6.958  14.389  1.00 29.92 ? 5   GLN A CG  1 
ATOM   18   C CD  . GLN A 1 5   ? 8.431   -5.886  15.154  1.00 38.50 ? 5   GLN A CD  1 
ATOM   19   O OE1 . GLN A 1 5   ? 9.252   -5.166  14.589  1.00 40.24 ? 5   GLN A OE1 1 
ATOM   20   N NE2 . GLN A 1 5   ? 8.157   -5.785  16.452  1.00 42.44 ? 5   GLN A NE2 1 
ATOM   21   N N   . ALA A 1 6   ? 4.833   -6.569  10.800  1.00 15.86 ? 6   ALA A N   1 
ATOM   22   C CA  . ALA A 1 6   ? 4.379   -6.039  9.522   1.00 10.26 ? 6   ALA A CA  1 
ATOM   23   C C   . ALA A 1 6   ? 3.755   -4.664  9.724   1.00 12.55 ? 6   ALA A C   1 
ATOM   24   O O   . ALA A 1 6   ? 3.239   -4.367  10.799  1.00 14.10 ? 6   ALA A O   1 
ATOM   25   C CB  . ALA A 1 6   ? 3.308   -6.986  8.904   1.00 14.11 ? 6   ALA A CB  1 
ATOM   26   N N   . VAL A 1 7   ? 3.859   -3.839  8.684   1.00 10.28 ? 7   VAL A N   1 
ATOM   27   C CA  . VAL A 1 7   ? 3.172   -2.544  8.664   1.00 11.68 ? 7   VAL A CA  1 
ATOM   28   C C   . VAL A 1 7   ? 2.483   -2.391  7.320   1.00 11.93 ? 7   VAL A C   1 
ATOM   29   O O   . VAL A 1 7   ? 3.056   -2.704  6.278   1.00 11.48 ? 7   VAL A O   1 
ATOM   30   C CB  . VAL A 1 7   ? 4.126   -1.344  8.878   1.00 11.71 ? 7   VAL A CB  1 
ATOM   31   C CG1 . VAL A 1 7   ? 3.295   -0.032  8.847   1.00 15.08 ? 7   VAL A CG1 1 
ATOM   32   C CG2 . VAL A 1 7   ? 4.795   -1.454  10.241  1.00 10.26 ? 7   VAL A CG2 1 
ATOM   33   N N   . ILE A 1 8   ? 1.229   -1.912  7.331   1.00 10.00 ? 8   ILE A N   1 
ATOM   34   C CA  . ILE A 1 8   ? 0.492   -1.697  6.117   1.00 7.59  ? 8   ILE A CA  1 
ATOM   35   C C   . ILE A 1 8   ? 0.225   -0.206  5.993   1.00 9.12  ? 8   ILE A C   1 
ATOM   36   O O   . ILE A 1 8   ? -0.145  0.420   6.984   1.00 12.13 ? 8   ILE A O   1 
ATOM   37   C CB  . ILE A 1 8   ? -0.888  -2.433  6.180   1.00 9.46  ? 8   ILE A CB  1 
ATOM   38   C CG1 . ILE A 1 8   ? -0.658  -3.957  6.151   1.00 8.91  ? 8   ILE A CG1 1 
ATOM   39   C CG2 . ILE A 1 8   ? -1.752  -2.024  5.023   1.00 11.04 ? 8   ILE A CG2 1 
ATOM   40   C CD1 . ILE A 1 8   ? -1.967  -4.815  6.517   1.00 9.09  ? 8   ILE A CD1 1 
ATOM   41   N N   . PHE A 1 9   ? 0.458   0.357   4.812   1.00 8.95  ? 9   PHE A N   1 
ATOM   42   C CA  . PHE A 1 9   ? 0.174   1.798   4.585   1.00 9.37  ? 9   PHE A CA  1 
ATOM   43   C C   . PHE A 1 9   ? -1.019  2.003   3.654   1.00 12.48 ? 9   PHE A C   1 
ATOM   44   O O   . PHE A 1 9   ? -1.070  1.414   2.574   1.00 12.41 ? 9   PHE A O   1 
ATOM   45   C CB  . PHE A 1 9   ? 1.391   2.495   3.920   1.00 11.48 ? 9   PHE A CB  1 
ATOM   46   C CG  . PHE A 1 9   ? 2.495   2.819   4.860   1.00 15.43 ? 9   PHE A CG  1 
ATOM   47   C CD1 . PHE A 1 9   ? 2.645   4.118   5.348   1.00 17.92 ? 9   PHE A CD1 1 
ATOM   48   C CD2 . PHE A 1 9   ? 3.397   1.838   5.275   1.00 13.99 ? 9   PHE A CD2 1 
ATOM   49   C CE1 . PHE A 1 9   ? 3.689   4.423   6.214   1.00 19.22 ? 9   PHE A CE1 1 
ATOM   50   C CE2 . PHE A 1 9   ? 4.435   2.141   6.140   1.00 17.74 ? 9   PHE A CE2 1 
ATOM   51   C CZ  . PHE A 1 9   ? 4.586   3.428   6.613   1.00 18.65 ? 9   PHE A CZ  1 
ATOM   52   N N   . LEU A 1 10  ? -1.962  2.870   4.058   1.00 15.05 ? 10  LEU A N   1 
ATOM   53   C CA  . LEU A 1 10  ? -3.128  3.230   3.245   1.00 10.35 ? 10  LEU A CA  1 
ATOM   54   C C   . LEU A 1 10  ? -3.173  4.788   3.133   1.00 13.22 ? 10  LEU A C   1 
ATOM   55   O O   . LEU A 1 10  ? -2.777  5.518   4.046   1.00 14.83 ? 10  LEU A O   1 
ATOM   56   C CB  . LEU A 1 10  ? -4.434  2.758   3.891   1.00 12.81 ? 10  LEU A CB  1 
ATOM   57   C CG  . LEU A 1 10  ? -4.604  1.244   4.146   1.00 14.54 ? 10  LEU A CG  1 
ATOM   58   C CD1 . LEU A 1 10  ? -5.920  1.030   4.863   1.00 18.34 ? 10  LEU A CD1 1 
ATOM   59   C CD2 . LEU A 1 10  ? -4.559  0.455   2.829   1.00 20.27 ? 10  LEU A CD2 1 
ATOM   60   N N   . GLY A 1 11  ? -3.622  5.286   2.008   1.00 19.59 ? 11  GLY A N   1 
ATOM   61   C CA  . GLY A 1 11  ? -3.701  6.736   1.870   1.00 18.72 ? 11  GLY A CA  1 
ATOM   62   C C   . GLY A 1 11  ? -4.040  7.094   0.450   1.00 21.57 ? 11  GLY A C   1 
ATOM   63   O O   . GLY A 1 11  ? -3.774  6.323   -0.463  1.00 18.06 ? 11  GLY A O   1 
ATOM   64   N N   . PRO A 1 12  ? -4.657  8.256   0.233   1.00 19.71 ? 12  PRO A N   1 
ATOM   65   C CA  . PRO A 1 12  ? -5.033  8.710   -1.113  1.00 24.23 ? 12  PRO A CA  1 
ATOM   66   C C   . PRO A 1 12  ? -3.836  9.227   -1.900  1.00 21.19 ? 12  PRO A C   1 
ATOM   67   O O   . PRO A 1 12  ? -2.785  9.518   -1.351  1.00 19.66 ? 12  PRO A O   1 
ATOM   68   C CB  . PRO A 1 12  ? -6.012  9.852   -0.830  1.00 24.12 ? 12  PRO A CB  1 
ATOM   69   C CG  . PRO A 1 12  ? -5.369  10.488  0.449   1.00 20.78 ? 12  PRO A CG  1 
ATOM   70   C CD  . PRO A 1 12  ? -5.053  9.235   1.270   1.00 22.85 ? 12  PRO A CD  1 
ATOM   71   N N   . PRO A 1 13  ? -3.996  9.347   -3.219  1.00 22.76 ? 13  PRO A N   1 
ATOM   72   C CA  . PRO A 1 13  ? -2.948  9.854   -4.093  1.00 23.31 ? 13  PRO A CA  1 
ATOM   73   C C   . PRO A 1 13  ? -2.683  11.261  -3.568  1.00 25.89 ? 13  PRO A C   1 
ATOM   74   O O   . PRO A 1 13  ? -3.631  11.968  -3.170  1.00 26.63 ? 13  PRO A O   1 
ATOM   75   C CB  . PRO A 1 13  ? -3.632  9.908   -5.449  1.00 27.66 ? 13  PRO A CB  1 
ATOM   76   C CG  . PRO A 1 13  ? -4.603  8.800   -5.391  1.00 32.23 ? 13  PRO A CG  1 
ATOM   77   C CD  . PRO A 1 13  ? -5.155  8.865   -3.982  1.00 19.88 ? 13  PRO A CD  1 
ATOM   78   N N   . GLY A 1 14  ? -1.417  11.659  -3.540  1.00 25.76 ? 14  GLY A N   1 
ATOM   79   C CA  . GLY A 1 14  ? -1.089  13.001  -3.086  1.00 30.71 ? 14  GLY A CA  1 
ATOM   80   C C   . GLY A 1 14  ? -0.785  13.116  -1.602  1.00 29.12 ? 14  GLY A C   1 
ATOM   81   O O   . GLY A 1 14  ? -0.386  14.185  -1.127  1.00 29.05 ? 14  GLY A O   1 
ATOM   82   N N   . ALA A 1 15  ? -0.978  12.039  -0.857  1.00 25.81 ? 15  ALA A N   1 
ATOM   83   C CA  . ALA A 1 15  ? -0.684  12.073  0.582   1.00 22.60 ? 15  ALA A CA  1 
ATOM   84   C C   . ALA A 1 15  ? 0.774   11.695  0.860   1.00 27.89 ? 15  ALA A C   1 
ATOM   85   O O   . ALA A 1 15  ? 1.253   11.847  1.982   1.00 30.05 ? 15  ALA A O   1 
ATOM   86   C CB  . ALA A 1 15  ? -1.653  11.125  1.349   1.00 23.41 ? 15  ALA A CB  1 
ATOM   87   N N   . GLY A 1 16  ? 1.481   11.229  -0.171  1.00 30.23 ? 16  GLY A N   1 
ATOM   88   C CA  . GLY A 1 16  ? 2.880   10.829  -0.022  1.00 29.59 ? 16  GLY A CA  1 
ATOM   89   C C   . GLY A 1 16  ? 3.105   9.613   0.870   1.00 26.93 ? 16  GLY A C   1 
ATOM   90   O O   . GLY A 1 16  ? 4.163   9.463   1.474   1.00 27.27 ? 16  GLY A O   1 
ATOM   91   N N   . LYS A 1 17  ? 2.127   8.718   0.943   1.00 19.47 ? 17  LYS A N   1 
ATOM   92   C CA  . LYS A 1 17  ? 2.281   7.557   1.816   1.00 17.87 ? 17  LYS A CA  1 
ATOM   93   C C   . LYS A 1 17  ? 3.351   6.590   1.308   1.00 18.99 ? 17  LYS A C   1 
ATOM   94   O O   . LYS A 1 17  ? 4.002   5.929   2.097   1.00 19.76 ? 17  LYS A O   1 
ATOM   95   C CB  . LYS A 1 17  ? 0.953   6.795   1.968   1.00 23.37 ? 17  LYS A CB  1 
ATOM   96   C CG  . LYS A 1 17  ? 0.520   6.059   0.715   1.00 27.98 ? 17  LYS A CG  1 
ATOM   97   C CD  . LYS A 1 17  ? -0.286  4.823   1.051   1.00 26.69 ? 17  LYS A CD  1 
ATOM   98   C CE  . LYS A 1 17  ? -1.072  4.320   -0.154  1.00 32.40 ? 17  LYS A CE  1 
ATOM   99   N NZ  . LYS A 1 17  ? -0.199  4.005   -1.314  1.00 46.88 ? 17  LYS A NZ  1 
ATOM   100  N N   . GLY A 1 18  ? 3.534   6.513   -0.007  1.00 18.09 ? 18  GLY A N   1 
ATOM   101  C CA  . GLY A 1 18  ? 4.544   5.610   -0.545  1.00 23.25 ? 18  GLY A CA  1 
ATOM   102  C C   . GLY A 1 18  ? 5.948   6.023   -0.152  1.00 26.93 ? 18  GLY A C   1 
ATOM   103  O O   . GLY A 1 18  ? 6.806   5.201   0.181   1.00 21.51 ? 18  GLY A O   1 
ATOM   104  N N   . THR A 1 19  ? 6.198   7.321   -0.214  1.00 26.31 ? 19  THR A N   1 
ATOM   105  C CA  . THR A 1 19  ? 7.488   7.836   0.154   1.00 26.89 ? 19  THR A CA  1 
ATOM   106  C C   . THR A 1 19  ? 7.752   7.584   1.621   1.00 22.69 ? 19  THR A C   1 
ATOM   107  O O   . THR A 1 19  ? 8.891   7.283   1.982   1.00 21.71 ? 19  THR A O   1 
ATOM   108  C CB  . THR A 1 19  ? 7.587   9.351   -0.121  1.00 35.66 ? 19  THR A CB  1 
ATOM   109  O OG1 . THR A 1 19  ? 7.380   9.592   -1.519  1.00 48.67 ? 19  THR A OG1 1 
ATOM   110  C CG2 . THR A 1 19  ? 8.958   9.876   0.283   1.00 46.72 ? 19  THR A CG2 1 
ATOM   111  N N   . GLN A 1 20  ? 6.718   7.688   2.472   1.00 20.43 ? 20  GLN A N   1 
ATOM   112  C CA  . GLN A 1 20  ? 6.912   7.453   3.909   1.00 14.96 ? 20  GLN A CA  1 
ATOM   113  C C   . GLN A 1 20  ? 7.160   5.936   4.140   1.00 17.06 ? 20  GLN A C   1 
ATOM   114  O O   . GLN A 1 20  ? 7.944   5.554   4.997   1.00 17.61 ? 20  GLN A O   1 
ATOM   115  C CB  . GLN A 1 20  ? 5.669   7.866   4.728   1.00 15.98 ? 20  GLN A CB  1 
ATOM   116  C CG  . GLN A 1 20  ? 5.381   9.376   4.745   1.00 16.67 ? 20  GLN A CG  1 
ATOM   117  C CD  . GLN A 1 20  ? 6.479   10.142  5.464   1.00 24.35 ? 20  GLN A CD  1 
ATOM   118  O OE1 . GLN A 1 20  ? 7.302   9.549   6.154   1.00 26.69 ? 20  GLN A OE1 1 
ATOM   119  N NE2 . GLN A 1 20  ? 6.495   11.466  5.304   1.00 21.00 ? 20  GLN A NE2 1 
ATOM   120  N N   . ALA A 1 21  ? 6.440   5.093   3.409   1.00 20.26 ? 21  ALA A N   1 
ATOM   121  C CA  . ALA A 1 21  ? 6.649   3.638   3.535   1.00 13.85 ? 21  ALA A CA  1 
ATOM   122  C C   . ALA A 1 21  ? 8.099   3.334   3.153   1.00 18.18 ? 21  ALA A C   1 
ATOM   123  O O   . ALA A 1 21  ? 8.764   2.528   3.786   1.00 19.11 ? 21  ALA A O   1 
ATOM   124  C CB  . ALA A 1 21  ? 5.706   2.912   2.597   1.00 13.82 ? 21  ALA A CB  1 
ATOM   125  N N   . SER A 1 22  ? 8.567   3.964   2.079   1.00 21.34 ? 22  SER A N   1 
ATOM   126  C CA  . SER A 1 22  ? 9.937   3.727   1.622   1.00 24.53 ? 22  SER A CA  1 
ATOM   127  C C   . SER A 1 22  ? 10.969  4.194   2.629   1.00 20.69 ? 22  SER A C   1 
ATOM   128  O O   . SER A 1 22  ? 12.024  3.568   2.807   1.00 19.14 ? 22  SER A O   1 
ATOM   129  C CB  . SER A 1 22  ? 10.156  4.411   0.280   1.00 22.48 ? 22  SER A CB  1 
ATOM   130  O OG  . SER A 1 22  ? 9.470   3.712   -0.738  1.00 28.86 ? 22  SER A OG  1 
ATOM   131  N N   . ARG A 1 23  ? 10.679  5.298   3.309   1.00 20.25 ? 23  ARG A N   1 
ATOM   132  C CA  . ARG A 1 23  ? 11.613  5.784   4.302   1.00 23.25 ? 23  ARG A CA  1 
ATOM   133  C C   . ARG A 1 23  ? 11.631  4.927   5.559   1.00 25.09 ? 23  ARG A C   1 
ATOM   134  O O   . ARG A 1 23  ? 12.692  4.663   6.123   1.00 21.61 ? 23  ARG A O   1 
ATOM   135  C CB  . ARG A 1 23  ? 11.318  7.236   4.662   1.00 27.05 ? 23  ARG A CB  1 
ATOM   136  C CG  . ARG A 1 23  ? 12.140  7.727   5.853   1.00 27.39 ? 23  ARG A CG  1 
ATOM   137  C CD  . ARG A 1 23  ? 12.084  9.235   5.902   1.00 31.99 ? 23  ARG A CD  1 
ATOM   138  N NE  . ARG A 1 23  ? 12.760  9.771   7.073   1.00 26.92 ? 23  ARG A NE  1 
ATOM   139  C CZ  . ARG A 1 23  ? 12.663  11.043  7.458   1.00 31.10 ? 23  ARG A CZ  1 
ATOM   140  N NH1 . ARG A 1 23  ? 11.928  11.893  6.759   1.00 27.68 ? 23  ARG A NH1 1 
ATOM   141  N NH2 . ARG A 1 23  ? 13.277  11.453  8.553   1.00 35.82 ? 23  ARG A NH2 1 
ATOM   142  N N   . LEU A 1 24  ? 10.460  4.478   6.005   1.00 17.91 ? 24  LEU A N   1 
ATOM   143  C CA  . LEU A 1 24  ? 10.418  3.638   7.194   1.00 15.96 ? 24  LEU A CA  1 
ATOM   144  C C   . LEU A 1 24  ? 11.152  2.321   6.868   1.00 17.93 ? 24  LEU A C   1 
ATOM   145  O O   . LEU A 1 24  ? 11.836  1.740   7.736   1.00 21.90 ? 24  LEU A O   1 
ATOM   146  C CB  . LEU A 1 24  ? 8.954   3.315   7.556   1.00 18.77 ? 24  LEU A CB  1 
ATOM   147  C CG  . LEU A 1 24  ? 8.773   2.508   8.845   1.00 19.40 ? 24  LEU A CG  1 
ATOM   148  C CD1 . LEU A 1 24  ? 9.239   3.312   10.026  1.00 25.25 ? 24  LEU A CD1 1 
ATOM   149  C CD2 . LEU A 1 24  ? 7.267   2.115   8.991   1.00 20.86 ? 24  LEU A CD2 1 
ATOM   150  N N   . ALA A 1 25  ? 11.007  1.870   5.619   1.00 17.62 ? 25  ALA A N   1 
ATOM   151  C CA  . ALA A 1 25  ? 11.620  0.614   5.156   1.00 19.31 ? 25  ALA A CA  1 
ATOM   152  C C   . ALA A 1 25  ? 13.124  0.707   5.245   1.00 27.50 ? 25  ALA A C   1 
ATOM   153  O O   . ALA A 1 25  ? 13.773  -0.121  5.882   1.00 23.63 ? 25  ALA A O   1 
ATOM   154  C CB  . ALA A 1 25  ? 11.216  0.328   3.713   1.00 25.62 ? 25  ALA A CB  1 
ATOM   155  N N   . GLN A 1 26  ? 13.660  1.732   4.595   1.00 29.25 ? 26  GLN A N   1 
ATOM   156  C CA  . GLN A 1 26  ? 15.102  1.975   4.561   1.00 28.09 ? 26  GLN A CA  1 
ATOM   157  C C   . GLN A 1 26  ? 15.720  2.189   5.946   1.00 28.85 ? 26  GLN A C   1 
ATOM   158  O O   . GLN A 1 26  ? 16.808  1.675   6.236   1.00 31.21 ? 26  GLN A O   1 
ATOM   159  C CB  . GLN A 1 26  ? 15.391  3.178   3.659   1.00 35.44 ? 26  GLN A CB  1 
ATOM   160  C CG  . GLN A 1 26  ? 15.022  2.951   2.188   1.00 45.17 ? 26  GLN A CG  1 
ATOM   161  C CD  . GLN A 1 26  ? 15.314  4.156   1.301   1.00 57.68 ? 26  GLN A CD  1 
ATOM   162  O OE1 . GLN A 1 26  ? 16.425  4.684   1.301   1.00 69.28 ? 26  GLN A OE1 1 
ATOM   163  N NE2 . GLN A 1 26  ? 14.321  4.586   0.532   1.00 42.99 ? 26  GLN A NE2 1 
ATOM   164  N N   . GLU A 1 27  ? 15.045  2.935   6.812   1.00 24.64 ? 27  GLU A N   1 
ATOM   165  C CA  . GLU A 1 27  ? 15.575  3.197   8.132   1.00 24.76 ? 27  GLU A CA  1 
ATOM   166  C C   . GLU A 1 27  ? 15.494  2.080   9.147   1.00 32.43 ? 27  GLU A C   1 
ATOM   167  O O   . GLU A 1 27  ? 16.420  1.896   9.925   1.00 33.13 ? 27  GLU A O   1 
ATOM   168  C CB  . GLU A 1 27  ? 14.932  4.448   8.733   1.00 30.04 ? 27  GLU A CB  1 
ATOM   169  C CG  . GLU A 1 27  ? 15.228  5.691   7.930   1.00 38.09 ? 27  GLU A CG  1 
ATOM   170  C CD  . GLU A 1 27  ? 14.865  6.973   8.670   1.00 40.44 ? 27  GLU A CD  1 
ATOM   171  O OE1 . GLU A 1 27  ? 14.359  6.897   9.808   1.00 39.37 ? 27  GLU A OE1 1 
ATOM   172  O OE2 . GLU A 1 27  ? 15.096  8.055   8.099   1.00 32.12 ? 27  GLU A OE2 1 
ATOM   173  N N   . LEU A 1 28  ? 14.416  1.308   9.150   1.00 23.03 ? 28  LEU A N   1 
ATOM   174  C CA  . LEU A 1 28  ? 14.317  0.263   10.162  1.00 22.39 ? 28  LEU A CA  1 
ATOM   175  C C   . LEU A 1 28  ? 14.534  -1.183  9.702   1.00 17.36 ? 28  LEU A C   1 
ATOM   176  O O   . LEU A 1 28  ? 14.405  -2.117  10.509  1.00 26.60 ? 28  LEU A O   1 
ATOM   177  C CB  . LEU A 1 28  ? 12.973  0.374   10.894  1.00 24.19 ? 28  LEU A CB  1 
ATOM   178  C CG  . LEU A 1 28  ? 12.723  1.694   11.620  1.00 30.24 ? 28  LEU A CG  1 
ATOM   179  C CD1 . LEU A 1 28  ? 11.492  1.531   12.472  1.00 27.64 ? 28  LEU A CD1 1 
ATOM   180  C CD2 . LEU A 1 28  ? 13.906  2.083   12.498  1.00 33.89 ? 28  LEU A CD2 1 
ATOM   181  N N   . GLY A 1 29  ? 14.853  -1.356  8.436   1.00 18.03 ? 29  GLY A N   1 
ATOM   182  C CA  . GLY A 1 29  ? 15.115  -2.683  7.907   1.00 23.29 ? 29  GLY A CA  1 
ATOM   183  C C   . GLY A 1 29  ? 13.893  -3.513  7.537   1.00 21.89 ? 29  GLY A C   1 
ATOM   184  O O   . GLY A 1 29  ? 13.890  -4.726  7.725   1.00 24.18 ? 29  GLY A O   1 
ATOM   185  N N   . PHE A 1 30  ? 12.838  -2.863  7.051   1.00 23.19 ? 30  PHE A N   1 
ATOM   186  C CA  . PHE A 1 30  ? 11.642  -3.605  6.625   1.00 24.72 ? 30  PHE A CA  1 
ATOM   187  C C   . PHE A 1 30  ? 11.781  -3.805  5.127   1.00 23.39 ? 30  PHE A C   1 
ATOM   188  O O   . PHE A 1 30  ? 12.289  -2.922  4.428   1.00 19.94 ? 30  PHE A O   1 
ATOM   189  C CB  . PHE A 1 30  ? 10.342  -2.790  6.847   1.00 19.79 ? 30  PHE A CB  1 
ATOM   190  C CG  . PHE A 1 30  ? 9.878   -2.736  8.266   1.00 19.00 ? 30  PHE A CG  1 
ATOM   191  C CD1 . PHE A 1 30  ? 8.776   -3.496  8.680   1.00 15.16 ? 30  PHE A CD1 1 
ATOM   192  C CD2 . PHE A 1 30  ? 10.531  -1.939  9.205   1.00 25.64 ? 30  PHE A CD2 1 
ATOM   193  C CE1 . PHE A 1 30  ? 8.321   -3.458  9.999   1.00 16.31 ? 30  PHE A CE1 1 
ATOM   194  C CE2 . PHE A 1 30  ? 10.092  -1.888  10.536  1.00 27.98 ? 30  PHE A CE2 1 
ATOM   195  C CZ  . PHE A 1 30  ? 8.981   -2.657  10.938  1.00 32.76 ? 30  PHE A CZ  1 
ATOM   196  N N   . LYS A 1 31  ? 11.336  -4.957  4.633   1.00 18.50 ? 31  LYS A N   1 
ATOM   197  C CA  . LYS A 1 31  ? 11.325  -5.198  3.205   1.00 16.72 ? 31  LYS A CA  1 
ATOM   198  C C   . LYS A 1 31  ? 9.967   -4.696  2.693   1.00 22.20 ? 31  LYS A C   1 
ATOM   199  O O   . LYS A 1 31  ? 8.897   -5.195  3.128   1.00 16.46 ? 31  LYS A O   1 
ATOM   200  C CB  . LYS A 1 31  ? 11.465  -6.693  2.896   1.00 23.76 ? 31  LYS A CB  1 
ATOM   201  C CG  . LYS A 1 31  ? 11.454  -6.980  1.403   1.00 37.29 ? 31  LYS A CG  1 
ATOM   202  C CD  . LYS A 1 31  ? 12.047  -8.351  1.059   1.00 37.83 ? 31  LYS A CD  1 
ATOM   203  C CE  . LYS A 1 31  ? 11.253  -9.490  1.649   1.00 46.30 ? 31  LYS A CE  1 
ATOM   204  N NZ  . LYS A 1 31  ? 11.774  -10.813 1.194   1.00 40.34 ? 31  LYS A NZ  1 
ATOM   205  N N   . LYS A 1 32  ? 10.005  -3.710  1.793   1.00 17.22 ? 32  LYS A N   1 
ATOM   206  C CA  . LYS A 1 32  ? 8.796   -3.143  1.202   1.00 23.34 ? 32  LYS A CA  1 
ATOM   207  C C   . LYS A 1 32  ? 8.399   -4.011  0.019   1.00 28.53 ? 32  LYS A C   1 
ATOM   208  O O   . LYS A 1 32  ? 9.087   -4.079  -0.993  1.00 24.43 ? 32  LYS A O   1 
ATOM   209  C CB  . LYS A 1 32  ? 9.064   -1.699  0.745   1.00 29.40 ? 32  LYS A CB  1 
ATOM   210  C CG  . LYS A 1 32  ? 7.874   -0.944  0.185   1.00 22.55 ? 32  LYS A CG  1 
ATOM   211  C CD  . LYS A 1 32  ? 8.254   0.541   0.045   1.00 28.90 ? 32  LYS A CD  1 
ATOM   212  C CE  . LYS A 1 32  ? 7.141   1.436   -0.490  1.00 34.40 ? 32  LYS A CE  1 
ATOM   213  N NZ  . LYS A 1 32  ? 6.811   1.213   -1.925  1.00 40.91 ? 32  LYS A NZ  1 
ATOM   214  N N   . LEU A 1 33  ? 7.271   -4.688  0.148   1.00 23.65 ? 33  LEU A N   1 
ATOM   215  C CA  . LEU A 1 33  ? 6.824   -5.577  -0.893  1.00 24.04 ? 33  LEU A CA  1 
ATOM   216  C C   . LEU A 1 33  ? 5.969   -4.923  -1.973  1.00 30.04 ? 33  LEU A C   1 
ATOM   217  O O   . LEU A 1 33  ? 5.194   -4.005  -1.717  1.00 31.11 ? 33  LEU A O   1 
ATOM   218  C CB  . LEU A 1 33  ? 6.034   -6.732  -0.275  1.00 19.50 ? 33  LEU A CB  1 
ATOM   219  C CG  . LEU A 1 33  ? 6.695   -7.498  0.865   1.00 28.62 ? 33  LEU A CG  1 
ATOM   220  C CD1 . LEU A 1 33  ? 5.844   -8.711  1.192   1.00 26.20 ? 33  LEU A CD1 1 
ATOM   221  C CD2 . LEU A 1 33  ? 8.107   -7.906  0.476   1.00 33.40 ? 33  LEU A CD2 1 
ATOM   222  N N   . SER A 1 34  ? 6.123   -5.415  -3.194  1.00 33.45 ? 34  SER A N   1 
ATOM   223  C CA  . SER A 1 34  ? 5.320   -4.940  -4.312  1.00 35.92 ? 34  SER A CA  1 
ATOM   224  C C   . SER A 1 34  ? 4.944   -6.198  -5.071  1.00 36.28 ? 34  SER A C   1 
ATOM   225  O O   . SER A 1 34  ? 5.811   -6.859  -5.671  1.00 31.20 ? 34  SER A O   1 
ATOM   226  C CB  . SER A 1 34  ? 6.113   -4.008  -5.240  1.00 37.42 ? 34  SER A CB  1 
ATOM   227  O OG  . SER A 1 34  ? 5.466   -3.944  -6.511  1.00 39.11 ? 34  SER A OG  1 
ATOM   228  N N   . THR A 1 35  ? 3.664   -6.551  -5.028  1.00 37.02 ? 35  THR A N   1 
ATOM   229  C CA  . THR A 1 35  ? 3.216   -7.746  -5.728  1.00 42.57 ? 35  THR A CA  1 
ATOM   230  C C   . THR A 1 35  ? 3.508   -7.587  -7.232  1.00 39.31 ? 35  THR A C   1 
ATOM   231  O O   . THR A 1 35  ? 4.029   -8.503  -7.875  1.00 38.17 ? 35  THR A O   1 
ATOM   232  C CB  . THR A 1 35  ? 1.683   -8.025  -5.452  1.00 44.32 ? 35  THR A CB  1 
ATOM   233  O OG1 . THR A 1 35  ? 0.876   -6.921  -5.894  1.00 40.74 ? 35  THR A OG1 1 
ATOM   234  C CG2 . THR A 1 35  ? 1.447   -8.214  -3.948  1.00 43.48 ? 35  THR A CG2 1 
ATOM   235  N N   . GLY A 1 36  ? 3.206   -6.410  -7.778  1.00 38.51 ? 36  GLY A N   1 
ATOM   236  C CA  . GLY A 1 36  ? 3.459   -6.172  -9.193  1.00 36.15 ? 36  GLY A CA  1 
ATOM   237  C C   . GLY A 1 36  ? 4.919   -6.367  -9.597  1.00 31.39 ? 36  GLY A C   1 
ATOM   238  O O   . GLY A 1 36  ? 5.210   -7.014  -10.608 1.00 30.87 ? 36  GLY A O   1 
ATOM   239  N N   . ASP A 1 37  ? 5.845   -5.800  -8.824  1.00 31.77 ? 37  ASP A N   1 
ATOM   240  C CA  . ASP A 1 37  ? 7.277   -5.929  -9.138  1.00 35.23 ? 37  ASP A CA  1 
ATOM   241  C C   . ASP A 1 37  ? 7.786   -7.372  -9.117  1.00 31.14 ? 37  ASP A C   1 
ATOM   242  O O   . ASP A 1 37  ? 8.514   -7.816  -10.014 1.00 33.49 ? 37  ASP A O   1 
ATOM   243  C CB  . ASP A 1 37  ? 8.120   -5.102  -8.158  1.00 34.66 ? 37  ASP A CB  1 
ATOM   244  C CG  . ASP A 1 37  ? 7.933   -3.603  -8.339  1.00 39.02 ? 37  ASP A CG  1 
ATOM   245  O OD1 . ASP A 1 37  ? 7.534   -3.193  -9.448  1.00 40.07 ? 37  ASP A OD1 1 
ATOM   246  O OD2 . ASP A 1 37  ? 8.195   -2.836  -7.380  1.00 38.68 ? 37  ASP A OD2 1 
ATOM   247  N N   . ILE A 1 38  ? 7.416   -8.109  -8.081  1.00 37.36 ? 38  ILE A N   1 
ATOM   248  C CA  . ILE A 1 38  ? 7.857   -9.499  -7.954  1.00 31.86 ? 38  ILE A CA  1 
ATOM   249  C C   . ILE A 1 38  ? 7.436   -10.325 -9.173  1.00 33.38 ? 38  ILE A C   1 
ATOM   250  O O   . ILE A 1 38  ? 8.242   -11.040 -9.783  1.00 32.06 ? 38  ILE A O   1 
ATOM   251  C CB  . ILE A 1 38  ? 7.266   -10.099 -6.650  1.00 44.84 ? 38  ILE A CB  1 
ATOM   252  C CG1 . ILE A 1 38  ? 7.674   -9.213  -5.469  1.00 44.34 ? 38  ILE A CG1 1 
ATOM   253  C CG2 . ILE A 1 38  ? 7.727   -11.526 -6.454  1.00 39.79 ? 38  ILE A CG2 1 
ATOM   254  C CD1 . ILE A 1 38  ? 6.922   -9.507  -4.184  1.00 45.74 ? 38  ILE A CD1 1 
ATOM   255  N N   . LEU A 1 39  ? 6.173   -10.202 -9.551  1.00 35.97 ? 39  LEU A N   1 
ATOM   256  C CA  . LEU A 1 39  ? 5.691   -10.958 -10.695 1.00 38.07 ? 39  LEU A CA  1 
ATOM   257  C C   . LEU A 1 39  ? 6.382   -10.542 -11.994 1.00 32.65 ? 39  LEU A C   1 
ATOM   258  O O   . LEU A 1 39  ? 6.767   -11.388 -12.792 1.00 29.02 ? 39  LEU A O   1 
ATOM   259  C CB  . LEU A 1 39  ? 4.181   -10.791 -10.829 1.00 45.47 ? 39  LEU A CB  1 
ATOM   260  C CG  . LEU A 1 39  ? 3.528   -11.765 -11.799 1.00 55.60 ? 39  LEU A CG  1 
ATOM   261  C CD1 . LEU A 1 39  ? 3.876   -13.198 -11.402 1.00 61.23 ? 39  LEU A CD1 1 
ATOM   262  C CD2 . LEU A 1 39  ? 2.029   -11.552 -11.783 1.00 65.35 ? 39  LEU A CD2 1 
ATOM   263  N N   . ARG A 1 40  ? 6.531   -9.239  -12.210 1.00 33.36 ? 40  ARG A N   1 
ATOM   264  C CA  . ARG A 1 40  ? 7.183   -8.771  -13.428 1.00 33.88 ? 40  ARG A CA  1 
ATOM   265  C C   . ARG A 1 40  ? 8.600   -9.331  -13.513 1.00 36.36 ? 40  ARG A C   1 
ATOM   266  O O   . ARG A 1 40  ? 9.062   -9.743  -14.587 1.00 34.82 ? 40  ARG A O   1 
ATOM   267  C CB  . ARG A 1 40  ? 7.209   -7.245  -13.451 1.00 33.73 ? 40  ARG A CB  1 
ATOM   268  C CG  . ARG A 1 40  ? 7.738   -6.655  -14.753 1.00 46.27 ? 40  ARG A CG  1 
ATOM   269  C CD  . ARG A 1 40  ? 7.580   -5.134  -14.773 1.00 51.21 ? 40  ARG A CD  1 
ATOM   270  N NE  . ARG A 1 40  ? 6.224   -4.721  -14.413 1.00 56.63 ? 40  ARG A NE  1 
ATOM   271  C CZ  . ARG A 1 40  ? 5.797   -4.520  -13.168 1.00 56.90 ? 40  ARG A CZ  1 
ATOM   272  N NH1 . ARG A 1 40  ? 6.623   -4.683  -12.140 1.00 59.55 ? 40  ARG A NH1 1 
ATOM   273  N NH2 . ARG A 1 40  ? 4.538   -4.168  -12.946 1.00 61.52 ? 40  ARG A NH2 1 
ATOM   274  N N   . ASP A 1 41  ? 9.277   -9.348  -12.365 1.00 38.41 ? 41  ASP A N   1 
ATOM   275  C CA  . ASP A 1 41  ? 10.632  -9.874  -12.246 1.00 38.52 ? 41  ASP A CA  1 
ATOM   276  C C   . ASP A 1 41  ? 10.654  -11.360 -12.633 1.00 38.52 ? 41  ASP A C   1 
ATOM   277  O O   . ASP A 1 41  ? 11.507  -11.800 -13.406 1.00 34.65 ? 41  ASP A O   1 
ATOM   278  C CB  . ASP A 1 41  ? 11.111  -9.696  -10.804 1.00 44.58 ? 41  ASP A CB  1 
ATOM   279  C CG  . ASP A 1 41  ? 12.619  -9.828  -10.666 1.00 56.68 ? 41  ASP A CG  1 
ATOM   280  O OD1 . ASP A 1 41  ? 13.352  -9.076  -11.352 1.00 50.46 ? 41  ASP A OD1 1 
ATOM   281  O OD2 . ASP A 1 41  ? 13.065  -10.680 -9.865  1.00 55.13 ? 41  ASP A OD2 1 
ATOM   282  N N   . HIS A 1 42  ? 9.711   -12.129 -12.088 1.00 37.80 ? 42  HIS A N   1 
ATOM   283  C CA  . HIS A 1 42  ? 9.601   -13.556 -12.401 1.00 33.04 ? 42  HIS A CA  1 
ATOM   284  C C   . HIS A 1 42  ? 9.410   -13.788 -13.901 1.00 35.57 ? 42  HIS A C   1 
ATOM   285  O O   . HIS A 1 42  ? 10.056  -14.648 -14.502 1.00 31.38 ? 42  HIS A O   1 
ATOM   286  C CB  . HIS A 1 42  ? 8.409   -14.156 -11.655 1.00 31.68 ? 42  HIS A CB  1 
ATOM   287  C CG  . HIS A 1 42  ? 8.748   -14.691 -10.303 1.00 28.61 ? 42  HIS A CG  1 
ATOM   288  N ND1 . HIS A 1 42  ? 9.524   -15.820 -10.129 1.00 35.69 ? 42  HIS A ND1 1 
ATOM   289  C CD2 . HIS A 1 42  ? 8.399   -14.277 -9.060  1.00 37.65 ? 42  HIS A CD2 1 
ATOM   290  C CE1 . HIS A 1 42  ? 9.634   -16.080 -8.838  1.00 30.90 ? 42  HIS A CE1 1 
ATOM   291  N NE2 . HIS A 1 42  ? 8.960   -15.159 -8.165  1.00 41.07 ? 42  HIS A NE2 1 
ATOM   292  N N   . VAL A 1 43  ? 8.497   -13.033 -14.508 1.00 29.19 ? 43  VAL A N   1 
ATOM   293  C CA  . VAL A 1 43  ? 8.253   -13.197 -15.927 1.00 24.14 ? 43  VAL A CA  1 
ATOM   294  C C   . VAL A 1 43  ? 9.472   -12.739 -16.706 1.00 31.62 ? 43  VAL A C   1 
ATOM   295  O O   . VAL A 1 43  ? 9.870   -13.390 -17.658 1.00 28.84 ? 43  VAL A O   1 
ATOM   296  C CB  . VAL A 1 43  ? 7.004   -12.381 -16.387 1.00 31.77 ? 43  VAL A CB  1 
ATOM   297  C CG1 . VAL A 1 43  ? 6.910   -12.354 -17.913 1.00 26.28 ? 43  VAL A CG1 1 
ATOM   298  C CG2 . VAL A 1 43  ? 5.747   -12.994 -15.786 1.00 27.38 ? 43  VAL A CG2 1 
ATOM   299  N N   . ALA A 1 44  ? 10.064  -11.620 -16.305 1.00 37.29 ? 44  ALA A N   1 
ATOM   300  C CA  . ALA A 1 44  ? 11.244  -11.126 -17.017 1.00 44.77 ? 44  ALA A CA  1 
ATOM   301  C C   . ALA A 1 44  ? 12.326  -12.206 -17.093 1.00 47.32 ? 44  ALA A C   1 
ATOM   302  O O   . ALA A 1 44  ? 12.782  -12.564 -18.180 1.00 47.33 ? 44  ALA A O   1 
ATOM   303  C CB  . ALA A 1 44  ? 11.791  -9.886  -16.335 1.00 42.08 ? 44  ALA A CB  1 
ATOM   304  N N   . ARG A 1 45  ? 12.718  -12.731 -15.935 1.00 46.88 ? 45  ARG A N   1 
ATOM   305  C CA  . ARG A 1 45  ? 13.749  -13.763 -15.864 1.00 47.65 ? 45  ARG A CA  1 
ATOM   306  C C   . ARG A 1 45  ? 13.329  -15.116 -16.421 1.00 47.78 ? 45  ARG A C   1 
ATOM   307  O O   . ARG A 1 45  ? 14.117  -16.060 -16.409 1.00 49.39 ? 45  ARG A O   1 
ATOM   308  C CB  . ARG A 1 45  ? 14.202  -13.963 -14.418 1.00 50.39 ? 45  ARG A CB  1 
ATOM   309  C CG  . ARG A 1 45  ? 14.883  -12.766 -13.787 1.00 59.37 ? 45  ARG A CG  1 
ATOM   310  C CD  . ARG A 1 45  ? 15.223  -13.068 -12.337 1.00 57.55 ? 45  ARG A CD  1 
ATOM   311  N NE  . ARG A 1 45  ? 15.947  -11.972 -11.706 1.00 67.29 ? 45  ARG A NE  1 
ATOM   312  C CZ  . ARG A 1 45  ? 16.154  -11.873 -10.397 1.00 69.85 ? 45  ARG A CZ  1 
ATOM   313  N NH1 . ARG A 1 45  ? 15.687  -12.807 -9.578  1.00 73.45 ? 45  ARG A NH1 1 
ATOM   314  N NH2 . ARG A 1 45  ? 16.823  -10.840 -9.905  1.00 65.49 ? 45  ARG A NH2 1 
ATOM   315  N N   . GLY A 1 46  ? 12.089  -15.229 -16.886 1.00 47.06 ? 46  GLY A N   1 
ATOM   316  C CA  . GLY A 1 46  ? 11.636  -16.499 -17.432 1.00 43.56 ? 46  GLY A CA  1 
ATOM   317  C C   . GLY A 1 46  ? 11.680  -17.647 -16.422 1.00 45.14 ? 46  GLY A C   1 
ATOM   318  O O   . GLY A 1 46  ? 11.948  -18.791 -16.782 1.00 49.60 ? 46  GLY A O   1 
ATOM   319  N N   . THR A 1 47  ? 11.414  -17.350 -15.156 1.00 45.50 ? 47  THR A N   1 
ATOM   320  C CA  . THR A 1 47  ? 11.425  -18.387 -14.129 1.00 38.48 ? 47  THR A CA  1 
ATOM   321  C C   . THR A 1 47  ? 10.283  -19.362 -14.339 1.00 38.46 ? 47  THR A C   1 
ATOM   322  O O   . THR A 1 47  ? 9.353   -19.111 -15.117 1.00 37.95 ? 47  THR A O   1 
ATOM   323  C CB  . THR A 1 47  ? 11.312  -17.780 -12.707 1.00 43.15 ? 47  THR A CB  1 
ATOM   324  O OG1 . THR A 1 47  ? 9.989   -17.272 -12.489 1.00 43.57 ? 47  THR A OG1 1 
ATOM   325  C CG2 . THR A 1 47  ? 12.311  -16.644 -12.539 1.00 31.13 ? 47  THR A CG2 1 
ATOM   326  N N   . PRO A 1 48  ? 10.352  -20.528 -13.677 1.00 37.41 ? 48  PRO A N   1 
ATOM   327  C CA  . PRO A 1 48  ? 9.272   -21.504 -13.836 1.00 28.77 ? 48  PRO A CA  1 
ATOM   328  C C   . PRO A 1 48  ? 7.915   -20.887 -13.427 1.00 26.80 ? 48  PRO A C   1 
ATOM   329  O O   . PRO A 1 48  ? 6.870   -21.131 -14.057 1.00 26.56 ? 48  PRO A O   1 
ATOM   330  C CB  . PRO A 1 48  ? 9.715   -22.645 -12.914 1.00 35.92 ? 48  PRO A CB  1 
ATOM   331  C CG  . PRO A 1 48  ? 11.240  -22.582 -13.080 1.00 38.68 ? 48  PRO A CG  1 
ATOM   332  C CD  . PRO A 1 48  ? 11.497  -21.108 -12.947 1.00 32.67 ? 48  PRO A CD  1 
ATOM   333  N N   . LEU A 1 49  ? 7.949   -20.084 -12.372 1.00 26.62 ? 49  LEU A N   1 
ATOM   334  C CA  . LEU A 1 49  ? 6.746   -19.405 -11.887 1.00 27.92 ? 49  LEU A CA  1 
ATOM   335  C C   . LEU A 1 49  ? 6.334   -18.367 -12.968 1.00 22.55 ? 49  LEU A C   1 
ATOM   336  O O   . LEU A 1 49  ? 5.165   -18.268 -13.333 1.00 22.06 ? 49  LEU A O   1 
ATOM   337  C CB  . LEU A 1 49  ? 7.060   -18.725 -10.547 1.00 28.77 ? 49  LEU A CB  1 
ATOM   338  C CG  . LEU A 1 49  ? 5.967   -17.937 -9.820  1.00 38.83 ? 49  LEU A CG  1 
ATOM   339  C CD1 . LEU A 1 49  ? 4.729   -18.773 -9.644  1.00 30.57 ? 49  LEU A CD1 1 
ATOM   340  C CD2 . LEU A 1 49  ? 6.501   -17.499 -8.472  1.00 49.53 ? 49  LEU A CD2 1 
ATOM   341  N N   . GLY A 1 50  ? 7.302   -17.628 -13.500 1.00 28.50 ? 50  GLY A N   1 
ATOM   342  C CA  . GLY A 1 50  ? 6.982   -16.656 -14.541 1.00 25.38 ? 50  GLY A CA  1 
ATOM   343  C C   . GLY A 1 50  ? 6.306   -17.292 -15.750 1.00 26.19 ? 50  GLY A C   1 
ATOM   344  O O   . GLY A 1 50  ? 5.331   -16.758 -16.295 1.00 25.05 ? 50  GLY A O   1 
ATOM   345  N N   . GLU A 1 51  ? 6.795   -18.449 -16.186 1.00 28.68 ? 51  GLU A N   1 
ATOM   346  C CA  . GLU A 1 51  ? 6.176   -19.104 -17.343 1.00 30.22 ? 51  GLU A CA  1 
ATOM   347  C C   . GLU A 1 51  ? 4.761   -19.602 -17.066 1.00 29.75 ? 51  GLU A C   1 
ATOM   348  O O   . GLU A 1 51  ? 3.953   -19.739 -17.991 1.00 30.99 ? 51  GLU A O   1 
ATOM   349  C CB  . GLU A 1 51  ? 7.058   -20.246 -17.852 1.00 32.92 ? 51  GLU A CB  1 
ATOM   350  C CG  . GLU A 1 51  ? 8.364   -19.755 -18.478 1.00 40.71 ? 51  GLU A CG  1 
ATOM   351  C CD  . GLU A 1 51  ? 8.157   -18.639 -19.518 1.00 52.17 ? 51  GLU A CD  1 
ATOM   352  O OE1 . GLU A 1 51  ? 7.286   -18.783 -20.407 1.00 52.07 ? 51  GLU A OE1 1 
ATOM   353  O OE2 . GLU A 1 51  ? 8.875   -17.615 -19.447 1.00 54.74 ? 51  GLU A OE2 1 
ATOM   354  N N   . ARG A 1 52  ? 4.446   -19.855 -15.798 1.00 29.26 ? 52  ARG A N   1 
ATOM   355  C CA  . ARG A 1 52  ? 3.099   -20.310 -15.440 1.00 28.25 ? 52  ARG A CA  1 
ATOM   356  C C   . ARG A 1 52  ? 2.113   -19.141 -15.429 1.00 25.93 ? 52  ARG A C   1 
ATOM   357  O O   . ARG A 1 52  ? 0.956   -19.281 -15.830 1.00 27.55 ? 52  ARG A O   1 
ATOM   358  C CB  . ARG A 1 52  ? 3.126   -20.951 -14.053 1.00 37.98 ? 52  ARG A CB  1 
ATOM   359  C CG  . ARG A 1 52  ? 3.867   -22.270 -14.003 1.00 42.27 ? 52  ARG A CG  1 
ATOM   360  C CD  . ARG A 1 52  ? 2.892   -23.414 -14.102 1.00 36.12 ? 52  ARG A CD  1 
ATOM   361  N NE  . ARG A 1 52  ? 1.963   -23.374 -12.975 1.00 38.81 ? 52  ARG A NE  1 
ATOM   362  C CZ  . ARG A 1 52  ? 0.935   -24.198 -12.830 1.00 46.32 ? 52  ARG A CZ  1 
ATOM   363  N NH1 . ARG A 1 52  ? 0.700   -25.128 -13.750 1.00 37.16 ? 52  ARG A NH1 1 
ATOM   364  N NH2 . ARG A 1 52  ? 0.153   -24.096 -11.762 1.00 41.55 ? 52  ARG A NH2 1 
ATOM   365  N N   . VAL A 1 53  ? 2.583   -17.982 -14.974 1.00 29.17 ? 53  VAL A N   1 
ATOM   366  C CA  . VAL A 1 53  ? 1.726   -16.810 -14.904 1.00 27.06 ? 53  VAL A CA  1 
ATOM   367  C C   . VAL A 1 53  ? 1.639   -16.057 -16.233 1.00 27.29 ? 53  VAL A C   1 
ATOM   368  O O   . VAL A 1 53  ? 0.682   -15.321 -16.460 1.00 25.80 ? 53  VAL A O   1 
ATOM   369  C CB  . VAL A 1 53  ? 2.174   -15.804 -13.777 1.00 35.49 ? 53  VAL A CB  1 
ATOM   370  C CG1 . VAL A 1 53  ? 2.428   -16.555 -12.463 1.00 44.47 ? 53  VAL A CG1 1 
ATOM   371  C CG2 . VAL A 1 53  ? 3.416   -15.030 -14.194 1.00 33.37 ? 53  VAL A CG2 1 
ATOM   372  N N   . ARG A 1 54  ? 2.625   -16.232 -17.108 1.00 30.13 ? 54  ARG A N   1 
ATOM   373  C CA  . ARG A 1 54  ? 2.603   -15.541 -18.399 1.00 26.07 ? 54  ARG A CA  1 
ATOM   374  C C   . ARG A 1 54  ? 1.271   -15.676 -19.124 1.00 27.79 ? 54  ARG A C   1 
ATOM   375  O O   . ARG A 1 54  ? 0.693   -14.672 -19.563 1.00 28.22 ? 54  ARG A O   1 
ATOM   376  C CB  . ARG A 1 54  ? 3.753   -16.026 -19.313 1.00 28.90 ? 54  ARG A CB  1 
ATOM   377  C CG  . ARG A 1 54  ? 3.597   -15.628 -20.789 1.00 30.03 ? 54  ARG A CG  1 
ATOM   378  C CD  . ARG A 1 54  ? 4.802   -16.083 -21.649 1.00 25.27 ? 54  ARG A CD  1 
ATOM   379  N NE  . ARG A 1 54  ? 5.968   -15.288 -21.303 1.00 25.63 ? 54  ARG A NE  1 
ATOM   380  C CZ  . ARG A 1 54  ? 6.159   -14.046 -21.741 1.00 30.33 ? 54  ARG A CZ  1 
ATOM   381  N NH1 . ARG A 1 54  ? 5.263   -13.504 -22.549 1.00 23.81 ? 54  ARG A NH1 1 
ATOM   382  N NH2 . ARG A 1 54  ? 7.206   -13.336 -21.342 1.00 27.07 ? 54  ARG A NH2 1 
ATOM   383  N N   . PRO A 1 55  ? 0.740   -16.905 -19.241 1.00 27.51 ? 55  PRO A N   1 
ATOM   384  C CA  . PRO A 1 55  ? -0.541  -17.088 -19.940 1.00 30.85 ? 55  PRO A CA  1 
ATOM   385  C C   . PRO A 1 55  ? -1.729  -16.343 -19.334 1.00 30.28 ? 55  PRO A C   1 
ATOM   386  O O   . PRO A 1 55  ? -2.624  -15.885 -20.053 1.00 36.37 ? 55  PRO A O   1 
ATOM   387  C CB  . PRO A 1 55  ? -0.728  -18.608 -19.927 1.00 35.32 ? 55  PRO A CB  1 
ATOM   388  C CG  . PRO A 1 55  ? 0.019   -19.045 -18.727 1.00 39.51 ? 55  PRO A CG  1 
ATOM   389  C CD  . PRO A 1 55  ? 1.262   -18.197 -18.762 1.00 32.75 ? 55  PRO A CD  1 
ATOM   390  N N   . ILE A 1 56  ? -1.737  -16.221 -18.008 1.00 28.84 ? 56  ILE A N   1 
ATOM   391  C CA  . ILE A 1 56  ? -2.823  -15.525 -17.320 1.00 22.79 ? 56  ILE A CA  1 
ATOM   392  C C   . ILE A 1 56  ? -2.772  -14.071 -17.731 1.00 21.51 ? 56  ILE A C   1 
ATOM   393  O O   . ILE A 1 56  ? -3.789  -13.469 -18.069 1.00 30.01 ? 56  ILE A O   1 
ATOM   394  C CB  . ILE A 1 56  ? -2.630  -15.624 -15.771 1.00 24.69 ? 56  ILE A CB  1 
ATOM   395  C CG1 . ILE A 1 56  ? -2.763  -17.088 -15.333 1.00 27.61 ? 56  ILE A CG1 1 
ATOM   396  C CG2 . ILE A 1 56  ? -3.657  -14.731 -15.037 1.00 32.23 ? 56  ILE A CG2 1 
ATOM   397  C CD1 . ILE A 1 56  ? -2.335  -17.345 -13.890 1.00 31.79 ? 56  ILE A CD1 1 
ATOM   398  N N   . MET A 1 57  ? -1.566  -13.518 -17.716 1.00 24.20 ? 57  MET A N   1 
ATOM   399  C CA  . MET A 1 57  ? -1.371  -12.124 -18.055 1.00 23.89 ? 57  MET A CA  1 
ATOM   400  C C   . MET A 1 57  ? -1.710  -11.829 -19.508 1.00 29.28 ? 57  MET A C   1 
ATOM   401  O O   . MET A 1 57  ? -2.355  -10.818 -19.793 1.00 25.60 ? 57  MET A O   1 
ATOM   402  C CB  . MET A 1 57  ? 0.071   -11.712 -17.752 1.00 23.60 ? 57  MET A CB  1 
ATOM   403  C CG  . MET A 1 57  ? 0.342   -11.572 -16.246 1.00 25.73 ? 57  MET A CG  1 
ATOM   404  S SD  . MET A 1 57  ? 2.113   -11.461 -15.926 1.00 38.76 ? 57  MET A SD  1 
ATOM   405  C CE  . MET A 1 57  ? 2.453   -9.848  -16.449 1.00 44.37 ? 57  MET A CE  1 
ATOM   406  N N   . GLU A 1 58  ? -1.302  -12.707 -20.418 1.00 30.30 ? 58  GLU A N   1 
ATOM   407  C CA  . GLU A 1 58  ? -1.559  -12.496 -21.850 1.00 40.41 ? 58  GLU A CA  1 
ATOM   408  C C   . GLU A 1 58  ? -3.054  -12.552 -22.176 1.00 41.85 ? 58  GLU A C   1 
ATOM   409  O O   . GLU A 1 58  ? -3.549  -11.797 -23.041 1.00 45.56 ? 58  GLU A O   1 
ATOM   410  C CB  . GLU A 1 58  ? -0.801  -13.538 -22.686 1.00 36.18 ? 58  GLU A CB  1 
ATOM   411  C CG  . GLU A 1 58  ? 0.717   -13.484 -22.494 1.00 38.21 ? 58  GLU A CG  1 
ATOM   412  C CD  . GLU A 1 58  ? 1.473   -14.420 -23.437 1.00 53.10 ? 58  GLU A CD  1 
ATOM   413  O OE1 . GLU A 1 58  ? 0.909   -15.471 -23.816 1.00 54.50 ? 58  GLU A OE1 1 
ATOM   414  O OE2 . GLU A 1 58  ? 2.641   -14.118 -23.786 1.00 38.44 ? 58  GLU A OE2 1 
ATOM   415  N N   . ARG A 1 59  ? -3.780  -13.434 -21.492 1.00 42.51 ? 59  ARG A N   1 
ATOM   416  C CA  . ARG A 1 59  ? -5.199  -13.538 -21.724 1.00 46.41 ? 59  ARG A CA  1 
ATOM   417  C C   . ARG A 1 59  ? -5.890  -12.324 -21.131 1.00 45.95 ? 59  ARG A C   1 
ATOM   418  O O   . ARG A 1 59  ? -7.130  -12.195 -21.247 1.00 51.03 ? 59  ARG A O   1 
ATOM   419  C CB  . ARG A 1 59  ? -5.734  -14.797 -21.058 1.00 51.35 ? 59  ARG A CB  1 
ATOM   420  C CG  . ARG A 1 59  ? -5.281  -16.039 -21.750 1.00 55.59 ? 59  ARG A CG  1 
ATOM   421  C CD  . ARG A 1 59  ? -5.831  -17.239 -21.025 1.00 59.69 ? 59  ARG A CD  1 
ATOM   422  N NE  . ARG A 1 59  ? -5.222  -17.380 -19.711 1.00 64.00 ? 59  ARG A NE  1 
ATOM   423  C CZ  . ARG A 1 59  ? -5.596  -18.275 -18.806 1.00 67.76 ? 59  ARG A CZ  1 
ATOM   424  N NH1 . ARG A 1 59  ? -6.589  -19.112 -19.077 1.00 74.44 ? 59  ARG A NH1 1 
ATOM   425  N NH2 . ARG A 1 59  ? -4.972  -18.341 -17.637 1.00 74.49 ? 59  ARG A NH2 1 
ATOM   426  N N   . GLY A 1 60  ? -5.155  -11.429 -20.473 1.00 45.97 ? 60  GLY A N   1 
ATOM   427  C CA  . GLY A 1 60  ? -5.850  -10.282 -19.939 1.00 43.61 ? 60  GLY A CA  1 
ATOM   428  C C   . GLY A 1 60  ? -6.547  -10.553 -18.617 1.00 40.88 ? 60  GLY A C   1 
ATOM   429  O O   . GLY A 1 60  ? -7.243  -9.672  -18.092 1.00 44.33 ? 60  GLY A O   1 
ATOM   430  N N   . ASP A 1 61  ? -6.350  -11.744 -18.062 1.00 34.83 ? 61  ASP A N   1 
ATOM   431  C CA  . ASP A 1 61  ? -6.934  -12.073 -16.770 1.00 37.54 ? 61  ASP A CA  1 
ATOM   432  C C   . ASP A 1 61  ? -6.158  -11.391 -15.632 1.00 36.07 ? 61  ASP A C   1 
ATOM   433  O O   . ASP A 1 61  ? -5.047  -10.891 -15.834 1.00 35.67 ? 61  ASP A O   1 
ATOM   434  C CB  . ASP A 1 61  ? -6.895  -13.582 -16.539 1.00 38.62 ? 61  ASP A CB  1 
ATOM   435  C CG  . ASP A 1 61  ? -7.862  -14.348 -17.426 1.00 43.54 ? 61  ASP A CG  1 
ATOM   436  O OD1 . ASP A 1 61  ? -8.748  -13.732 -18.045 1.00 48.00 ? 61  ASP A OD1 1 
ATOM   437  O OD2 . ASP A 1 61  ? -7.738  -15.590 -17.482 1.00 51.83 ? 61  ASP A OD2 1 
ATOM   438  N N   . LEU A 1 62  ? -6.742  -11.349 -14.436 1.00 35.46 ? 62  LEU A N   1 
ATOM   439  C CA  . LEU A 1 62  ? -6.034  -10.786 -13.295 1.00 33.85 ? 62  LEU A CA  1 
ATOM   440  C C   . LEU A 1 62  ? -5.365  -11.975 -12.584 1.00 24.84 ? 62  LEU A C   1 
ATOM   441  O O   . LEU A 1 62  ? -5.907  -13.078 -12.594 1.00 28.28 ? 62  LEU A O   1 
ATOM   442  C CB  . LEU A 1 62  ? -6.997  -10.121 -12.314 1.00 36.33 ? 62  LEU A CB  1 
ATOM   443  C CG  . LEU A 1 62  ? -7.902  -8.984  -12.794 1.00 48.05 ? 62  LEU A CG  1 
ATOM   444  C CD1 . LEU A 1 62  ? -8.781  -8.552  -11.623 1.00 44.76 ? 62  LEU A CD1 1 
ATOM   445  C CD2 . LEU A 1 62  ? -7.073  -7.810  -13.312 1.00 45.73 ? 62  LEU A CD2 1 
ATOM   446  N N   . VAL A 1 63  ? -4.203  -11.755 -11.975 1.00 27.13 ? 63  VAL A N   1 
ATOM   447  C CA  . VAL A 1 63  ? -3.539  -12.839 -11.248 1.00 27.23 ? 63  VAL A CA  1 
ATOM   448  C C   . VAL A 1 63  ? -4.406  -13.141 -10.032 1.00 27.17 ? 63  VAL A C   1 
ATOM   449  O O   . VAL A 1 63  ? -4.756  -12.228 -9.284  1.00 24.25 ? 63  VAL A O   1 
ATOM   450  C CB  . VAL A 1 63  ? -2.130  -12.429 -10.786 1.00 27.34 ? 63  VAL A CB  1 
ATOM   451  C CG1 . VAL A 1 63  ? -1.506  -13.565 -9.945  1.00 21.43 ? 63  VAL A CG1 1 
ATOM   452  C CG2 . VAL A 1 63  ? -1.266  -12.126 -12.003 1.00 32.65 ? 63  VAL A CG2 1 
ATOM   453  N N   . PRO A 1 64  ? -4.788  -14.418 -9.839  1.00 26.25 ? 64  PRO A N   1 
ATOM   454  C CA  . PRO A 1 64  ? -5.628  -14.851 -8.718  1.00 25.06 ? 64  PRO A CA  1 
ATOM   455  C C   . PRO A 1 64  ? -5.046  -14.510 -7.354  1.00 22.13 ? 64  PRO A C   1 
ATOM   456  O O   . PRO A 1 64  ? -3.823  -14.492 -7.157  1.00 20.11 ? 64  PRO A O   1 
ATOM   457  C CB  . PRO A 1 64  ? -5.756  -16.357 -8.939  1.00 27.18 ? 64  PRO A CB  1 
ATOM   458  C CG  . PRO A 1 64  ? -4.448  -16.690 -9.569  1.00 38.73 ? 64  PRO A CG  1 
ATOM   459  C CD  . PRO A 1 64  ? -4.300  -15.592 -10.590 1.00 29.31 ? 64  PRO A CD  1 
ATOM   460  N N   . ASP A 1 65  ? -5.927  -14.239 -6.409  1.00 18.93 ? 65  ASP A N   1 
ATOM   461  C CA  . ASP A 1 65  ? -5.475  -13.908 -5.082  1.00 20.66 ? 65  ASP A CA  1 
ATOM   462  C C   . ASP A 1 65  ? -4.620  -15.023 -4.501  1.00 18.98 ? 65  ASP A C   1 
ATOM   463  O O   . ASP A 1 65  ? -3.685  -14.753 -3.765  1.00 18.38 ? 65  ASP A O   1 
ATOM   464  C CB  . ASP A 1 65  ? -6.661  -13.666 -4.129  1.00 20.76 ? 65  ASP A CB  1 
ATOM   465  C CG  . ASP A 1 65  ? -7.297  -12.302 -4.316  1.00 22.51 ? 65  ASP A CG  1 
ATOM   466  O OD1 . ASP A 1 65  ? -6.707  -11.458 -5.007  1.00 18.50 ? 65  ASP A OD1 1 
ATOM   467  O OD2 . ASP A 1 65  ? -8.391  -12.074 -3.752  1.00 26.97 ? 65  ASP A OD2 1 
ATOM   468  N N   . ASP A 1 66  ? -4.907  -16.278 -4.828  1.00 18.03 ? 66  ASP A N   1 
ATOM   469  C CA  . ASP A 1 66  ? -4.098  -17.315 -4.194  1.00 23.20 ? 66  ASP A CA  1 
ATOM   470  C C   . ASP A 1 66  ? -2.636  -17.264 -4.597  1.00 17.34 ? 66  ASP A C   1 
ATOM   471  O O   . ASP A 1 66  ? -1.737  -17.598 -3.807  1.00 17.97 ? 66  ASP A O   1 
ATOM   472  C CB  . ASP A 1 66  ? -4.712  -18.692 -4.433  1.00 26.14 ? 66  ASP A CB  1 
ATOM   473  C CG  . ASP A 1 66  ? -4.755  -19.076 -5.889  1.00 41.38 ? 66  ASP A CG  1 
ATOM   474  O OD1 . ASP A 1 66  ? -4.618  -18.190 -6.762  1.00 44.29 ? 66  ASP A OD1 1 
ATOM   475  O OD2 . ASP A 1 66  ? -4.941  -20.285 -6.156  1.00 50.17 ? 66  ASP A OD2 1 
ATOM   476  N N   . LEU A 1 67  ? -2.378  -16.813 -5.813  1.00 19.96 ? 67  LEU A N   1 
ATOM   477  C CA  . LEU A 1 67  ? -1.004  -16.708 -6.280  1.00 21.01 ? 67  LEU A CA  1 
ATOM   478  C C   . LEU A 1 67  ? -0.333  -15.487 -5.647  1.00 20.01 ? 67  LEU A C   1 
ATOM   479  O O   . LEU A 1 67  ? 0.829   -15.522 -5.269  1.00 15.45 ? 67  LEU A O   1 
ATOM   480  C CB  . LEU A 1 67  ? -1.008  -16.610 -7.809  1.00 27.94 ? 67  LEU A CB  1 
ATOM   481  C CG  . LEU A 1 67  ? 0.384   -16.563 -8.424  1.00 34.58 ? 67  LEU A CG  1 
ATOM   482  C CD1 . LEU A 1 67  ? 1.168   -17.768 -7.945  1.00 27.49 ? 67  LEU A CD1 1 
ATOM   483  C CD2 . LEU A 1 67  ? 0.272   -16.553 -9.938  1.00 43.42 ? 67  LEU A CD2 1 
ATOM   484  N N   . ILE A 1 68  ? -1.066  -14.386 -5.522  1.00 18.53 ? 68  ILE A N   1 
ATOM   485  C CA  . ILE A 1 68  ? -0.507  -13.193 -4.895  1.00 15.17 ? 68  ILE A CA  1 
ATOM   486  C C   . ILE A 1 68  ? -0.127  -13.508 -3.427  1.00 10.16 ? 68  ILE A C   1 
ATOM   487  O O   . ILE A 1 68  ? 0.931   -13.125 -2.957  1.00 12.84 ? 68  ILE A O   1 
ATOM   488  C CB  . ILE A 1 68  ? -1.564  -12.050 -4.899  1.00 18.85 ? 68  ILE A CB  1 
ATOM   489  C CG1 . ILE A 1 68  ? -1.863  -11.645 -6.350  1.00 22.60 ? 68  ILE A CG1 1 
ATOM   490  C CG2 . ILE A 1 68  ? -1.070  -10.872 -4.069  1.00 17.74 ? 68  ILE A CG2 1 
ATOM   491  C CD1 . ILE A 1 68  ? -2.936  -10.593 -6.472  1.00 32.67 ? 68  ILE A CD1 1 
ATOM   492  N N   . LEU A 1 69  ? -1.023  -14.165 -2.700  1.00 11.04 ? 69  LEU A N   1 
ATOM   493  C CA  . LEU A 1 69  ? -0.723  -14.507 -1.313  1.00 12.09 ? 69  LEU A CA  1 
ATOM   494  C C   . LEU A 1 69  ? 0.439   -15.517 -1.242  1.00 16.21 ? 69  LEU A C   1 
ATOM   495  O O   . LEU A 1 69  ? 1.223   -15.466 -0.321  1.00 14.76 ? 69  LEU A O   1 
ATOM   496  C CB  . LEU A 1 69  ? -1.966  -15.064 -0.611  1.00 15.37 ? 69  LEU A CB  1 
ATOM   497  C CG  . LEU A 1 69  ? -2.922  -14.010 0.017   1.00 14.36 ? 69  LEU A CG  1 
ATOM   498  C CD1 . LEU A 1 69  ? -2.267  -13.430 1.224   1.00 17.86 ? 69  LEU A CD1 1 
ATOM   499  C CD2 . LEU A 1 69  ? -3.271  -12.905 -0.991  1.00 14.24 ? 69  LEU A CD2 1 
ATOM   500  N N   . GLU A 1 70  ? 0.527   -16.429 -2.212  1.00 17.71 ? 70  GLU A N   1 
ATOM   501  C CA  . GLU A 1 70  ? 1.651   -17.375 -2.252  1.00 16.72 ? 70  GLU A CA  1 
ATOM   502  C C   . GLU A 1 70  ? 2.980   -16.598 -2.395  1.00 16.54 ? 70  GLU A C   1 
ATOM   503  O O   . GLU A 1 70  ? 3.973   -16.885 -1.697  1.00 19.59 ? 70  GLU A O   1 
ATOM   504  C CB  . GLU A 1 70  ? 1.490   -18.345 -3.428  1.00 17.56 ? 70  GLU A CB  1 
ATOM   505  C CG  . GLU A 1 70  ? 2.792   -19.185 -3.712  1.00 22.20 ? 70  GLU A CG  1 
ATOM   506  C CD  . GLU A 1 70  ? 3.148   -20.092 -2.562  1.00 17.85 ? 70  GLU A CD  1 
ATOM   507  O OE1 . GLU A 1 70  ? 2.207   -20.548 -1.876  1.00 17.65 ? 70  GLU A OE1 1 
ATOM   508  O OE2 . GLU A 1 70  ? 4.350   -20.384 -2.347  1.00 19.16 ? 70  GLU A OE2 1 
ATOM   509  N N   . LEU A 1 71  ? 3.001   -15.617 -3.301  1.00 15.65 ? 71  LEU A N   1 
ATOM   510  C CA  . LEU A 1 71  ? 4.203   -14.804 -3.496  1.00 14.93 ? 71  LEU A CA  1 
ATOM   511  C C   . LEU A 1 71  ? 4.558   -14.025 -2.246  1.00 18.59 ? 71  LEU A C   1 
ATOM   512  O O   . LEU A 1 71  ? 5.724   -13.851 -1.937  1.00 16.53 ? 71  LEU A O   1 
ATOM   513  C CB  . LEU A 1 71  ? 4.027   -13.836 -4.660  1.00 15.34 ? 71  LEU A CB  1 
ATOM   514  C CG  . LEU A 1 71  ? 4.022   -14.486 -6.042  1.00 25.46 ? 71  LEU A CG  1 
ATOM   515  C CD1 . LEU A 1 71  ? 3.805   -13.436 -7.120  1.00 31.07 ? 71  LEU A CD1 1 
ATOM   516  C CD2 . LEU A 1 71  ? 5.344   -15.225 -6.262  1.00 26.63 ? 71  LEU A CD2 1 
ATOM   517  N N   . ILE A 1 72  ? 3.549   -13.504 -1.544  1.00 14.69 ? 72  ILE A N   1 
ATOM   518  C CA  . ILE A 1 72  ? 3.841   -12.791 -0.314  1.00 12.93 ? 72  ILE A CA  1 
ATOM   519  C C   . ILE A 1 72  ? 4.431   -13.769 0.728   1.00 12.82 ? 72  ILE A C   1 
ATOM   520  O O   . ILE A 1 72  ? 5.394   -13.433 1.456   1.00 17.81 ? 72  ILE A O   1 
ATOM   521  C CB  . ILE A 1 72  ? 2.551   -12.121 0.235   1.00 16.49 ? 72  ILE A CB  1 
ATOM   522  C CG1 . ILE A 1 72  ? 2.138   -10.988 -0.710  1.00 16.68 ? 72  ILE A CG1 1 
ATOM   523  C CG2 . ILE A 1 72  ? 2.799   -11.588 1.665   1.00 12.10 ? 72  ILE A CG2 1 
ATOM   524  C CD1 . ILE A 1 72  ? 0.731   -10.390 -0.378  1.00 12.69 ? 72  ILE A CD1 1 
ATOM   525  N N   . ARG A 1 73  ? 3.886   -14.980 0.803   1.00 14.93 ? 73  ARG A N   1 
ATOM   526  C CA  . ARG A 1 73  ? 4.437   -15.947 1.773   1.00 14.97 ? 73  ARG A CA  1 
ATOM   527  C C   . ARG A 1 73  ? 5.915   -16.232 1.406   1.00 16.41 ? 73  ARG A C   1 
ATOM   528  O O   . ARG A 1 73  ? 6.804   -16.294 2.279   1.00 18.89 ? 73  ARG A O   1 
ATOM   529  C CB  . ARG A 1 73  ? 3.603   -17.252 1.762   1.00 14.75 ? 73  ARG A CB  1 
ATOM   530  C CG  . ARG A 1 73  ? 4.071   -18.330 2.813   1.00 17.95 ? 73  ARG A CG  1 
ATOM   531  C CD  . ARG A 1 73  ? 3.019   -19.442 3.075   1.00 18.58 ? 73  ARG A CD  1 
ATOM   532  N NE  . ARG A 1 73  ? 2.665   -20.255 1.912   1.00 26.55 ? 73  ARG A NE  1 
ATOM   533  C CZ  . ARG A 1 73  ? 1.632   -21.098 1.877   1.00 32.07 ? 73  ARG A CZ  1 
ATOM   534  N NH1 . ARG A 1 73  ? 0.853   -21.236 2.939   1.00 33.41 ? 73  ARG A NH1 1 
ATOM   535  N NH2 . ARG A 1 73  ? 1.375   -21.800 0.781   1.00 28.02 ? 73  ARG A NH2 1 
ATOM   536  N N   . GLU A 1 74  ? 6.187   -16.403 0.120   1.00 17.97 ? 74  GLU A N   1 
ATOM   537  C CA  . GLU A 1 74  ? 7.579   -16.674 -0.342  1.00 16.44 ? 74  GLU A CA  1 
ATOM   538  C C   . GLU A 1 74  ? 8.538   -15.526 -0.054  1.00 22.95 ? 74  GLU A C   1 
ATOM   539  O O   . GLU A 1 74  ? 9.772   -15.708 -0.027  1.00 20.28 ? 74  GLU A O   1 
ATOM   540  C CB  . GLU A 1 74  ? 7.577   -16.943 -1.840  1.00 16.11 ? 74  GLU A CB  1 
ATOM   541  C CG  . GLU A 1 74  ? 6.813   -18.211 -2.206  1.00 16.64 ? 74  GLU A CG  1 
ATOM   542  C CD  . GLU A 1 74  ? 6.788   -18.455 -3.712  1.00 17.78 ? 74  GLU A CD  1 
ATOM   543  O OE1 . GLU A 1 74  ? 7.635   -17.864 -4.441  1.00 18.57 ? 74  GLU A OE1 1 
ATOM   544  O OE2 . GLU A 1 74  ? 5.934   -19.261 -4.172  1.00 17.46 ? 74  GLU A OE2 1 
ATOM   545  N N   . GLU A 1 75  ? 7.940   -14.340 0.146   1.00 19.76 ? 75  GLU A N   1 
ATOM   546  C CA  . GLU A 1 75  ? 8.629   -13.079 0.413   1.00 26.45 ? 75  GLU A CA  1 
ATOM   547  C C   . GLU A 1 75  ? 8.571   -12.579 1.841   1.00 35.39 ? 75  GLU A C   1 
ATOM   548  O O   . GLU A 1 75  ? 9.294   -11.641 2.166   1.00 34.95 ? 75  GLU A O   1 
ATOM   549  C CB  . GLU A 1 75  ? 8.070   -11.956 -0.477  1.00 33.64 ? 75  GLU A CB  1 
ATOM   550  C CG  . GLU A 1 75  ? 8.293   -12.095 -1.967  1.00 43.80 ? 75  GLU A CG  1 
ATOM   551  C CD  . GLU A 1 75  ? 9.697   -11.708 -2.377  1.00 43.66 ? 75  GLU A CD  1 
ATOM   552  O OE1 . GLU A 1 75  ? 10.183  -10.643 -1.919  1.00 35.83 ? 75  GLU A OE1 1 
ATOM   553  O OE2 . GLU A 1 75  ? 10.303  -12.471 -3.156  1.00 48.61 ? 75  GLU A OE2 1 
ATOM   554  N N   . LEU A 1 76  ? 7.735   -13.165 2.700   1.00 35.01 ? 76  LEU A N   1 
ATOM   555  C CA  . LEU A 1 76  ? 7.705   -12.673 4.067   1.00 32.53 ? 76  LEU A CA  1 
ATOM   556  C C   . LEU A 1 76  ? 9.151   -12.861 4.561   1.00 40.35 ? 76  LEU A C   1 
ATOM   557  O O   . LEU A 1 76  ? 9.898   -13.761 4.162   1.00 41.21 ? 76  LEU A O   1 
ATOM   558  C CB  . LEU A 1 76  ? 6.815   -13.452 5.036   1.00 40.20 ? 76  LEU A CB  1 
ATOM   559  C CG  . LEU A 1 76  ? 5.317   -13.183 4.945   1.00 38.83 ? 76  LEU A CG  1 
ATOM   560  C CD1 . LEU A 1 76  ? 4.590   -14.125 5.885   1.00 46.42 ? 76  LEU A CD1 1 
ATOM   561  C CD2 . LEU A 1 76  ? 4.984   -11.741 5.256   1.00 34.06 ? 76  LEU A CD2 1 
ATOM   562  N N   . ALA A 1 77  ? 9.455   -11.939 5.458   1.00 34.67 ? 77  ALA A N   1 
ATOM   563  C CA  . ALA A 1 77  ? 10.696  -11.772 6.177   1.00 34.70 ? 77  ALA A CA  1 
ATOM   564  C C   . ALA A 1 77  ? 10.309  -11.304 7.567   1.00 29.66 ? 77  ALA A C   1 
ATOM   565  O O   . ALA A 1 77  ? 9.139   -11.044 7.848   1.00 40.78 ? 77  ALA A O   1 
ATOM   566  C CB  . ALA A 1 77  ? 11.543  -10.743 5.494   1.00 28.67 ? 77  ALA A CB  1 
ATOM   567  N N   . GLU A 1 78  ? 11.303  -11.211 8.430   1.00 29.39 ? 78  GLU A N   1 
ATOM   568  C CA  . GLU A 1 78  ? 11.095  -10.810 9.799   1.00 32.32 ? 78  GLU A CA  1 
ATOM   569  C C   . GLU A 1 78  ? 10.381  -9.460  9.833   1.00 30.22 ? 78  GLU A C   1 
ATOM   570  O O   . GLU A 1 78  ? 9.561   -9.221  10.715  1.00 36.09 ? 78  GLU A O   1 
ATOM   571  C CB  . GLU A 1 78  ? 12.429  -10.678 10.533  1.00 40.91 ? 78  GLU A CB  1 
ATOM   572  C CG  . GLU A 1 78  ? 13.291  -11.932 10.536  1.00 60.18 ? 78  GLU A CG  1 
ATOM   573  C CD  . GLU A 1 78  ? 14.736  -11.634 10.909  1.00 70.44 ? 78  GLU A CD  1 
ATOM   574  O OE1 . GLU A 1 78  ? 15.002  -11.311 12.089  1.00 74.80 ? 78  GLU A OE1 1 
ATOM   575  O OE2 . GLU A 1 78  ? 15.604  -11.710 10.009  1.00 73.90 ? 78  GLU A OE2 1 
ATOM   576  N N   . ARG A 1 79  ? 10.676  -8.595  8.868   1.00 18.30 ? 79  ARG A N   1 
ATOM   577  C CA  . ARG A 1 79  ? 10.055  -7.243  8.878   1.00 16.57 ? 79  ARG A CA  1 
ATOM   578  C C   . ARG A 1 79  ? 9.612   -6.864  7.477   1.00 9.57  ? 79  ARG A C   1 
ATOM   579  O O   . ARG A 1 79  ? 10.439  -6.728  6.569   1.00 16.81 ? 79  ARG A O   1 
ATOM   580  C CB  . ARG A 1 79  ? 11.063  -6.209  9.382   1.00 18.51 ? 79  ARG A CB  1 
ATOM   581  C CG  . ARG A 1 79  ? 11.620  -6.517  10.740  1.00 25.95 ? 79  ARG A CG  1 
ATOM   582  C CD  . ARG A 1 79  ? 12.569  -5.382  11.140  1.00 27.34 ? 79  ARG A CD  1 
ATOM   583  N NE  . ARG A 1 79  ? 13.189  -5.631  12.439  1.00 29.70 ? 79  ARG A NE  1 
ATOM   584  C CZ  . ARG A 1 79  ? 14.370  -5.137  12.798  1.00 36.68 ? 79  ARG A CZ  1 
ATOM   585  N NH1 . ARG A 1 79  ? 15.055  -4.370  11.955  1.00 33.59 ? 79  ARG A NH1 1 
ATOM   586  N NH2 . ARG A 1 79  ? 14.880  -5.421  13.988  1.00 36.76 ? 79  ARG A NH2 1 
ATOM   587  N N   . VAL A 1 80  ? 8.295   -6.659  7.316   1.00 11.18 ? 80  VAL A N   1 
ATOM   588  C CA  . VAL A 1 80  ? 7.748   -6.373  6.009   1.00 9.52  ? 80  VAL A CA  1 
ATOM   589  C C   . VAL A 1 80  ? 6.773   -5.186  6.046   1.00 11.31 ? 80  VAL A C   1 
ATOM   590  O O   . VAL A 1 80  ? 6.052   -5.010  7.048   1.00 12.44 ? 80  VAL A O   1 
ATOM   591  C CB  . VAL A 1 80  ? 6.963   -7.631  5.494   1.00 20.51 ? 80  VAL A CB  1 
ATOM   592  C CG1 . VAL A 1 80  ? 5.831   -7.985  6.504   1.00 15.16 ? 80  VAL A CG1 1 
ATOM   593  C CG2 . VAL A 1 80  ? 6.393   -7.394  4.118   1.00 25.67 ? 80  VAL A CG2 1 
ATOM   594  N N   . ILE A 1 81  ? 6.763   -4.451  4.936   1.00 13.42 ? 81  ILE A N   1 
ATOM   595  C CA  . ILE A 1 81  ? 5.867   -3.299  4.698   1.00 8.20  ? 81  ILE A CA  1 
ATOM   596  C C   . ILE A 1 81  ? 5.065   -3.540  3.431   1.00 14.42 ? 81  ILE A C   1 
ATOM   597  O O   . ILE A 1 81  ? 5.573   -4.025  2.403   1.00 14.24 ? 81  ILE A O   1 
ATOM   598  C CB  . ILE A 1 81  ? 6.685   -1.972  4.601   1.00 12.04 ? 81  ILE A CB  1 
ATOM   599  C CG1 . ILE A 1 81  ? 7.117   -1.567  6.022   1.00 13.55 ? 81  ILE A CG1 1 
ATOM   600  C CG2 . ILE A 1 81  ? 5.883   -0.893  3.935   1.00 16.97 ? 81  ILE A CG2 1 
ATOM   601  C CD1 . ILE A 1 81  ? 7.979   -0.267  6.066   1.00 19.18 ? 81  ILE A CD1 1 
ATOM   602  N N   . PHE A 1 82  ? 3.760   -3.250  3.536   1.00 12.29 ? 82  PHE A N   1 
ATOM   603  C CA  . PHE A 1 82  ? 2.846   -3.359  2.432   1.00 10.40 ? 82  PHE A CA  1 
ATOM   604  C C   . PHE A 1 82  ? 2.421   -1.946  2.082   1.00 15.41 ? 82  PHE A C   1 
ATOM   605  O O   . PHE A 1 82  ? 2.026   -1.205  2.960   1.00 14.81 ? 82  PHE A O   1 
ATOM   606  C CB  . PHE A 1 82  ? 1.620   -4.177  2.850   1.00 8.77  ? 82  PHE A CB  1 
ATOM   607  C CG  . PHE A 1 82  ? 1.962   -5.640  3.108   1.00 8.58  ? 82  PHE A CG  1 
ATOM   608  C CD1 . PHE A 1 82  ? 2.011   -6.538  2.047   1.00 14.42 ? 82  PHE A CD1 1 
ATOM   609  C CD2 . PHE A 1 82  ? 2.234   -6.084  4.400   1.00 12.11 ? 82  PHE A CD2 1 
ATOM   610  C CE1 . PHE A 1 82  ? 2.322   -7.876  2.269   1.00 14.34 ? 82  PHE A CE1 1 
ATOM   611  C CE2 . PHE A 1 82  ? 2.553   -7.438  4.639   1.00 18.28 ? 82  PHE A CE2 1 
ATOM   612  C CZ  . PHE A 1 82  ? 2.588   -8.326  3.564   1.00 11.29 ? 82  PHE A CZ  1 
ATOM   613  N N   . ASP A 1 83  ? 2.497   -1.601  0.804   1.00 13.75 ? 83  ASP A N   1 
ATOM   614  C CA  . ASP A 1 83  ? 2.127   -0.268  0.332   1.00 20.81 ? 83  ASP A CA  1 
ATOM   615  C C   . ASP A 1 83  ? 1.453   -0.576  -1.016  1.00 20.09 ? 83  ASP A C   1 
ATOM   616  O O   . ASP A 1 83  ? 2.113   -0.972  -1.966  1.00 37.07 ? 83  ASP A O   1 
ATOM   617  C CB  . ASP A 1 83  ? 3.424   0.542   0.170   1.00 20.98 ? 83  ASP A CB  1 
ATOM   618  C CG  . ASP A 1 83  ? 3.215   1.868   -0.511  1.00 31.32 ? 83  ASP A CG  1 
ATOM   619  O OD1 . ASP A 1 83  ? 2.147   2.479   -0.305  1.00 27.85 ? 83  ASP A OD1 1 
ATOM   620  O OD2 . ASP A 1 83  ? 4.136   2.292   -1.241  1.00 33.78 ? 83  ASP A OD2 1 
ATOM   621  N N   . GLY A 1 84  ? 0.147   -0.435  -1.082  1.00 26.76 ? 84  GLY A N   1 
ATOM   622  C CA  . GLY A 1 84  ? -0.545  -0.775  -2.311  1.00 31.22 ? 84  GLY A CA  1 
ATOM   623  C C   . GLY A 1 84  ? -1.228  -2.142  -2.221  1.00 38.64 ? 84  GLY A C   1 
ATOM   624  O O   . GLY A 1 84  ? -1.734  -2.658  -3.232  1.00 33.85 ? 84  GLY A O   1 
ATOM   625  N N   . PHE A 1 85  ? -1.217  -2.728  -1.016  1.00 32.17 ? 85  PHE A N   1 
ATOM   626  C CA  . PHE A 1 85  ? -1.837  -4.022  -0.724  1.00 22.95 ? 85  PHE A CA  1 
ATOM   627  C C   . PHE A 1 85  ? -2.155  -4.078  0.784   1.00 18.70 ? 85  PHE A C   1 
ATOM   628  O O   . PHE A 1 85  ? -1.364  -3.619  1.599   1.00 17.10 ? 85  PHE A O   1 
ATOM   629  C CB  . PHE A 1 85  ? -0.901  -5.186  -1.108  1.00 21.37 ? 85  PHE A CB  1 
ATOM   630  C CG  . PHE A 1 85  ? -1.545  -6.531  -1.035  1.00 20.32 ? 85  PHE A CG  1 
ATOM   631  C CD1 . PHE A 1 85  ? -1.508  -7.265  0.136   1.00 16.97 ? 85  PHE A CD1 1 
ATOM   632  C CD2 . PHE A 1 85  ? -2.218  -7.057  -2.138  1.00 19.49 ? 85  PHE A CD2 1 
ATOM   633  C CE1 . PHE A 1 85  ? -2.136  -8.509  0.226   1.00 20.04 ? 85  PHE A CE1 1 
ATOM   634  C CE2 . PHE A 1 85  ? -2.848  -8.297  -2.057  1.00 18.89 ? 85  PHE A CE2 1 
ATOM   635  C CZ  . PHE A 1 85  ? -2.804  -9.021  -0.875  1.00 17.00 ? 85  PHE A CZ  1 
ATOM   636  N N   . PRO A 1 86  ? -3.329  -4.633  1.181   1.00 12.71 ? 86  PRO A N   1 
ATOM   637  C CA  . PRO A 1 86  ? -4.369  -5.203  0.317   1.00 12.77 ? 86  PRO A CA  1 
ATOM   638  C C   . PRO A 1 86  ? -5.178  -4.138  -0.408  1.00 12.05 ? 86  PRO A C   1 
ATOM   639  O O   . PRO A 1 86  ? -5.186  -2.975  -0.010  1.00 16.39 ? 86  PRO A O   1 
ATOM   640  C CB  . PRO A 1 86  ? -5.253  -6.009  1.288   1.00 11.61 ? 86  PRO A CB  1 
ATOM   641  C CG  . PRO A 1 86  ? -5.218  -5.197  2.536   1.00 11.94 ? 86  PRO A CG  1 
ATOM   642  C CD  . PRO A 1 86  ? -3.696  -4.747  2.604   1.00 13.21 ? 86  PRO A CD  1 
ATOM   643  N N   . ARG A 1 87  ? -5.830  -4.561  -1.490  1.00 14.94 ? 87  ARG A N   1 
ATOM   644  C CA  . ARG A 1 87  ? -6.679  -3.668  -2.267  1.00 19.24 ? 87  ARG A CA  1 
ATOM   645  C C   . ARG A 1 87  ? -8.140  -4.030  -2.016  1.00 20.61 ? 87  ARG A C   1 
ATOM   646  O O   . ARG A 1 87  ? -9.015  -3.203  -2.174  1.00 20.04 ? 87  ARG A O   1 
ATOM   647  C CB  . ARG A 1 87  ? -6.376  -3.797  -3.770  1.00 16.10 ? 87  ARG A CB  1 
ATOM   648  C CG  . ARG A 1 87  ? -5.010  -3.258  -4.186  1.00 21.78 ? 87  ARG A CG  1 
ATOM   649  C CD  . ARG A 1 87  ? -4.762  -3.504  -5.679  1.00 32.89 ? 87  ARG A CD  1 
ATOM   650  N NE  . ARG A 1 87  ? -4.522  -4.915  -6.021  1.00 36.15 ? 87  ARG A NE  1 
ATOM   651  C CZ  . ARG A 1 87  ? -3.367  -5.558  -5.839  1.00 40.77 ? 87  ARG A CZ  1 
ATOM   652  N NH1 . ARG A 1 87  ? -2.317  -4.941  -5.315  1.00 34.81 ? 87  ARG A NH1 1 
ATOM   653  N NH2 . ARG A 1 87  ? -3.253  -6.829  -6.200  1.00 52.16 ? 87  ARG A NH2 1 
ATOM   654  N N   . THR A 1 88  ? -8.400  -5.271  -1.631  1.00 20.08 ? 88  THR A N   1 
ATOM   655  C CA  . THR A 1 88  ? -9.770  -5.708  -1.389  1.00 17.45 ? 88  THR A CA  1 
ATOM   656  C C   . THR A 1 88  ? -9.926  -6.336  -0.024  1.00 19.59 ? 88  THR A C   1 
ATOM   657  O O   . THR A 1 88  ? -8.968  -6.762  0.598   1.00 16.70 ? 88  THR A O   1 
ATOM   658  C CB  . THR A 1 88  ? -10.205 -6.773  -2.391  1.00 19.72 ? 88  THR A CB  1 
ATOM   659  O OG1 . THR A 1 88  ? -9.472  -7.987  -2.123  1.00 15.88 ? 88  THR A OG1 1 
ATOM   660  C CG2 . THR A 1 88  ? -9.906  -6.326  -3.835  1.00 21.28 ? 88  THR A CG2 1 
ATOM   661  N N   . LEU A 1 89  ? -11.162 -6.429  0.435   1.00 13.63 ? 89  LEU A N   1 
ATOM   662  C CA  . LEU A 1 89  ? -11.419 -7.061  1.717   1.00 13.40 ? 89  LEU A CA  1 
ATOM   663  C C   . LEU A 1 89  ? -11.016 -8.532  1.702   1.00 15.07 ? 89  LEU A C   1 
ATOM   664  O O   . LEU A 1 89  ? -10.519 -9.052  2.678   1.00 14.09 ? 89  LEU A O   1 
ATOM   665  C CB  . LEU A 1 89  ? -12.924 -6.913  2.031   1.00 21.54 ? 89  LEU A CB  1 
ATOM   666  C CG  . LEU A 1 89  ? -13.402 -6.969  3.469   1.00 22.68 ? 89  LEU A CG  1 
ATOM   667  C CD1 . LEU A 1 89  ? -12.581 -6.013  4.329   1.00 18.68 ? 89  LEU A CD1 1 
ATOM   668  C CD2 . LEU A 1 89  ? -14.933 -6.575  3.510   1.00 19.27 ? 89  LEU A CD2 1 
ATOM   669  N N   . ALA A 1 90  ? -11.205 -9.215  0.585   1.00 12.77 ? 90  ALA A N   1 
ATOM   670  C CA  . ALA A 1 90  ? -10.823 -10.635 0.502   1.00 17.25 ? 90  ALA A CA  1 
ATOM   671  C C   . ALA A 1 90  ? -9.307  -10.755 0.711   1.00 11.00 ? 90  ALA A C   1 
ATOM   672  O O   . ALA A 1 90  ? -8.815  -11.667 1.406   1.00 12.94 ? 90  ALA A O   1 
ATOM   673  C CB  . ALA A 1 90  ? -11.201 -11.229 -0.862  1.00 15.80 ? 90  ALA A CB  1 
ATOM   674  N N   . GLN A 1 91  ? -8.569  -9.819  0.134   1.00 12.92 ? 91  GLN A N   1 
ATOM   675  C CA  . GLN A 1 91  ? -7.108  -9.845  0.296   1.00 13.99 ? 91  GLN A CA  1 
ATOM   676  C C   . GLN A 1 91  ? -6.732  -9.490  1.739   1.00 14.56 ? 91  GLN A C   1 
ATOM   677  O O   . GLN A 1 91  ? -5.777  -10.044 2.312   1.00 13.31 ? 91  GLN A O   1 
ATOM   678  C CB  . GLN A 1 91  ? -6.468  -8.855  -0.698  1.00 15.96 ? 91  GLN A CB  1 
ATOM   679  C CG  . GLN A 1 91  ? -6.475  -9.337  -2.136  1.00 13.06 ? 91  GLN A CG  1 
ATOM   680  C CD  . GLN A 1 91  ? -6.201  -8.199  -3.127  1.00 15.00 ? 91  GLN A CD  1 
ATOM   681  O OE1 . GLN A 1 91  ? -6.002  -7.071  -2.718  1.00 18.11 ? 91  GLN A OE1 1 
ATOM   682  N NE2 . GLN A 1 91  ? -6.194  -8.505  -4.420  1.00 19.98 ? 91  GLN A NE2 1 
ATOM   683  N N   . ALA A 1 92  ? -7.479  -8.572  2.353   1.00 10.77 ? 92  ALA A N   1 
ATOM   684  C CA  . ALA A 1 92  ? -7.170  -8.194  3.738   1.00 11.33 ? 92  ALA A CA  1 
ATOM   685  C C   . ALA A 1 92  ? -7.368  -9.397  4.630   1.00 8.44  ? 92  ALA A C   1 
ATOM   686  O O   . ALA A 1 92  ? -6.565  -9.671  5.525   1.00 9.76  ? 92  ALA A O   1 
ATOM   687  C CB  . ALA A 1 92  ? -8.080  -7.033  4.225   1.00 11.19 ? 92  ALA A CB  1 
ATOM   688  N N   . GLU A 1 93  ? -8.476  -10.109 4.430   1.00 8.49  ? 93  GLU A N   1 
ATOM   689  C CA  . GLU A 1 93  ? -8.727  -11.285 5.243   1.00 9.99  ? 93  GLU A CA  1 
ATOM   690  C C   . GLU A 1 93  ? -7.654  -12.383 5.047   1.00 13.15 ? 93  GLU A C   1 
ATOM   691  O O   . GLU A 1 93  ? -7.128  -12.949 6.013   1.00 12.18 ? 93  GLU A O   1 
ATOM   692  C CB  . GLU A 1 93  ? -10.115 -11.814 4.894   1.00 12.00 ? 93  GLU A CB  1 
ATOM   693  C CG  . GLU A 1 93  ? -11.201 -10.845 5.425   1.00 9.91  ? 93  GLU A CG  1 
ATOM   694  C CD  . GLU A 1 93  ? -12.619 -11.318 5.103   1.00 21.02 ? 93  GLU A CD  1 
ATOM   695  O OE1 . GLU A 1 93  ? -12.739 -12.476 4.653   1.00 25.04 ? 93  GLU A OE1 1 
ATOM   696  O OE2 . GLU A 1 93  ? -13.598 -10.547 5.318   1.00 19.22 ? 93  GLU A OE2 1 
ATOM   697  N N   . ALA A 1 94  ? -7.326  -12.649 3.794   1.00 13.25 ? 94  ALA A N   1 
ATOM   698  C CA  . ALA A 1 94  ? -6.318  -13.664 3.473   1.00 17.01 ? 94  ALA A CA  1 
ATOM   699  C C   . ALA A 1 94  ? -4.966  -13.268 4.060   1.00 14.00 ? 94  ALA A C   1 
ATOM   700  O O   . ALA A 1 94  ? -4.230  -14.106 4.575   1.00 13.41 ? 94  ALA A O   1 
ATOM   701  C CB  . ALA A 1 94  ? -6.219  -13.825 1.970   1.00 15.10 ? 94  ALA A CB  1 
ATOM   702  N N   . LEU A 1 95  ? -4.628  -11.978 3.995   1.00 8.66  ? 95  LEU A N   1 
ATOM   703  C CA  . LEU A 1 95  ? -3.349  -11.544 4.546   1.00 9.12  ? 95  LEU A CA  1 
ATOM   704  C C   . LEU A 1 95  ? -3.326  -11.721 6.041   1.00 11.80 ? 95  LEU A C   1 
ATOM   705  O O   . LEU A 1 95  ? -2.307  -12.109 6.618   1.00 11.39 ? 95  LEU A O   1 
ATOM   706  C CB  . LEU A 1 95  ? -3.078  -10.071 4.174   1.00 9.51  ? 95  LEU A CB  1 
ATOM   707  C CG  . LEU A 1 95  ? -1.815  -9.433  4.755   1.00 9.56  ? 95  LEU A CG  1 
ATOM   708  C CD1 . LEU A 1 95  ? -0.583  -10.267 4.234   1.00 14.32 ? 95  LEU A CD1 1 
ATOM   709  C CD2 . LEU A 1 95  ? -1.668  -7.953  4.315   1.00 11.14 ? 95  LEU A CD2 1 
ATOM   710  N N   . ASP A 1 96  ? -4.442  -11.449 6.722   1.00 11.39 ? 96  ASP A N   1 
ATOM   711  C CA  . ASP A 1 96  ? -4.435  -11.619 8.171   1.00 12.54 ? 96  ASP A CA  1 
ATOM   712  C C   . ASP A 1 96  ? -4.197  -13.083 8.544   1.00 13.71 ? 96  ASP A C   1 
ATOM   713  O O   . ASP A 1 96  ? -3.511  -13.386 9.533   1.00 13.29 ? 96  ASP A O   1 
ATOM   714  C CB  . ASP A 1 96  ? -5.759  -11.159 8.783   1.00 16.63 ? 96  ASP A CB  1 
ATOM   715  C CG  . ASP A 1 96  ? -5.736  -9.680  9.227   1.00 26.78 ? 96  ASP A CG  1 
ATOM   716  O OD1 . ASP A 1 96  ? -4.703  -8.971  9.076   1.00 21.33 ? 96  ASP A OD1 1 
ATOM   717  O OD2 . ASP A 1 96  ? -6.787  -9.234  9.730   1.00 24.92 ? 96  ASP A OD2 1 
ATOM   718  N N   . ARG A 1 97  ? -4.780  -13.986 7.783   1.00 15.07 ? 97  ARG A N   1 
ATOM   719  C CA  . ARG A 1 97  ? -4.553  -15.413 8.046   1.00 17.78 ? 97  ARG A CA  1 
ATOM   720  C C   . ARG A 1 97  ? -3.067  -15.768 7.850   1.00 18.23 ? 97  ARG A C   1 
ATOM   721  O O   . ARG A 1 97  ? -2.464  -16.497 8.657   1.00 14.71 ? 97  ARG A O   1 
ATOM   722  C CB  . ARG A 1 97  ? -5.423  -16.255 7.116   1.00 19.13 ? 97  ARG A CB  1 
ATOM   723  C CG  . ARG A 1 97  ? -6.939  -16.040 7.340   1.00 25.26 ? 97  ARG A CG  1 
ATOM   724  C CD  . ARG A 1 97  ? -7.730  -17.159 6.659   1.00 34.03 ? 97  ARG A CD  1 
ATOM   725  N NE  . ARG A 1 97  ? -7.747  -16.998 5.204   1.00 36.17 ? 97  ARG A NE  1 
ATOM   726  C CZ  . ARG A 1 97  ? -8.633  -16.259 4.537   1.00 37.67 ? 97  ARG A CZ  1 
ATOM   727  N NH1 . ARG A 1 97  ? -9.586  -15.606 5.194   1.00 41.16 ? 97  ARG A NH1 1 
ATOM   728  N NH2 . ARG A 1 97  ? -8.571  -16.178 3.213   1.00 43.26 ? 97  ARG A NH2 1 
ATOM   729  N N   . LEU A 1 98  ? -2.483  -15.256 6.772   1.00 14.87 ? 98  LEU A N   1 
ATOM   730  C CA  . LEU A 1 98  ? -1.060  -15.488 6.481   1.00 11.94 ? 98  LEU A CA  1 
ATOM   731  C C   . LEU A 1 98  ? -0.170  -14.913 7.590   1.00 16.20 ? 98  LEU A C   1 
ATOM   732  O O   . LEU A 1 98  ? 0.799   -15.533 7.994   1.00 18.27 ? 98  LEU A O   1 
ATOM   733  C CB  . LEU A 1 98  ? -0.691  -14.841 5.121   1.00 10.17 ? 98  LEU A CB  1 
ATOM   734  C CG  . LEU A 1 98  ? 0.796   -14.947 4.783   1.00 14.58 ? 98  LEU A CG  1 
ATOM   735  C CD1 . LEU A 1 98  ? 1.165   -16.435 4.817   1.00 20.28 ? 98  LEU A CD1 1 
ATOM   736  C CD2 . LEU A 1 98  ? 1.074   -14.375 3.419   1.00 15.50 ? 98  LEU A CD2 1 
ATOM   737  N N   . LEU A 1 99  ? -0.457  -13.699 8.079   1.00 10.71 ? 99  LEU A N   1 
ATOM   738  C CA  . LEU A 1 99  ? 0.373   -13.140 9.135   1.00 14.97 ? 99  LEU A CA  1 
ATOM   739  C C   . LEU A 1 99  ? 0.257   -13.995 10.387  1.00 18.82 ? 99  LEU A C   1 
ATOM   740  O O   . LEU A 1 99  ? 1.254   -14.267 11.085  1.00 18.61 ? 99  LEU A O   1 
ATOM   741  C CB  . LEU A 1 99  ? -0.071  -11.697 9.462   1.00 13.41 ? 99  LEU A CB  1 
ATOM   742  C CG  . LEU A 1 99  ? 0.044   -10.746 8.264   1.00 17.07 ? 99  LEU A CG  1 
ATOM   743  C CD1 . LEU A 1 99  ? -0.548  -9.366  8.648   1.00 18.52 ? 99  LEU A CD1 1 
ATOM   744  C CD2 . LEU A 1 99  ? 1.515   -10.625 7.825   1.00 23.52 ? 99  LEU A CD2 1 
ATOM   745  N N   . SER A 1 100 ? -0.965  -14.436 10.662  1.00 16.19 ? 100 SER A N   1 
ATOM   746  C CA  . SER A 1 100 ? -1.214  -15.233 11.853  1.00 18.09 ? 100 SER A CA  1 
ATOM   747  C C   . SER A 1 100 ? -0.429  -16.543 11.757  1.00 21.98 ? 100 SER A C   1 
ATOM   748  O O   . SER A 1 100 ? 0.261   -16.925 12.703  1.00 23.19 ? 100 SER A O   1 
ATOM   749  C CB  . SER A 1 100 ? -2.706  -15.536 12.003  1.00 22.61 ? 100 SER A CB  1 
ATOM   750  O OG  . SER A 1 100 ? -2.930  -16.339 13.153  1.00 26.62 ? 100 SER A OG  1 
ATOM   751  N N   . GLU A 1 101 ? -0.532  -17.219 10.615  1.00 20.23 ? 101 GLU A N   1 
ATOM   752  C CA  . GLU A 1 101 ? 0.184   -18.492 10.408  1.00 22.52 ? 101 GLU A CA  1 
ATOM   753  C C   . GLU A 1 101 ? 1.693   -18.415 10.464  1.00 29.44 ? 101 GLU A C   1 
ATOM   754  O O   . GLU A 1 101 ? 2.359   -19.377 10.855  1.00 30.04 ? 101 GLU A O   1 
ATOM   755  C CB  . GLU A 1 101 ? -0.218  -19.099 9.070   1.00 22.60 ? 101 GLU A CB  1 
ATOM   756  C CG  . GLU A 1 101 ? -1.661  -19.588 9.051   1.00 31.36 ? 101 GLU A CG  1 
ATOM   757  C CD  . GLU A 1 101 ? -2.153  -19.967 7.657   1.00 37.06 ? 101 GLU A CD  1 
ATOM   758  O OE1 . GLU A 1 101 ? -1.475  -19.649 6.649   1.00 40.01 ? 101 GLU A OE1 1 
ATOM   759  O OE2 . GLU A 1 101 ? -3.239  -20.569 7.571   1.00 45.97 ? 101 GLU A OE2 1 
ATOM   760  N N   . THR A 1 102 ? 2.250   -17.273 10.084  1.00 20.93 ? 102 THR A N   1 
ATOM   761  C CA  . THR A 1 102 ? 3.692   -17.124 10.077  1.00 18.28 ? 102 THR A CA  1 
ATOM   762  C C   . THR A 1 102 ? 4.231   -16.458 11.306  1.00 20.96 ? 102 THR A C   1 
ATOM   763  O O   . THR A 1 102 ? 5.438   -16.189 11.393  1.00 23.05 ? 102 THR A O   1 
ATOM   764  C CB  . THR A 1 102 ? 4.124   -16.322 8.877   1.00 21.04 ? 102 THR A CB  1 
ATOM   765  O OG1 . THR A 1 102 ? 3.479   -15.047 8.926   1.00 18.31 ? 102 THR A OG1 1 
ATOM   766  C CG2 . THR A 1 102 ? 3.740   -17.052 7.617   1.00 20.61 ? 102 THR A CG2 1 
ATOM   767  N N   . GLY A 1 103 ? 3.344   -16.173 12.255  1.00 22.66 ? 103 GLY A N   1 
ATOM   768  C CA  . GLY A 1 103 ? 3.761   -15.507 13.480  1.00 19.15 ? 103 GLY A CA  1 
ATOM   769  C C   . GLY A 1 103 ? 4.248   -14.078 13.282  1.00 25.67 ? 103 GLY A C   1 
ATOM   770  O O   . GLY A 1 103 ? 5.170   -13.615 13.973  1.00 24.26 ? 103 GLY A O   1 
ATOM   771  N N   . THR A 1 104 ? 3.617   -13.370 12.349  1.00 16.84 ? 104 THR A N   1 
ATOM   772  C CA  . THR A 1 104 ? 3.995   -11.983 12.040  1.00 17.21 ? 104 THR A CA  1 
ATOM   773  C C   . THR A 1 104 ? 2.971   -11.033 12.683  1.00 18.66 ? 104 THR A C   1 
ATOM   774  O O   . THR A 1 104 ? 1.786   -11.081 12.359  1.00 21.54 ? 104 THR A O   1 
ATOM   775  C CB  . THR A 1 104 ? 3.999   -11.761 10.522  1.00 21.70 ? 104 THR A CB  1 
ATOM   776  O OG1 . THR A 1 104 ? 4.866   -12.711 9.892   1.00 21.01 ? 104 THR A OG1 1 
ATOM   777  C CG2 . THR A 1 104 ? 4.487   -10.341 10.191  1.00 20.63 ? 104 THR A CG2 1 
ATOM   778  N N   . ARG A 1 105 ? 3.431   -10.185 13.595  1.00 16.99 ? 105 ARG A N   1 
ATOM   779  C CA  . ARG A 1 105 ? 2.543   -9.265  14.280  1.00 21.02 ? 105 ARG A CA  1 
ATOM   780  C C   . ARG A 1 105 ? 2.335   -8.012  13.437  1.00 14.55 ? 105 ARG A C   1 
ATOM   781  O O   . ARG A 1 105 ? 3.305   -7.419  12.956  1.00 15.44 ? 105 ARG A O   1 
ATOM   782  C CB  . ARG A 1 105 ? 3.152   -8.903  15.637  1.00 23.60 ? 105 ARG A CB  1 
ATOM   783  C CG  . ARG A 1 105 ? 2.418   -7.810  16.382  1.00 31.03 ? 105 ARG A CG  1 
ATOM   784  C CD  . ARG A 1 105 ? 2.955   -7.696  17.815  1.00 46.53 ? 105 ARG A CD  1 
ATOM   785  N NE  . ARG A 1 105 ? 2.163   -6.753  18.593  1.00 65.81 ? 105 ARG A NE  1 
ATOM   786  C CZ  . ARG A 1 105 ? 2.211   -5.436  18.430  1.00 69.03 ? 105 ARG A CZ  1 
ATOM   787  N NH1 . ARG A 1 105 ? 3.019   -4.917  17.523  1.00 78.32 ? 105 ARG A NH1 1 
ATOM   788  N NH2 . ARG A 1 105 ? 1.432   -4.639  19.150  1.00 75.02 ? 105 ARG A NH2 1 
ATOM   789  N N   . LEU A 1 106 ? 1.069   -7.626  13.252  1.00 18.49 ? 106 LEU A N   1 
ATOM   790  C CA  . LEU A 1 106 ? 0.741   -6.417  12.482  1.00 13.82 ? 106 LEU A CA  1 
ATOM   791  C C   . LEU A 1 106 ? 0.857   -5.260  13.477  1.00 16.33 ? 106 LEU A C   1 
ATOM   792  O O   . LEU A 1 106 ? 0.036   -5.137  14.392  1.00 18.68 ? 106 LEU A O   1 
ATOM   793  C CB  . LEU A 1 106 ? -0.700  -6.516  11.940  1.00 15.11 ? 106 LEU A CB  1 
ATOM   794  C CG  . LEU A 1 106 ? -1.247  -5.323  11.156  1.00 15.34 ? 106 LEU A CG  1 
ATOM   795  C CD1 . LEU A 1 106 ? -0.314  -4.979  9.949   1.00 14.38 ? 106 LEU A CD1 1 
ATOM   796  C CD2 . LEU A 1 106 ? -2.666  -5.682  10.680  1.00 13.30 ? 106 LEU A CD2 1 
ATOM   797  N N   . LEU A 1 107 ? 1.900   -4.453  13.325  1.00 12.71 ? 107 LEU A N   1 
ATOM   798  C CA  . LEU A 1 107 ? 2.154   -3.308  14.212  1.00 15.82 ? 107 LEU A CA  1 
ATOM   799  C C   . LEU A 1 107 ? 1.104   -2.209  14.056  1.00 17.06 ? 107 LEU A C   1 
ATOM   800  O O   . LEU A 1 107 ? 0.836   -1.437  14.986  1.00 18.22 ? 107 LEU A O   1 
ATOM   801  C CB  . LEU A 1 107 ? 3.527   -2.672  13.925  1.00 16.30 ? 107 LEU A CB  1 
ATOM   802  C CG  . LEU A 1 107 ? 4.756   -3.562  14.210  1.00 22.80 ? 107 LEU A CG  1 
ATOM   803  C CD1 . LEU A 1 107 ? 6.050   -2.854  13.811  1.00 26.79 ? 107 LEU A CD1 1 
ATOM   804  C CD2 . LEU A 1 107 ? 4.779   -3.897  15.673  1.00 24.66 ? 107 LEU A CD2 1 
ATOM   805  N N   . GLY A 1 108 ? 0.554   -2.108  12.862  1.00 14.45 ? 108 GLY A N   1 
ATOM   806  C CA  . GLY A 1 108 ? -0.443  -1.080  12.604  1.00 12.79 ? 108 GLY A CA  1 
ATOM   807  C C   . GLY A 1 108 ? -0.708  -0.914  11.122  1.00 13.42 ? 108 GLY A C   1 
ATOM   808  O O   . GLY A 1 108 ? 0.052   -1.392  10.285  1.00 12.06 ? 108 GLY A O   1 
ATOM   809  N N   . VAL A 1 109 ? -1.844  -0.290  10.809  1.00 8.64  ? 109 VAL A N   1 
ATOM   810  C CA  . VAL A 1 109 ? -2.213  0.020   9.451   1.00 7.51  ? 109 VAL A CA  1 
ATOM   811  C C   . VAL A 1 109 ? -2.244  1.543   9.476   1.00 11.11 ? 109 VAL A C   1 
ATOM   812  O O   . VAL A 1 109 ? -3.110  2.154   10.085  1.00 12.03 ? 109 VAL A O   1 
ATOM   813  C CB  . VAL A 1 109 ? -3.625  -0.549  9.119   1.00 7.81  ? 109 VAL A CB  1 
ATOM   814  C CG1 . VAL A 1 109 ? -4.046  -0.151  7.738   1.00 9.15  ? 109 VAL A CG1 1 
ATOM   815  C CG2 . VAL A 1 109 ? -3.514  -2.088  9.190   1.00 8.20  ? 109 VAL A CG2 1 
ATOM   816  N N   . VAL A 1 110 ? -1.258  2.140   8.838   1.00 10.45 ? 110 VAL A N   1 
ATOM   817  C CA  . VAL A 1 110 ? -1.128  3.599   8.811   1.00 11.66 ? 110 VAL A CA  1 
ATOM   818  C C   . VAL A 1 110 ? -2.076  4.194   7.778   1.00 9.30  ? 110 VAL A C   1 
ATOM   819  O O   . VAL A 1 110 ? -2.037  3.819   6.613   1.00 12.10 ? 110 VAL A O   1 
ATOM   820  C CB  . VAL A 1 110 ? 0.325   3.974   8.452   1.00 13.76 ? 110 VAL A CB  1 
ATOM   821  C CG1 . VAL A 1 110 ? 0.476   5.507   8.324   1.00 13.46 ? 110 VAL A CG1 1 
ATOM   822  C CG2 . VAL A 1 110 ? 1.235   3.427   9.508   1.00 16.95 ? 110 VAL A CG2 1 
ATOM   823  N N   . LEU A 1 111 ? -2.939  5.123   8.216   1.00 10.54 ? 111 LEU A N   1 
ATOM   824  C CA  . LEU A 1 111 ? -3.855  5.780   7.284   1.00 9.56  ? 111 LEU A CA  1 
ATOM   825  C C   . LEU A 1 111 ? -3.465  7.252   7.292   1.00 10.87 ? 111 LEU A C   1 
ATOM   826  O O   . LEU A 1 111 ? -3.716  7.954   8.282   1.00 10.26 ? 111 LEU A O   1 
ATOM   827  C CB  . LEU A 1 111 ? -5.320  5.647   7.743   1.00 8.80  ? 111 LEU A CB  1 
ATOM   828  C CG  . LEU A 1 111 ? -6.327  6.373   6.809   1.00 13.16 ? 111 LEU A CG  1 
ATOM   829  C CD1 . LEU A 1 111 ? -6.413  5.676   5.445   1.00 14.07 ? 111 LEU A CD1 1 
ATOM   830  C CD2 . LEU A 1 111 ? -7.740  6.299   7.477   1.00 13.97 ? 111 LEU A CD2 1 
ATOM   831  N N   . VAL A 1 112 ? -2.826  7.698   6.211   1.00 9.93  ? 112 VAL A N   1 
ATOM   832  C CA  . VAL A 1 112 ? -2.387  9.091   6.121   1.00 11.08 ? 112 VAL A CA  1 
ATOM   833  C C   . VAL A 1 112 ? -3.562  9.942   5.675   1.00 11.69 ? 112 VAL A C   1 
ATOM   834  O O   . VAL A 1 112 ? -4.119  9.737   4.600   1.00 15.34 ? 112 VAL A O   1 
ATOM   835  C CB  . VAL A 1 112 ? -1.219  9.231   5.123   1.00 15.44 ? 112 VAL A CB  1 
ATOM   836  C CG1 . VAL A 1 112 ? -0.691  10.688  5.126   1.00 19.17 ? 112 VAL A CG1 1 
ATOM   837  C CG2 . VAL A 1 112 ? -0.092  8.244   5.518   1.00 18.21 ? 112 VAL A CG2 1 
ATOM   838  N N   . GLU A 1 113 ? -3.901  10.941  6.506   1.00 13.12 ? 113 GLU A N   1 
ATOM   839  C CA  . GLU A 1 113 ? -5.074  11.784  6.253   1.00 10.30 ? 113 GLU A CA  1 
ATOM   840  C C   . GLU A 1 113 ? -4.669  13.213  5.948   1.00 12.32 ? 113 GLU A C   1 
ATOM   841  O O   . GLU A 1 113 ? -3.856  13.796  6.668   1.00 14.09 ? 113 GLU A O   1 
ATOM   842  C CB  . GLU A 1 113 ? -5.966  11.772  7.503   1.00 15.05 ? 113 GLU A CB  1 
ATOM   843  C CG  . GLU A 1 113 ? -6.410  10.365  7.908   1.00 12.80 ? 113 GLU A CG  1 
ATOM   844  C CD  . GLU A 1 113 ? -7.351  10.368  9.118   1.00 20.28 ? 113 GLU A CD  1 
ATOM   845  O OE1 . GLU A 1 113 ? -7.205  11.252  9.999   1.00 23.00 ? 113 GLU A OE1 1 
ATOM   846  O OE2 . GLU A 1 113 ? -8.199  9.467   9.203   1.00 27.08 ? 113 GLU A OE2 1 
ATOM   847  N N   . VAL A 1 114 ? -5.262  13.760  4.899   1.00 10.35 ? 114 VAL A N   1 
ATOM   848  C CA  . VAL A 1 114 ? -4.927  15.127  4.450   1.00 14.65 ? 114 VAL A CA  1 
ATOM   849  C C   . VAL A 1 114 ? -6.217  15.780  3.995   1.00 14.16 ? 114 VAL A C   1 
ATOM   850  O O   . VAL A 1 114 ? -7.041  15.134  3.382   1.00 15.87 ? 114 VAL A O   1 
ATOM   851  C CB  . VAL A 1 114 ? -3.937  15.075  3.255   1.00 14.45 ? 114 VAL A CB  1 
ATOM   852  C CG1 . VAL A 1 114 ? -3.592  16.488  2.781   1.00 15.06 ? 114 VAL A CG1 1 
ATOM   853  C CG2 . VAL A 1 114 ? -2.641  14.344  3.685   1.00 18.72 ? 114 VAL A CG2 1 
ATOM   854  N N   . PRO A 1 115 ? -6.407  17.080  4.305   1.00 12.96 ? 115 PRO A N   1 
ATOM   855  C CA  . PRO A 1 115 ? -7.637  17.766  3.883   1.00 16.94 ? 115 PRO A CA  1 
ATOM   856  C C   . PRO A 1 115 ? -7.720  17.685  2.358   1.00 12.02 ? 115 PRO A C   1 
ATOM   857  O O   . PRO A 1 115 ? -6.715  17.886  1.674   1.00 13.33 ? 115 PRO A O   1 
ATOM   858  C CB  . PRO A 1 115 ? -7.417  19.198  4.374   1.00 16.74 ? 115 PRO A CB  1 
ATOM   859  C CG  . PRO A 1 115 ? -6.591  19.042  5.543   1.00 16.14 ? 115 PRO A CG  1 
ATOM   860  C CD  . PRO A 1 115 ? -5.589  17.937  5.171   1.00 14.79 ? 115 PRO A CD  1 
ATOM   861  N N   . GLU A 1 116 ? -8.916  17.461  1.823   1.00 13.71 ? 116 GLU A N   1 
ATOM   862  C CA  . GLU A 1 116 ? -9.056  17.289  0.391   1.00 20.44 ? 116 GLU A CA  1 
ATOM   863  C C   . GLU A 1 116 ? -8.613  18.496  -0.401  1.00 20.45 ? 116 GLU A C   1 
ATOM   864  O O   . GLU A 1 116 ? -8.047  18.348  -1.471  1.00 18.01 ? 116 GLU A O   1 
ATOM   865  C CB  . GLU A 1 116 ? -10.494 16.912  0.014   1.00 24.38 ? 116 GLU A CB  1 
ATOM   866  C CG  . GLU A 1 116 ? -10.636 16.675  -1.493  1.00 31.29 ? 116 GLU A CG  1 
ATOM   867  C CD  . GLU A 1 116 ? -11.950 16.015  -1.902  1.00 41.24 ? 116 GLU A CD  1 
ATOM   868  O OE1 . GLU A 1 116 ? -12.280 16.048  -3.110  1.00 40.21 ? 116 GLU A OE1 1 
ATOM   869  O OE2 . GLU A 1 116 ? -12.643 15.453  -1.031  1.00 44.38 ? 116 GLU A OE2 1 
ATOM   870  N N   . GLU A 1 117 ? -8.856  19.693  0.121   1.00 15.30 ? 117 GLU A N   1 
ATOM   871  C CA  . GLU A 1 117 ? -8.423  20.878  -0.614  1.00 22.42 ? 117 GLU A CA  1 
ATOM   872  C C   . GLU A 1 117 ? -6.895  20.884  -0.814  1.00 18.90 ? 117 GLU A C   1 
ATOM   873  O O   . GLU A 1 117 ? -6.400  21.315  -1.855  1.00 18.87 ? 117 GLU A O   1 
ATOM   874  C CB  . GLU A 1 117 ? -8.885  22.153  0.118   1.00 23.15 ? 117 GLU A CB  1 
ATOM   875  C CG  . GLU A 1 117 ? -8.498  22.177  1.596   1.00 32.03 ? 117 GLU A CG  1 
ATOM   876  C CD  . GLU A 1 117 ? -9.579  21.638  2.567   1.00 38.04 ? 117 GLU A CD  1 
ATOM   877  O OE1 . GLU A 1 117 ? -10.163 20.536  2.361   1.00 27.94 ? 117 GLU A OE1 1 
ATOM   878  O OE2 . GLU A 1 117 ? -9.829  22.339  3.566   1.00 33.86 ? 117 GLU A OE2 1 
ATOM   879  N N   . GLU A 1 118 ? -6.142  20.402  0.170   1.00 14.62 ? 118 GLU A N   1 
ATOM   880  C CA  . GLU A 1 118 ? -4.690  20.356  0.052   1.00 15.01 ? 118 GLU A CA  1 
ATOM   881  C C   . GLU A 1 118 ? -4.268  19.244  -0.922  1.00 15.64 ? 118 GLU A C   1 
ATOM   882  O O   . GLU A 1 118 ? -3.303  19.404  -1.709  1.00 16.13 ? 118 GLU A O   1 
ATOM   883  C CB  . GLU A 1 118 ? -4.031  20.100  1.433   1.00 15.64 ? 118 GLU A CB  1 
ATOM   884  C CG  . GLU A 1 118 ? -4.237  21.286  2.419   1.00 22.59 ? 118 GLU A CG  1 
ATOM   885  C CD  . GLU A 1 118 ? -3.513  22.556  1.976   1.00 28.95 ? 118 GLU A CD  1 
ATOM   886  O OE1 . GLU A 1 118 ? -2.737  22.494  1.003   1.00 21.58 ? 118 GLU A OE1 1 
ATOM   887  O OE2 . GLU A 1 118 ? -3.702  23.623  2.608   1.00 24.28 ? 118 GLU A OE2 1 
ATOM   888  N N   . LEU A 1 119 ? -4.946  18.107  -0.854  1.00 15.67 ? 119 LEU A N   1 
ATOM   889  C CA  . LEU A 1 119 ? -4.572  17.040  -1.795  1.00 18.66 ? 119 LEU A CA  1 
ATOM   890  C C   . LEU A 1 119 ? -4.788  17.543  -3.222  1.00 19.31 ? 119 LEU A C   1 
ATOM   891  O O   . LEU A 1 119 ? -3.933  17.361  -4.094  1.00 18.85 ? 119 LEU A O   1 
ATOM   892  C CB  . LEU A 1 119 ? -5.423  15.816  -1.578  1.00 16.41 ? 119 LEU A CB  1 
ATOM   893  C CG  . LEU A 1 119 ? -5.194  14.986  -0.321  1.00 22.39 ? 119 LEU A CG  1 
ATOM   894  C CD1 . LEU A 1 119 ? -6.353  14.023  -0.173  1.00 20.76 ? 119 LEU A CD1 1 
ATOM   895  C CD2 . LEU A 1 119 ? -3.873  14.243  -0.415  1.00 24.42 ? 119 LEU A CD2 1 
ATOM   896  N N   . VAL A 1 120 ? -5.931  18.174  -3.469  1.00 14.83 ? 120 VAL A N   1 
ATOM   897  C CA  . VAL A 1 120 ? -6.210  18.692  -4.803  1.00 17.52 ? 120 VAL A CA  1 
ATOM   898  C C   . VAL A 1 120 ? -5.175  19.734  -5.230  1.00 23.31 ? 120 VAL A C   1 
ATOM   899  O O   . VAL A 1 120 ? -4.659  19.697  -6.355  1.00 21.48 ? 120 VAL A O   1 
ATOM   900  C CB  . VAL A 1 120 ? -7.615  19.329  -4.857  1.00 19.37 ? 120 VAL A CB  1 
ATOM   901  C CG1 . VAL A 1 120 ? -7.830  19.980  -6.221  1.00 20.08 ? 120 VAL A CG1 1 
ATOM   902  C CG2 . VAL A 1 120 ? -8.674  18.281  -4.590  1.00 18.68 ? 120 VAL A CG2 1 
ATOM   903  N N   . ARG A 1 121 ? -4.849  20.671  -4.340  1.00 19.24 ? 121 ARG A N   1 
ATOM   904  C CA  . ARG A 1 121 ? -3.855  21.686  -4.678  1.00 21.33 ? 121 ARG A CA  1 
ATOM   905  C C   . ARG A 1 121 ? -2.524  21.039  -5.053  1.00 18.08 ? 121 ARG A C   1 
ATOM   906  O O   . ARG A 1 121 ? -1.893  21.408  -6.055  1.00 22.07 ? 121 ARG A O   1 
ATOM   907  C CB  . ARG A 1 121 ? -3.609  22.640  -3.492  1.00 21.20 ? 121 ARG A CB  1 
ATOM   908  C CG  . ARG A 1 121 ? -4.722  23.595  -3.220  1.00 26.85 ? 121 ARG A CG  1 
ATOM   909  C CD  . ARG A 1 121 ? -4.445  24.336  -1.911  1.00 26.55 ? 121 ARG A CD  1 
ATOM   910  N NE  . ARG A 1 121 ? -3.598  25.512  -2.107  1.00 46.54 ? 121 ARG A NE  1 
ATOM   911  C CZ  . ARG A 1 121 ? -2.573  25.836  -1.328  1.00 44.29 ? 121 ARG A CZ  1 
ATOM   912  N NH1 . ARG A 1 121 ? -2.249  25.072  -0.292  1.00 48.89 ? 121 ARG A NH1 1 
ATOM   913  N NH2 . ARG A 1 121 ? -1.875  26.937  -1.578  1.00 45.03 ? 121 ARG A NH2 1 
ATOM   914  N N   . ARG A 1 122 ? -2.099  20.075  -4.251  1.00 19.57 ? 122 ARG A N   1 
ATOM   915  C CA  . ARG A 1 122 ? -0.832  19.389  -4.487  1.00 18.85 ? 122 ARG A CA  1 
ATOM   916  C C   . ARG A 1 122 ? -0.802  18.701  -5.827  1.00 23.40 ? 122 ARG A C   1 
ATOM   917  O O   . ARG A 1 122 ? 0.144   18.903  -6.610  1.00 24.61 ? 122 ARG A O   1 
ATOM   918  C CB  . ARG A 1 122 ? -0.586  18.318  -3.447  1.00 22.57 ? 122 ARG A CB  1 
ATOM   919  C CG  . ARG A 1 122 ? -0.312  18.833  -2.082  1.00 30.78 ? 122 ARG A CG  1 
ATOM   920  C CD  . ARG A 1 122 ? -0.106  17.683  -1.129  1.00 34.22 ? 122 ARG A CD  1 
ATOM   921  N NE  . ARG A 1 122 ? 0.168   18.183  0.215   1.00 37.56 ? 122 ARG A NE  1 
ATOM   922  C CZ  . ARG A 1 122 ? 0.349   17.405  1.269   1.00 36.29 ? 122 ARG A CZ  1 
ATOM   923  N NH1 . ARG A 1 122 ? 0.287   16.085  1.147   1.00 32.57 ? 122 ARG A NH1 1 
ATOM   924  N NH2 . ARG A 1 122 ? 0.584   17.952  2.449   1.00 42.82 ? 122 ARG A NH2 1 
ATOM   925  N N   . ILE A 1 123 ? -1.827  17.887  -6.078  1.00 22.53 ? 123 ILE A N   1 
ATOM   926  C CA  . ILE A 1 123 ? -1.903  17.133  -7.320  1.00 26.92 ? 123 ILE A CA  1 
ATOM   927  C C   . ILE A 1 123 ? -1.938  18.064  -8.535  1.00 30.10 ? 123 ILE A C   1 
ATOM   928  O O   . ILE A 1 123 ? -1.182  17.861  -9.506  1.00 26.38 ? 123 ILE A O   1 
ATOM   929  C CB  . ILE A 1 123 ? -3.132  16.229  -7.310  1.00 23.60 ? 123 ILE A CB  1 
ATOM   930  C CG1 . ILE A 1 123 ? -2.972  15.165  -6.214  1.00 24.37 ? 123 ILE A CG1 1 
ATOM   931  C CG2 . ILE A 1 123 ? -3.310  15.583  -8.692  1.00 21.44 ? 123 ILE A CG2 1 
ATOM   932  C CD1 . ILE A 1 123 ? -4.233  14.384  -5.917  1.00 19.84 ? 123 ILE A CD1 1 
ATOM   933  N N   . LEU A 1 124 ? -2.793  19.090  -8.488  1.00 21.68 ? 124 LEU A N   1 
ATOM   934  C CA  . LEU A 1 124 ? -2.871  20.021  -9.613  1.00 22.96 ? 124 LEU A CA  1 
ATOM   935  C C   . LEU A 1 124 ? -1.557  20.774  -9.824  1.00 26.27 ? 124 LEU A C   1 
ATOM   936  O O   . LEU A 1 124 ? -1.173  21.066  -10.963 1.00 26.75 ? 124 LEU A O   1 
ATOM   937  C CB  . LEU A 1 124 ? -4.052  20.994  -9.438  1.00 16.94 ? 124 LEU A CB  1 
ATOM   938  C CG  . LEU A 1 124 ? -5.461  20.396  -9.476  1.00 28.05 ? 124 LEU A CG  1 
ATOM   939  C CD1 . LEU A 1 124 ? -6.477  21.504  -9.279  1.00 28.30 ? 124 LEU A CD1 1 
ATOM   940  C CD2 . LEU A 1 124 ? -5.715  19.685  -10.801 1.00 32.00 ? 124 LEU A CD2 1 
ATOM   941  N N   . ARG A 1 125 ? -0.842  21.076  -8.745  1.00 25.71 ? 125 ARG A N   1 
ATOM   942  C CA  . ARG A 1 125 ? 0.424   21.771  -8.898  1.00 25.27 ? 125 ARG A CA  1 
ATOM   943  C C   . ARG A 1 125 ? 1.477   20.897  -9.578  1.00 28.50 ? 125 ARG A C   1 
ATOM   944  O O   . ARG A 1 125 ? 2.155   21.344  -10.514 1.00 31.47 ? 125 ARG A O   1 
ATOM   945  C CB  . ARG A 1 125 ? 0.973   22.245  -7.549  1.00 28.39 ? 125 ARG A CB  1 
ATOM   946  C CG  . ARG A 1 125 ? 2.311   22.962  -7.707  1.00 37.37 ? 125 ARG A CG  1 
ATOM   947  C CD  . ARG A 1 125 ? 2.798   23.589  -6.417  1.00 49.71 ? 125 ARG A CD  1 
ATOM   948  N NE  . ARG A 1 125 ? 4.124   24.180  -6.587  1.00 53.58 ? 125 ARG A NE  1 
ATOM   949  C CZ  . ARG A 1 125 ? 5.250   23.475  -6.640  1.00 56.63 ? 125 ARG A CZ  1 
ATOM   950  N NH1 . ARG A 1 125 ? 5.210   22.153  -6.529  1.00 61.16 ? 125 ARG A NH1 1 
ATOM   951  N NH2 . ARG A 1 125 ? 6.413   24.086  -6.809  1.00 48.91 ? 125 ARG A NH2 1 
ATOM   952  N N   . ARG A 1 126 ? 1.651   19.678  -9.083  1.00 26.83 ? 126 ARG A N   1 
ATOM   953  C CA  . ARG A 1 126 ? 2.626   18.772  -9.668  1.00 32.53 ? 126 ARG A CA  1 
ATOM   954  C C   . ARG A 1 126 ? 2.246   18.519  -11.138 1.00 35.16 ? 126 ARG A C   1 
ATOM   955  O O   . ARG A 1 126 ? 3.118   18.425  -12.010 1.00 32.01 ? 126 ARG A O   1 
ATOM   956  C CB  . ARG A 1 126 ? 2.659   17.460  -8.885  1.00 31.47 ? 126 ARG A CB  1 
ATOM   957  C CG  . ARG A 1 126 ? 3.587   16.399  -9.471  1.00 54.52 ? 126 ARG A CG  1 
ATOM   958  C CD  . ARG A 1 126 ? 3.453   15.068  -8.731  1.00 57.64 ? 126 ARG A CD  1 
ATOM   959  N NE  . ARG A 1 126 ? 2.125   14.473  -8.886  1.00 68.97 ? 126 ARG A NE  1 
ATOM   960  C CZ  . ARG A 1 126 ? 1.728   13.764  -9.940  1.00 73.83 ? 126 ARG A CZ  1 
ATOM   961  N NH1 . ARG A 1 126 ? 2.558   13.544  -10.954 1.00 73.49 ? 126 ARG A NH1 1 
ATOM   962  N NH2 . ARG A 1 126 ? 0.494   13.273  -9.984  1.00 78.56 ? 126 ARG A NH2 1 
ATOM   963  N N   . ALA A 1 127 ? 0.942   18.433  -11.414 1.00 27.46 ? 127 ALA A N   1 
ATOM   964  C CA  . ALA A 1 127 ? 0.474   18.201  -12.785 1.00 30.38 ? 127 ALA A CA  1 
ATOM   965  C C   . ALA A 1 127 ? 0.864   19.356  -13.695 1.00 37.40 ? 127 ALA A C   1 
ATOM   966  O O   . ALA A 1 127 ? 1.364   19.147  -14.808 1.00 37.83 ? 127 ALA A O   1 
ATOM   967  C CB  . ALA A 1 127 ? -1.049  18.002  -12.809 1.00 26.47 ? 127 ALA A CB  1 
ATOM   968  N N   . GLU A 1 128 ? 0.634   20.581  -13.232 1.00 35.10 ? 128 GLU A N   1 
ATOM   969  C CA  . GLU A 1 128 ? 0.968   21.743  -14.036 1.00 40.61 ? 128 GLU A CA  1 
ATOM   970  C C   . GLU A 1 128 ? 2.465   21.731  -14.340 1.00 41.45 ? 128 GLU A C   1 
ATOM   971  O O   . GLU A 1 128 ? 2.880   21.912  -15.485 1.00 42.61 ? 128 GLU A O   1 
ATOM   972  C CB  . GLU A 1 128 ? 0.569   23.027  -13.294 1.00 47.81 ? 128 GLU A CB  1 
ATOM   973  C CG  . GLU A 1 128 ? -0.940  23.140  -13.054 1.00 58.52 ? 128 GLU A CG  1 
ATOM   974  C CD  . GLU A 1 128 ? -1.352  24.426  -12.330 1.00 72.57 ? 128 GLU A CD  1 
ATOM   975  O OE1 . GLU A 1 128 ? -0.921  24.643  -11.170 1.00 67.48 ? 128 GLU A OE1 1 
ATOM   976  O OE2 . GLU A 1 128 ? -2.114  25.220  -12.927 1.00 73.14 ? 128 GLU A OE2 1 
ATOM   977  N N   . LEU A 1 129 ? 3.265   21.482  -13.312 1.00 36.73 ? 129 LEU A N   1 
ATOM   978  C CA  . LEU A 1 129 ? 4.717   21.453  -13.442 1.00 41.34 ? 129 LEU A CA  1 
ATOM   979  C C   . LEU A 1 129 ? 5.214   20.358  -14.394 1.00 48.80 ? 129 LEU A C   1 
ATOM   980  O O   . LEU A 1 129 ? 6.087   20.609  -15.226 1.00 48.73 ? 129 LEU A O   1 
ATOM   981  C CB  . LEU A 1 129 ? 5.357   21.270  -12.059 1.00 44.66 ? 129 LEU A CB  1 
ATOM   982  C CG  . LEU A 1 129 ? 5.104   22.401  -11.045 1.00 49.03 ? 129 LEU A CG  1 
ATOM   983  C CD1 . LEU A 1 129 ? 5.706   22.028  -9.691  1.00 48.37 ? 129 LEU A CD1 1 
ATOM   984  C CD2 . LEU A 1 129 ? 5.708   23.708  -11.558 1.00 50.47 ? 129 LEU A CD2 1 
ATOM   985  N N   . GLU A 1 130 ? 4.661   19.152  -14.269 1.00 44.60 ? 130 GLU A N   1 
ATOM   986  C CA  . GLU A 1 130 ? 5.069   18.027  -15.111 1.00 41.82 ? 130 GLU A CA  1 
ATOM   987  C C   . GLU A 1 130 ? 4.448   18.051  -16.510 1.00 41.88 ? 130 GLU A C   1 
ATOM   988  O O   . GLU A 1 130 ? 4.753   17.196  -17.350 1.00 41.14 ? 130 GLU A O   1 
ATOM   989  C CB  . GLU A 1 130 ? 4.725   16.695  -14.437 1.00 37.23 ? 130 GLU A CB  1 
ATOM   990  C CG  . GLU A 1 130 ? 5.532   16.392  -13.174 1.00 37.99 ? 130 GLU A CG  1 
ATOM   991  C CD  . GLU A 1 130 ? 5.182   15.039  -12.555 1.00 44.61 ? 130 GLU A CD  1 
ATOM   992  O OE1 . GLU A 1 130 ? 4.152   14.448  -12.936 1.00 51.25 ? 130 GLU A OE1 1 
ATOM   993  O OE2 . GLU A 1 130 ? 5.927   14.565  -11.671 1.00 53.19 ? 130 GLU A OE2 1 
ATOM   994  N N   . GLY A 1 131 ? 3.581   19.027  -16.754 1.00 32.25 ? 131 GLY A N   1 
ATOM   995  C CA  . GLY A 1 131 ? 2.930   19.141  -18.050 1.00 34.71 ? 131 GLY A CA  1 
ATOM   996  C C   . GLY A 1 131 ? 1.834   18.113  -18.316 1.00 36.76 ? 131 GLY A C   1 
ATOM   997  O O   . GLY A 1 131 ? 1.502   17.870  -19.472 1.00 34.55 ? 131 GLY A O   1 
ATOM   998  N N   . ARG A 1 132 ? 1.262   17.515  -17.266 1.00 24.43 ? 132 ARG A N   1 
ATOM   999  C CA  . ARG A 1 132 ? 0.208   16.523  -17.460 1.00 28.29 ? 132 ARG A CA  1 
ATOM   1000 C C   . ARG A 1 132 ? -1.085  17.211  -17.905 1.00 31.49 ? 132 ARG A C   1 
ATOM   1001 O O   . ARG A 1 132 ? -1.326  18.368  -17.561 1.00 28.28 ? 132 ARG A O   1 
ATOM   1002 C CB  . ARG A 1 132 ? -0.029  15.741  -16.161 1.00 22.50 ? 132 ARG A CB  1 
ATOM   1003 C CG  . ARG A 1 132 ? 1.222   15.004  -15.637 1.00 27.78 ? 132 ARG A CG  1 
ATOM   1004 C CD  . ARG A 1 132 ? 0.953   14.202  -14.372 1.00 28.01 ? 132 ARG A CD  1 
ATOM   1005 N NE  . ARG A 1 132 ? -0.136  13.250  -14.543 1.00 27.18 ? 132 ARG A NE  1 
ATOM   1006 C CZ  . ARG A 1 132 ? 0.026   11.967  -14.857 1.00 26.23 ? 132 ARG A CZ  1 
ATOM   1007 N NH1 . ARG A 1 132 ? 1.242   11.469  -15.026 1.00 29.10 ? 132 ARG A NH1 1 
ATOM   1008 N NH2 . ARG A 1 132 ? -1.034  11.200  -15.027 1.00 24.12 ? 132 ARG A NH2 1 
ATOM   1009 N N   . SER A 1 133 ? -1.919  16.507  -18.671 1.00 27.59 ? 133 SER A N   1 
ATOM   1010 C CA  . SER A 1 133 ? -3.173  17.087  -19.148 1.00 24.42 ? 133 SER A CA  1 
ATOM   1011 C C   . SER A 1 133 ? -4.375  16.318  -18.650 1.00 30.00 ? 133 SER A C   1 
ATOM   1012 O O   . SER A 1 133 ? -5.519  16.638  -18.987 1.00 32.61 ? 133 SER A O   1 
ATOM   1013 C CB  . SER A 1 133 ? -3.185  17.116  -20.691 1.00 18.85 ? 133 SER A CB  1 
ATOM   1014 O OG  . SER A 1 133 ? -2.085  17.873  -21.176 1.00 22.67 ? 133 SER A OG  1 
ATOM   1015 N N   . ASP A 1 134 ? -4.125  15.303  -17.834 1.00 26.14 ? 134 ASP A N   1 
ATOM   1016 C CA  . ASP A 1 134 ? -5.222  14.474  -17.352 1.00 33.16 ? 134 ASP A CA  1 
ATOM   1017 C C   . ASP A 1 134 ? -5.771  14.885  -15.998 1.00 36.93 ? 134 ASP A C   1 
ATOM   1018 O O   . ASP A 1 134 ? -6.798  14.366  -15.564 1.00 37.42 ? 134 ASP A O   1 
ATOM   1019 C CB  . ASP A 1 134 ? -4.766  13.020  -17.283 1.00 39.95 ? 134 ASP A CB  1 
ATOM   1020 C CG  . ASP A 1 134 ? -3.690  12.812  -16.247 1.00 42.54 ? 134 ASP A CG  1 
ATOM   1021 O OD1 . ASP A 1 134 ? -2.897  13.765  -16.029 1.00 36.52 ? 134 ASP A OD1 1 
ATOM   1022 O OD2 . ASP A 1 134 ? -3.637  11.707  -15.661 1.00 47.25 ? 134 ASP A OD2 1 
ATOM   1023 N N   . ASP A 1 135 ? -5.090  15.812  -15.331 1.00 37.25 ? 135 ASP A N   1 
ATOM   1024 C CA  . ASP A 1 135 ? -5.536  16.254  -14.020 1.00 38.29 ? 135 ASP A CA  1 
ATOM   1025 C C   . ASP A 1 135 ? -6.142  17.664  -14.016 1.00 43.51 ? 135 ASP A C   1 
ATOM   1026 O O   . ASP A 1 135 ? -5.426  18.665  -14.165 1.00 43.97 ? 135 ASP A O   1 
ATOM   1027 C CB  . ASP A 1 135 ? -4.373  16.231  -13.006 1.00 38.71 ? 135 ASP A CB  1 
ATOM   1028 C CG  . ASP A 1 135 ? -3.722  14.863  -12.861 1.00 34.66 ? 135 ASP A CG  1 
ATOM   1029 O OD1 . ASP A 1 135 ? -4.420  13.873  -12.521 1.00 38.55 ? 135 ASP A OD1 1 
ATOM   1030 O OD2 . ASP A 1 135 ? -2.490  14.786  -13.066 1.00 37.17 ? 135 ASP A OD2 1 
ATOM   1031 N N   . ASN A 1 136 ? -7.459  17.732  -13.849 1.00 38.10 ? 136 ASN A N   1 
ATOM   1032 C CA  . ASN A 1 136 ? -8.167  19.004  -13.749 1.00 37.60 ? 136 ASN A CA  1 
ATOM   1033 C C   . ASN A 1 136 ? -8.931  18.800  -12.448 1.00 35.89 ? 136 ASN A C   1 
ATOM   1034 O O   . ASN A 1 136 ? -9.028  17.663  -11.978 1.00 35.18 ? 136 ASN A O   1 
ATOM   1035 C CB  . ASN A 1 136 ? -9.123  19.196  -14.924 1.00 44.29 ? 136 ASN A CB  1 
ATOM   1036 C CG  . ASN A 1 136 ? -10.238 18.176  -14.934 1.00 41.22 ? 136 ASN A CG  1 
ATOM   1037 O OD1 . ASN A 1 136 ? -11.100 18.173  -14.057 1.00 48.40 ? 136 ASN A OD1 1 
ATOM   1038 N ND2 . ASN A 1 136 ? -10.226 17.297  -15.930 1.00 52.86 ? 136 ASN A ND2 1 
ATOM   1039 N N   . GLU A 1 137 ? -9.480  19.866  -11.864 1.00 28.04 ? 137 GLU A N   1 
ATOM   1040 C CA  . GLU A 1 137 ? -10.169 19.739  -10.579 1.00 28.49 ? 137 GLU A CA  1 
ATOM   1041 C C   . GLU A 1 137 ? -11.181 18.618  -10.528 1.00 26.83 ? 137 GLU A C   1 
ATOM   1042 O O   . GLU A 1 137 ? -11.188 17.783  -9.608  1.00 29.07 ? 137 GLU A O   1 
ATOM   1043 C CB  . GLU A 1 137 ? -10.859 21.049  -10.187 1.00 26.65 ? 137 GLU A CB  1 
ATOM   1044 C CG  . GLU A 1 137 ? -11.314 21.018  -8.756  1.00 31.99 ? 137 GLU A CG  1 
ATOM   1045 C CD  . GLU A 1 137 ? -12.086 22.254  -8.336  1.00 52.46 ? 137 GLU A CD  1 
ATOM   1046 O OE1 . GLU A 1 137 ? -11.677 23.370  -8.718  1.00 52.76 ? 137 GLU A OE1 1 
ATOM   1047 O OE2 . GLU A 1 137 ? -13.096 22.103  -7.610  1.00 58.88 ? 137 GLU A OE2 1 
ATOM   1048 N N   . GLU A 1 138 ? -12.049 18.595  -11.527 1.00 30.26 ? 138 GLU A N   1 
ATOM   1049 C CA  . GLU A 1 138 ? -13.084 17.583  -11.602 1.00 32.46 ? 138 GLU A CA  1 
ATOM   1050 C C   . GLU A 1 138 ? -12.528 16.171  -11.564 1.00 29.87 ? 138 GLU A C   1 
ATOM   1051 O O   . GLU A 1 138 ? -12.930 15.373  -10.721 1.00 32.05 ? 138 GLU A O   1 
ATOM   1052 C CB  . GLU A 1 138 ? -13.905 17.760  -12.888 1.00 46.70 ? 138 GLU A CB  1 
ATOM   1053 C CG  . GLU A 1 138 ? -14.943 16.659  -13.140 1.00 50.90 ? 138 GLU A CG  1 
ATOM   1054 C CD  . GLU A 1 138 ? -16.248 16.883  -12.387 1.00 62.95 ? 138 GLU A CD  1 
ATOM   1055 O OE1 . GLU A 1 138 ? -16.843 17.975  -12.537 1.00 70.22 ? 138 GLU A OE1 1 
ATOM   1056 O OE2 . GLU A 1 138 ? -16.686 15.970  -11.658 1.00 56.51 ? 138 GLU A OE2 1 
ATOM   1057 N N   . THR A 1 139 ? -11.605 15.850  -12.472 1.00 28.57 ? 139 THR A N   1 
ATOM   1058 C CA  . THR A 1 139 ? -11.049 14.499  -12.518 1.00 34.93 ? 139 THR A CA  1 
ATOM   1059 C C   . THR A 1 139 ? -10.339 14.094  -11.225 1.00 32.36 ? 139 THR A C   1 
ATOM   1060 O O   . THR A 1 139 ? -10.433 12.935  -10.796 1.00 25.03 ? 139 THR A O   1 
ATOM   1061 C CB  . THR A 1 139 ? -10.071 14.307  -13.709 1.00 41.04 ? 139 THR A CB  1 
ATOM   1062 O OG1 . THR A 1 139 ? -8.989  15.235  -13.610 1.00 41.39 ? 139 THR A OG1 1 
ATOM   1063 C CG2 . THR A 1 139 ? -10.792 14.519  -15.029 1.00 37.95 ? 139 THR A CG2 1 
ATOM   1064 N N   . VAL A 1 140 ? -9.630  15.040  -10.613 1.00 25.71 ? 140 VAL A N   1 
ATOM   1065 C CA  . VAL A 1 140 ? -8.928  14.742  -9.370  1.00 27.56 ? 140 VAL A CA  1 
ATOM   1066 C C   . VAL A 1 140 ? -9.927  14.483  -8.240  1.00 25.53 ? 140 VAL A C   1 
ATOM   1067 O O   . VAL A 1 140 ? -9.793  13.498  -7.516  1.00 23.10 ? 140 VAL A O   1 
ATOM   1068 C CB  . VAL A 1 140 ? -7.951  15.875  -8.986  1.00 24.27 ? 140 VAL A CB  1 
ATOM   1069 C CG1 . VAL A 1 140 ? -7.375  15.622  -7.574  1.00 20.19 ? 140 VAL A CG1 1 
ATOM   1070 C CG2 . VAL A 1 140 ? -6.809  15.948  -10.013 1.00 29.15 ? 140 VAL A CG2 1 
ATOM   1071 N N   . ARG A 1 141 ? -10.937 15.334  -8.079  1.00 22.31 ? 141 ARG A N   1 
ATOM   1072 C CA  . ARG A 1 141 ? -11.911 15.105  -7.018  1.00 28.41 ? 141 ARG A CA  1 
ATOM   1073 C C   . ARG A 1 141 ? -12.669 13.802  -7.230  1.00 26.28 ? 141 ARG A C   1 
ATOM   1074 O O   . ARG A 1 141 ? -13.073 13.143  -6.272  1.00 23.94 ? 141 ARG A O   1 
ATOM   1075 C CB  . ARG A 1 141 ? -12.921 16.253  -6.913  1.00 29.02 ? 141 ARG A CB  1 
ATOM   1076 C CG  . ARG A 1 141 ? -12.368 17.531  -6.314  1.00 30.46 ? 141 ARG A CG  1 
ATOM   1077 C CD  . ARG A 1 141 ? -13.438 18.618  -6.293  1.00 35.99 ? 141 ARG A CD  1 
ATOM   1078 N NE  . ARG A 1 141 ? -12.875 19.953  -6.120  1.00 48.23 ? 141 ARG A NE  1 
ATOM   1079 C CZ  . ARG A 1 141 ? -12.240 20.370  -5.029  1.00 55.58 ? 141 ARG A CZ  1 
ATOM   1080 N NH1 . ARG A 1 141 ? -12.082 19.555  -3.989  1.00 59.21 ? 141 ARG A NH1 1 
ATOM   1081 N NH2 . ARG A 1 141 ? -11.753 21.603  -4.979  1.00 48.37 ? 141 ARG A NH2 1 
ATOM   1082 N N   . ARG A 1 142 ? -12.890 13.433  -8.482  1.00 28.47 ? 142 ARG A N   1 
ATOM   1083 C CA  . ARG A 1 142 ? -13.587 12.183  -8.749  1.00 29.11 ? 142 ARG A CA  1 
ATOM   1084 C C   . ARG A 1 142 ? -12.704 10.992  -8.393  1.00 26.70 ? 142 ARG A C   1 
ATOM   1085 O O   . ARG A 1 142 ? -13.166 10.017  -7.786  1.00 32.45 ? 142 ARG A O   1 
ATOM   1086 C CB  . ARG A 1 142 ? -13.974 12.087  -10.227 1.00 38.97 ? 142 ARG A CB  1 
ATOM   1087 C CG  . ARG A 1 142 ? -14.855 10.884  -10.522 1.00 46.06 ? 142 ARG A CG  1 
ATOM   1088 C CD  . ARG A 1 142 ? -15.077 10.730  -12.018 1.00 69.04 ? 142 ARG A CD  1 
ATOM   1089 N NE  . ARG A 1 142 ? -13.811 10.633  -12.747 1.00 75.82 ? 142 ARG A NE  1 
ATOM   1090 C CZ  . ARG A 1 142 ? -12.904 9.679   -12.553 1.00 78.01 ? 142 ARG A CZ  1 
ATOM   1091 N NH1 . ARG A 1 142 ? -13.114 8.731   -11.649 1.00 79.28 ? 142 ARG A NH1 1 
ATOM   1092 N NH2 . ARG A 1 142 ? -11.780 9.679   -13.260 1.00 81.15 ? 142 ARG A NH2 1 
ATOM   1093 N N   . ARG A 1 143 ? -11.437 11.053  -8.775  1.00 23.86 ? 143 ARG A N   1 
ATOM   1094 C CA  . ARG A 1 143 ? -10.535 9.970   -8.447  1.00 30.04 ? 143 ARG A CA  1 
ATOM   1095 C C   . ARG A 1 143 ? -10.419 9.836   -6.926  1.00 31.42 ? 143 ARG A C   1 
ATOM   1096 O O   . ARG A 1 143 ? -10.274 8.721   -6.413  1.00 23.63 ? 143 ARG A O   1 
ATOM   1097 C CB  . ARG A 1 143 ? -9.165  10.202  -9.084  1.00 38.35 ? 143 ARG A CB  1 
ATOM   1098 C CG  . ARG A 1 143 ? -9.180  10.047  -10.613 1.00 52.91 ? 143 ARG A CG  1 
ATOM   1099 C CD  . ARG A 1 143 ? -7.870  10.523  -11.252 1.00 60.95 ? 143 ARG A CD  1 
ATOM   1100 N NE  . ARG A 1 143 ? -7.830  10.308  -12.701 1.00 60.76 ? 143 ARG A NE  1 
ATOM   1101 C CZ  . ARG A 1 143 ? -6.878  10.782  -13.501 1.00 60.43 ? 143 ARG A CZ  1 
ATOM   1102 N NH1 . ARG A 1 143 ? -5.888  11.503  -12.994 1.00 72.03 ? 143 ARG A NH1 1 
ATOM   1103 N NH2 . ARG A 1 143 ? -6.908  10.536  -14.806 1.00 64.88 ? 143 ARG A NH2 1 
ATOM   1104 N N   . LEU A 1 144 ? -10.498 10.957  -6.197  1.00 25.62 ? 144 LEU A N   1 
ATOM   1105 C CA  . LEU A 1 144 ? -10.405 10.897  -4.737  1.00 21.14 ? 144 LEU A CA  1 
ATOM   1106 C C   . LEU A 1 144 ? -11.652 10.261  -4.135  1.00 18.94 ? 144 LEU A C   1 
ATOM   1107 O O   . LEU A 1 144 ? -11.580 9.571   -3.113  1.00 20.02 ? 144 LEU A O   1 
ATOM   1108 C CB  . LEU A 1 144 ? -10.173 12.309  -4.146  1.00 20.09 ? 144 LEU A CB  1 
ATOM   1109 C CG  . LEU A 1 144 ? -8.776  12.868  -4.439  1.00 20.77 ? 144 LEU A CG  1 
ATOM   1110 C CD1 . LEU A 1 144 ? -8.708  14.334  -3.983  1.00 21.34 ? 144 LEU A CD1 1 
ATOM   1111 C CD2 . LEU A 1 144 ? -7.708  12.026  -3.730  1.00 26.04 ? 144 LEU A CD2 1 
ATOM   1112 N N   . GLU A 1 145 ? -12.803 10.472  -4.764  1.00 24.62 ? 145 GLU A N   1 
ATOM   1113 C CA  . GLU A 1 145 ? -14.053 9.889   -4.277  1.00 23.10 ? 145 GLU A CA  1 
ATOM   1114 C C   . GLU A 1 145 ? -14.068 8.379   -4.499  1.00 28.21 ? 145 GLU A C   1 
ATOM   1115 O O   . GLU A 1 145 ? -14.596 7.606   -3.675  1.00 25.19 ? 145 GLU A O   1 
ATOM   1116 C CB  . GLU A 1 145 ? -15.244 10.539  -4.986  1.00 28.88 ? 145 GLU A CB  1 
ATOM   1117 C CG  . GLU A 1 145 ? -16.587 9.915   -4.648  1.00 33.91 ? 145 GLU A CG  1 
ATOM   1118 C CD  . GLU A 1 145 ? -16.917 9.961   -3.161  1.00 39.27 ? 145 GLU A CD  1 
ATOM   1119 O OE1 . GLU A 1 145 ? -16.450 10.875  -2.451  1.00 41.40 ? 145 GLU A OE1 1 
ATOM   1120 O OE2 . GLU A 1 145 ? -17.673 9.088   -2.704  1.00 42.43 ? 145 GLU A OE2 1 
ATOM   1121 N N   . VAL A 1 146 ? -13.490 7.961   -5.617  1.00 25.60 ? 146 VAL A N   1 
ATOM   1122 C CA  . VAL A 1 146 ? -13.407 6.537   -5.925  1.00 29.01 ? 146 VAL A CA  1 
ATOM   1123 C C   . VAL A 1 146 ? -12.478 5.871   -4.908  1.00 28.63 ? 146 VAL A C   1 
ATOM   1124 O O   . VAL A 1 146 ? -12.771 4.790   -4.370  1.00 23.73 ? 146 VAL A O   1 
ATOM   1125 C CB  . VAL A 1 146 ? -12.865 6.313   -7.351  1.00 29.56 ? 146 VAL A CB  1 
ATOM   1126 C CG1 . VAL A 1 146 ? -12.469 4.856   -7.548  1.00 34.50 ? 146 VAL A CG1 1 
ATOM   1127 C CG2 . VAL A 1 146 ? -13.930 6.701   -8.362  1.00 29.29 ? 146 VAL A CG2 1 
ATOM   1128 N N   . TYR A 1 147 ? -11.346 6.512   -4.658  1.00 24.65 ? 147 TYR A N   1 
ATOM   1129 C CA  . TYR A 1 147 ? -10.405 6.000   -3.675  1.00 22.81 ? 147 TYR A CA  1 
ATOM   1130 C C   . TYR A 1 147 ? -11.111 5.865   -2.323  1.00 21.96 ? 147 TYR A C   1 
ATOM   1131 O O   . TYR A 1 147 ? -10.956 4.855   -1.616  1.00 19.92 ? 147 TYR A O   1 
ATOM   1132 C CB  . TYR A 1 147 ? -9.210  6.954   -3.529  1.00 21.57 ? 147 TYR A CB  1 
ATOM   1133 C CG  . TYR A 1 147 ? -8.498  6.822   -2.193  1.00 23.63 ? 147 TYR A CG  1 
ATOM   1134 C CD1 . TYR A 1 147 ? -7.553  5.810   -1.960  1.00 31.24 ? 147 TYR A CD1 1 
ATOM   1135 C CD2 . TYR A 1 147 ? -8.844  7.650   -1.131  1.00 26.71 ? 147 TYR A CD2 1 
ATOM   1136 C CE1 . TYR A 1 147 ? -6.986  5.636   -0.686  1.00 34.31 ? 147 TYR A CE1 1 
ATOM   1137 C CE2 . TYR A 1 147 ? -8.291  7.484   0.137   1.00 34.35 ? 147 TYR A CE2 1 
ATOM   1138 C CZ  . TYR A 1 147 ? -7.364  6.479   0.352   1.00 32.94 ? 147 TYR A CZ  1 
ATOM   1139 O OH  . TYR A 1 147 ? -6.814  6.352   1.620   1.00 41.32 ? 147 TYR A OH  1 
ATOM   1140 N N   . ARG A 1 148 ? -11.874 6.883   -1.934  1.00 15.33 ? 148 ARG A N   1 
ATOM   1141 C CA  . ARG A 1 148 ? -12.569 6.790   -0.659  1.00 17.25 ? 148 ARG A CA  1 
ATOM   1142 C C   . ARG A 1 148 ? -13.535 5.611   -0.636  1.00 24.14 ? 148 ARG A C   1 
ATOM   1143 O O   . ARG A 1 148 ? -13.614 4.875   0.360   1.00 19.23 ? 148 ARG A O   1 
ATOM   1144 C CB  . ARG A 1 148 ? -13.332 8.077   -0.360  1.00 20.73 ? 148 ARG A CB  1 
ATOM   1145 C CG  . ARG A 1 148 ? -13.969 8.092   1.030   1.00 31.45 ? 148 ARG A CG  1 
ATOM   1146 C CD  . ARG A 1 148 ? -14.885 9.308   1.219   1.00 35.07 ? 148 ARG A CD  1 
ATOM   1147 N NE  . ARG A 1 148 ? -16.089 9.209   0.389   1.00 48.17 ? 148 ARG A NE  1 
ATOM   1148 C CZ  . ARG A 1 148 ? -17.114 8.393   0.624   1.00 47.78 ? 148 ARG A CZ  1 
ATOM   1149 N NH1 . ARG A 1 148 ? -17.106 7.582   1.675   1.00 56.75 ? 148 ARG A NH1 1 
ATOM   1150 N NH2 . ARG A 1 148 ? -18.157 8.393   -0.194  1.00 55.65 ? 148 ARG A NH2 1 
ATOM   1151 N N   . GLU A 1 149 ? -14.267 5.415   -1.728  1.00 23.48 ? 149 GLU A N   1 
ATOM   1152 C CA  . GLU A 1 149 ? -15.243 4.317   -1.768  1.00 29.88 ? 149 GLU A CA  1 
ATOM   1153 C C   . GLU A 1 149 ? -14.614 2.921   -1.710  1.00 23.50 ? 149 GLU A C   1 
ATOM   1154 O O   . GLU A 1 149 ? -15.123 2.023   -1.030  1.00 26.85 ? 149 GLU A O   1 
ATOM   1155 C CB  . GLU A 1 149 ? -16.117 4.438   -3.012  1.00 33.05 ? 149 GLU A CB  1 
ATOM   1156 C CG  . GLU A 1 149 ? -17.115 5.575   -2.951  1.00 28.65 ? 149 GLU A CG  1 
ATOM   1157 C CD  . GLU A 1 149 ? -17.883 5.731   -4.260  1.00 46.33 ? 149 GLU A CD  1 
ATOM   1158 O OE1 . GLU A 1 149 ? -18.104 4.704   -4.938  1.00 48.53 ? 149 GLU A OE1 1 
ATOM   1159 O OE2 . GLU A 1 149 ? -18.272 6.871   -4.604  1.00 46.34 ? 149 GLU A OE2 1 
ATOM   1160 N N   . LYS A 1 150 ? -13.503 2.745   -2.397  1.00 21.56 ? 150 LYS A N   1 
ATOM   1161 C CA  . LYS A 1 150 ? -12.831 1.458   -2.414  1.00 26.28 ? 150 LYS A CA  1 
ATOM   1162 C C   . LYS A 1 150 ? -12.041 1.153   -1.142  1.00 28.17 ? 150 LYS A C   1 
ATOM   1163 O O   . LYS A 1 150 ? -11.797 -0.013  -0.797  1.00 26.11 ? 150 LYS A O   1 
ATOM   1164 C CB  . LYS A 1 150 ? -11.881 1.384   -3.611  1.00 29.76 ? 150 LYS A CB  1 
ATOM   1165 C CG  . LYS A 1 150 ? -12.597 1.374   -4.951  1.00 34.58 ? 150 LYS A CG  1 
ATOM   1166 C CD  . LYS A 1 150 ? -11.667 1.054   -6.113  1.00 43.46 ? 150 LYS A CD  1 
ATOM   1167 C CE  . LYS A 1 150 ? -10.601 2.109   -6.331  1.00 54.71 ? 150 LYS A CE  1 
ATOM   1168 N NZ  . LYS A 1 150 ? -9.813  1.829   -7.572  1.00 52.90 ? 150 LYS A NZ  1 
ATOM   1169 N N   . THR A 1 151 ? -11.631 2.202   -0.444  1.00 18.41 ? 151 THR A N   1 
ATOM   1170 C CA  . THR A 1 151 ? -10.801 2.050   0.747   1.00 15.39 ? 151 THR A CA  1 
ATOM   1171 C C   . THR A 1 151 ? -11.582 1.985   2.047   1.00 19.38 ? 151 THR A C   1 
ATOM   1172 O O   . THR A 1 151 ? -11.116 1.401   3.032   1.00 20.27 ? 151 THR A O   1 
ATOM   1173 C CB  . THR A 1 151 ? -9.775  3.215   0.839   1.00 24.14 ? 151 THR A CB  1 
ATOM   1174 O OG1 . THR A 1 151 ? -9.065  3.307   -0.395  1.00 20.49 ? 151 THR A OG1 1 
ATOM   1175 C CG2 . THR A 1 151 ? -8.774  2.972   1.952   1.00 26.23 ? 151 THR A CG2 1 
ATOM   1176 N N   . GLU A 1 152 ? -12.764 2.605   2.066   1.00 17.37 ? 152 GLU A N   1 
ATOM   1177 C CA  . GLU A 1 152 ? -13.581 2.594   3.270   1.00 19.92 ? 152 GLU A CA  1 
ATOM   1178 C C   . GLU A 1 152 ? -13.784 1.195   3.920   1.00 13.97 ? 152 GLU A C   1 
ATOM   1179 O O   . GLU A 1 152 ? -13.739 1.081   5.147   1.00 14.40 ? 152 GLU A O   1 
ATOM   1180 C CB  . GLU A 1 152 ? -14.941 3.230   2.971   1.00 24.67 ? 152 GLU A CB  1 
ATOM   1181 C CG  . GLU A 1 152 ? -15.821 3.302   4.180   1.00 36.36 ? 152 GLU A CG  1 
ATOM   1182 C CD  . GLU A 1 152 ? -17.262 3.507   3.793   1.00 59.51 ? 152 GLU A CD  1 
ATOM   1183 O OE1 . GLU A 1 152 ? -17.507 4.370   2.919   1.00 59.73 ? 152 GLU A OE1 1 
ATOM   1184 O OE2 . GLU A 1 152 ? -18.141 2.811   4.356   1.00 61.98 ? 152 GLU A OE2 1 
ATOM   1185 N N   . PRO A 1 153 ? -14.039 0.132   3.120   1.00 14.98 ? 153 PRO A N   1 
ATOM   1186 C CA  . PRO A 1 153 ? -14.232 -1.200  3.702   1.00 16.78 ? 153 PRO A CA  1 
ATOM   1187 C C   . PRO A 1 153 ? -12.964 -1.677  4.404   1.00 13.35 ? 153 PRO A C   1 
ATOM   1188 O O   . PRO A 1 153 ? -13.052 -2.356  5.395   1.00 13.80 ? 153 PRO A O   1 
ATOM   1189 C CB  . PRO A 1 153 ? -14.605 -2.077  2.490   1.00 15.85 ? 153 PRO A CB  1 
ATOM   1190 C CG  . PRO A 1 153 ? -15.195 -1.054  1.512   1.00 19.92 ? 153 PRO A CG  1 
ATOM   1191 C CD  . PRO A 1 153 ? -14.260 0.095   1.656   1.00 16.64 ? 153 PRO A CD  1 
ATOM   1192 N N   . LEU A 1 154 ? -11.790 -1.295  3.897   1.00 11.31 ? 154 LEU A N   1 
ATOM   1193 C CA  . LEU A 1 154 ? -10.540 -1.689  4.566   1.00 12.63 ? 154 LEU A CA  1 
ATOM   1194 C C   . LEU A 1 154 ? -10.362 -0.914  5.854   1.00 9.72  ? 154 LEU A C   1 
ATOM   1195 O O   . LEU A 1 154 ? -9.883  -1.440  6.859   1.00 12.80 ? 154 LEU A O   1 
ATOM   1196 C CB  . LEU A 1 154 ? -9.332  -1.430  3.665   1.00 15.49 ? 154 LEU A CB  1 
ATOM   1197 C CG  . LEU A 1 154 ? -9.391  -2.141  2.318   1.00 15.04 ? 154 LEU A CG  1 
ATOM   1198 C CD1 . LEU A 1 154 ? -8.146  -1.745  1.494   1.00 20.23 ? 154 LEU A CD1 1 
ATOM   1199 C CD2 . LEU A 1 154 ? -9.397  -3.643  2.534   1.00 20.09 ? 154 LEU A CD2 1 
ATOM   1200 N N   . VAL A 1 155 ? -10.703 0.372   5.834   1.00 10.75 ? 155 VAL A N   1 
ATOM   1201 C CA  . VAL A 1 155 ? -10.580 1.162   7.055   1.00 12.34 ? 155 VAL A CA  1 
ATOM   1202 C C   . VAL A 1 155 ? -11.476 0.549   8.150   1.00 12.64 ? 155 VAL A C   1 
ATOM   1203 O O   . VAL A 1 155 ? -11.064 0.406   9.293   1.00 14.36 ? 155 VAL A O   1 
ATOM   1204 C CB  . VAL A 1 155 ? -10.975 2.634   6.779   1.00 14.81 ? 155 VAL A CB  1 
ATOM   1205 C CG1 . VAL A 1 155 ? -10.977 3.417   8.079   1.00 18.36 ? 155 VAL A CG1 1 
ATOM   1206 C CG2 . VAL A 1 155 ? -9.993  3.239   5.794   1.00 20.96 ? 155 VAL A CG2 1 
ATOM   1207 N N   . GLY A 1 156 ? -12.706 0.179   7.791   1.00 17.13 ? 156 GLY A N   1 
ATOM   1208 C CA  . GLY A 1 156 ? -13.609 -0.429  8.757   1.00 13.42 ? 156 GLY A CA  1 
ATOM   1209 C C   . GLY A 1 156 ? -13.089 -1.758  9.282   1.00 11.79 ? 156 GLY A C   1 
ATOM   1210 O O   . GLY A 1 156 ? -13.193 -2.057  10.470  1.00 14.45 ? 156 GLY A O   1 
ATOM   1211 N N   . TYR A 1 157 ? -12.513 -2.547  8.382   1.00 9.48  ? 157 TYR A N   1 
ATOM   1212 C CA  . TYR A 1 157 ? -11.953 -3.854  8.742   1.00 11.82 ? 157 TYR A CA  1 
ATOM   1213 C C   . TYR A 1 157 ? -10.842 -3.711  9.783   1.00 9.49  ? 157 TYR A C   1 
ATOM   1214 O O   . TYR A 1 157 ? -10.799 -4.410  10.812  1.00 10.26 ? 157 TYR A O   1 
ATOM   1215 C CB  . TYR A 1 157 ? -11.375 -4.500  7.491   1.00 12.71 ? 157 TYR A CB  1 
ATOM   1216 C CG  . TYR A 1 157 ? -10.768 -5.845  7.747   1.00 10.83 ? 157 TYR A CG  1 
ATOM   1217 C CD1 . TYR A 1 157 ? -11.562 -6.992  7.790   1.00 13.22 ? 157 TYR A CD1 1 
ATOM   1218 C CD2 . TYR A 1 157 ? -9.394  -5.984  7.940   1.00 11.29 ? 157 TYR A CD2 1 
ATOM   1219 C CE1 . TYR A 1 157 ? -10.995 -8.258  8.012   1.00 12.47 ? 157 TYR A CE1 1 
ATOM   1220 C CE2 . TYR A 1 157 ? -8.821  -7.254  8.180   1.00 12.16 ? 157 TYR A CE2 1 
ATOM   1221 C CZ  . TYR A 1 157 ? -9.629  -8.376  8.207   1.00 17.03 ? 157 TYR A CZ  1 
ATOM   1222 O OH  . TYR A 1 157 ? -9.057  -9.612  8.404   1.00 14.09 ? 157 TYR A OH  1 
ATOM   1223 N N   . TYR A 1 158 ? -9.929  -2.768  9.542   1.00 9.50  ? 158 TYR A N   1 
ATOM   1224 C CA  . TYR A 1 158 ? -8.834  -2.603  10.486  1.00 9.33  ? 158 TYR A CA  1 
ATOM   1225 C C   . TYR A 1 158 ? -9.211  -1.840  11.747  1.00 9.69  ? 158 TYR A C   1 
ATOM   1226 O O   . TYR A 1 158 ? -8.680  -2.132  12.812  1.00 11.33 ? 158 TYR A O   1 
ATOM   1227 C CB  . TYR A 1 158 ? -7.638  -1.932  9.779   1.00 8.42  ? 158 TYR A CB  1 
ATOM   1228 C CG  . TYR A 1 158 ? -7.046  -2.857  8.739   1.00 6.55  ? 158 TYR A CG  1 
ATOM   1229 C CD1 . TYR A 1 158 ? -6.518  -4.113  9.128   1.00 7.38  ? 158 TYR A CD1 1 
ATOM   1230 C CD2 . TYR A 1 158 ? -6.985  -2.493  7.392   1.00 12.57 ? 158 TYR A CD2 1 
ATOM   1231 C CE1 . TYR A 1 158 ? -5.933  -4.960  8.170   1.00 11.13 ? 158 TYR A CE1 1 
ATOM   1232 C CE2 . TYR A 1 158 ? -6.406  -3.335  6.450   1.00 11.21 ? 158 TYR A CE2 1 
ATOM   1233 C CZ  . TYR A 1 158 ? -5.879  -4.551  6.836   1.00 10.91 ? 158 TYR A CZ  1 
ATOM   1234 O OH  . TYR A 1 158 ? -5.276  -5.382  5.896   1.00 13.87 ? 158 TYR A OH  1 
ATOM   1235 N N   . GLU A 1 159 ? -10.103 -0.857  11.637  1.00 13.27 ? 159 GLU A N   1 
ATOM   1236 C CA  . GLU A 1 159 ? -10.541 -0.128  12.828  1.00 13.19 ? 159 GLU A CA  1 
ATOM   1237 C C   . GLU A 1 159 ? -11.257 -1.091  13.821  1.00 12.52 ? 159 GLU A C   1 
ATOM   1238 O O   . GLU A 1 159 ? -11.072 -1.002  15.046  1.00 16.45 ? 159 GLU A O   1 
ATOM   1239 C CB  . GLU A 1 159 ? -11.476 1.029   12.410  1.00 14.46 ? 159 GLU A CB  1 
ATOM   1240 C CG  . GLU A 1 159 ? -11.868 1.942   13.580  1.00 32.51 ? 159 GLU A CG  1 
ATOM   1241 C CD  . GLU A 1 159 ? -12.611 3.183   13.117  1.00 46.85 ? 159 GLU A CD  1 
ATOM   1242 O OE1 . GLU A 1 159 ? -12.039 3.964   12.325  1.00 48.71 ? 159 GLU A OE1 1 
ATOM   1243 O OE2 . GLU A 1 159 ? -13.768 3.376   13.547  1.00 65.19 ? 159 GLU A OE2 1 
ATOM   1244 N N   . ALA A 1 160 ? -12.020 -2.042  13.287  1.00 13.38 ? 160 ALA A N   1 
ATOM   1245 C CA  . ALA A 1 160 ? -12.745 -2.999  14.152  1.00 15.60 ? 160 ALA A CA  1 
ATOM   1246 C C   . ALA A 1 160 ? -11.763 -3.855  14.955  1.00 19.45 ? 160 ALA A C   1 
ATOM   1247 O O   . ALA A 1 160 ? -12.084 -4.383  16.018  1.00 19.23 ? 160 ALA A O   1 
ATOM   1248 C CB  . ALA A 1 160 ? -13.635 -3.879  13.305  1.00 15.80 ? 160 ALA A CB  1 
ATOM   1249 N N   . ARG A 1 161 ? -10.551 -4.002  14.432  1.00 16.93 ? 161 ARG A N   1 
ATOM   1250 C CA  . ARG A 1 161 ? -9.538  -4.806  15.096  1.00 12.12 ? 161 ARG A CA  1 
ATOM   1251 C C   . ARG A 1 161 ? -8.564  -4.015  15.934  1.00 14.51 ? 161 ARG A C   1 
ATOM   1252 O O   . ARG A 1 161 ? -7.606  -4.575  16.475  1.00 14.79 ? 161 ARG A O   1 
ATOM   1253 C CB  . ARG A 1 161 ? -8.779  -5.624  14.040  1.00 13.19 ? 161 ARG A CB  1 
ATOM   1254 C CG  . ARG A 1 161 ? -9.626  -6.715  13.460  1.00 14.99 ? 161 ARG A CG  1 
ATOM   1255 C CD  . ARG A 1 161 ? -9.202  -7.196  12.073  1.00 12.63 ? 161 ARG A CD  1 
ATOM   1256 N NE  . ARG A 1 161 ? -10.033 -8.344  11.678  1.00 19.31 ? 161 ARG A NE  1 
ATOM   1257 C CZ  . ARG A 1 161 ? -11.291 -8.280  11.241  1.00 20.65 ? 161 ARG A CZ  1 
ATOM   1258 N NH1 . ARG A 1 161 ? -11.925 -7.111  11.090  1.00 11.93 ? 161 ARG A NH1 1 
ATOM   1259 N NH2 . ARG A 1 161 ? -11.953 -9.402  11.019  1.00 20.51 ? 161 ARG A NH2 1 
ATOM   1260 N N   . GLY A 1 162 ? -8.809  -2.717  16.029  1.00 17.19 ? 162 GLY A N   1 
ATOM   1261 C CA  . GLY A 1 162 ? -7.964  -1.827  16.804  1.00 14.65 ? 162 GLY A CA  1 
ATOM   1262 C C   . GLY A 1 162 ? -6.552  -1.589  16.301  1.00 15.56 ? 162 GLY A C   1 
ATOM   1263 O O   . GLY A 1 162 ? -5.709  -1.104  17.069  1.00 13.99 ? 162 GLY A O   1 
ATOM   1264 N N   . VAL A 1 163 ? -6.304  -1.862  15.016  1.00 11.42 ? 163 VAL A N   1 
ATOM   1265 C CA  . VAL A 1 163 ? -4.973  -1.716  14.461  1.00 11.04 ? 163 VAL A CA  1 
ATOM   1266 C C   . VAL A 1 163 ? -4.807  -0.528  13.508  1.00 12.62 ? 163 VAL A C   1 
ATOM   1267 O O   . VAL A 1 163 ? -3.707  -0.296  12.985  1.00 13.11 ? 163 VAL A O   1 
ATOM   1268 C CB  . VAL A 1 163 ? -4.483  -3.038  13.741  1.00 11.59 ? 163 VAL A CB  1 
ATOM   1269 C CG1 . VAL A 1 163 ? -4.454  -4.216  14.732  1.00 16.68 ? 163 VAL A CG1 1 
ATOM   1270 C CG2 . VAL A 1 163 ? -5.381  -3.378  12.531  1.00 11.80 ? 163 VAL A CG2 1 
ATOM   1271 N N   . LEU A 1 164 ? -5.878  0.240   13.309  1.00 12.04 ? 164 LEU A N   1 
ATOM   1272 C CA  . LEU A 1 164 ? -5.782  1.396   12.394  1.00 10.02 ? 164 LEU A CA  1 
ATOM   1273 C C   . LEU A 1 164 ? -5.086  2.546   13.131  1.00 13.73 ? 164 LEU A C   1 
ATOM   1274 O O   . LEU A 1 164 ? -5.423  2.866   14.277  1.00 16.98 ? 164 LEU A O   1 
ATOM   1275 C CB  . LEU A 1 164 ? -7.184  1.825   11.946  1.00 13.06 ? 164 LEU A CB  1 
ATOM   1276 C CG  . LEU A 1 164 ? -7.253  2.926   10.873  1.00 15.68 ? 164 LEU A CG  1 
ATOM   1277 C CD1 . LEU A 1 164 ? -6.749  2.295   9.547   1.00 15.28 ? 164 LEU A CD1 1 
ATOM   1278 C CD2 . LEU A 1 164 ? -8.750  3.400   10.684  1.00 16.24 ? 164 LEU A CD2 1 
ATOM   1279 N N   . LYS A 1 165 ? -4.121  3.160   12.466  1.00 13.60 ? 165 LYS A N   1 
ATOM   1280 C CA  . LYS A 1 165 ? -3.365  4.280   13.031  1.00 12.27 ? 165 LYS A CA  1 
ATOM   1281 C C   . LYS A 1 165 ? -3.581  5.456   12.084  1.00 15.00 ? 165 LYS A C   1 
ATOM   1282 O O   . LYS A 1 165 ? -2.964  5.531   11.014  1.00 15.94 ? 165 LYS A O   1 
ATOM   1283 C CB  . LYS A 1 165 ? -1.851  3.952   13.071  1.00 13.92 ? 165 LYS A CB  1 
ATOM   1284 C CG  . LYS A 1 165 ? -1.499  2.642   13.732  1.00 16.35 ? 165 LYS A CG  1 
ATOM   1285 C CD  . LYS A 1 165 ? -1.819  2.683   15.190  1.00 19.47 ? 165 LYS A CD  1 
ATOM   1286 C CE  . LYS A 1 165 ? -1.444  1.368   15.875  1.00 26.96 ? 165 LYS A CE  1 
ATOM   1287 N NZ  . LYS A 1 165 ? -1.864  1.413   17.319  1.00 25.92 ? 165 LYS A NZ  1 
ATOM   1288 N N   . ARG A 1 166 ? -4.495  6.350   12.457  1.00 13.51 ? 166 ARG A N   1 
ATOM   1289 C CA  . ARG A 1 166 ? -4.783  7.518   11.641  1.00 13.52 ? 166 ARG A CA  1 
ATOM   1290 C C   . ARG A 1 166 ? -3.697  8.518   11.956  1.00 12.40 ? 166 ARG A C   1 
ATOM   1291 O O   . ARG A 1 166 ? -3.420  8.826   13.131  1.00 16.52 ? 166 ARG A O   1 
ATOM   1292 C CB  . ARG A 1 166 ? -6.163  8.090   12.004  1.00 15.37 ? 166 ARG A CB  1 
ATOM   1293 C CG  . ARG A 1 166 ? -7.307  7.144   11.684  1.00 17.39 ? 166 ARG A CG  1 
ATOM   1294 C CD  . ARG A 1 166 ? -8.612  7.665   12.324  1.00 20.74 ? 166 ARG A CD  1 
ATOM   1295 N NE  . ARG A 1 166 ? -9.747  6.791   12.066  1.00 18.64 ? 166 ARG A NE  1 
ATOM   1296 C CZ  . ARG A 1 166 ? -10.468 6.778   10.946  1.00 23.19 ? 166 ARG A CZ  1 
ATOM   1297 N NH1 . ARG A 1 166 ? -10.190 7.602   9.943   1.00 22.42 ? 166 ARG A NH1 1 
ATOM   1298 N NH2 . ARG A 1 166 ? -11.493 5.927   10.838  1.00 23.17 ? 166 ARG A NH2 1 
ATOM   1299 N N   . VAL A 1 167 ? -3.088  9.058   10.911  1.00 10.07 ? 167 VAL A N   1 
ATOM   1300 C CA  . VAL A 1 167 ? -1.991  10.000  11.073  1.00 8.11  ? 167 VAL A CA  1 
ATOM   1301 C C   . VAL A 1 167 ? -2.241  11.274  10.281  1.00 10.43 ? 167 VAL A C   1 
ATOM   1302 O O   . VAL A 1 167 ? -2.778  11.236  9.170   1.00 10.81 ? 167 VAL A O   1 
ATOM   1303 C CB  . VAL A 1 167 ? -0.661  9.350   10.578  1.00 15.30 ? 167 VAL A CB  1 
ATOM   1304 C CG1 . VAL A 1 167 ? 0.435   10.395  10.479  1.00 20.54 ? 167 VAL A CG1 1 
ATOM   1305 C CG2 . VAL A 1 167 ? -0.260  8.185   11.532  1.00 12.24 ? 167 VAL A CG2 1 
ATOM   1306 N N   . ASP A 1 168 ? -1.836  12.404  10.859  1.00 9.80  ? 168 ASP A N   1 
ATOM   1307 C CA  . ASP A 1 168 ? -2.011  13.712  10.177  1.00 7.50  ? 168 ASP A CA  1 
ATOM   1308 C C   . ASP A 1 168 ? -0.914  13.845  9.113   1.00 9.76  ? 168 ASP A C   1 
ATOM   1309 O O   . ASP A 1 168 ? 0.265   13.933  9.429   1.00 12.09 ? 168 ASP A O   1 
ATOM   1310 C CB  . ASP A 1 168 ? -1.919  14.803  11.246  1.00 13.88 ? 168 ASP A CB  1 
ATOM   1311 C CG  . ASP A 1 168 ? -1.919  16.229  10.677  1.00 17.44 ? 168 ASP A CG  1 
ATOM   1312 O OD1 . ASP A 1 168 ? -2.118  16.394  9.460   1.00 12.73 ? 168 ASP A OD1 1 
ATOM   1313 O OD2 . ASP A 1 168 ? -1.722  17.185  11.482  1.00 14.71 ? 168 ASP A OD2 1 
ATOM   1314 N N   . GLY A 1 169 ? -1.308  13.855  7.844   1.00 11.82 ? 169 GLY A N   1 
ATOM   1315 C CA  . GLY A 1 169 ? -0.325  13.927  6.769   1.00 14.35 ? 169 GLY A CA  1 
ATOM   1316 C C   . GLY A 1 169 ? 0.058   15.306  6.269   1.00 15.78 ? 169 GLY A C   1 
ATOM   1317 O O   . GLY A 1 169 ? 0.756   15.443  5.253   1.00 13.06 ? 169 GLY A O   1 
ATOM   1318 N N   . LEU A 1 170 ? -0.406  16.332  6.970   1.00 15.75 ? 170 LEU A N   1 
ATOM   1319 C CA  . LEU A 1 170 ? -0.053  17.711  6.607   1.00 18.99 ? 170 LEU A CA  1 
ATOM   1320 C C   . LEU A 1 170 ? 1.229   18.014  7.377   1.00 19.95 ? 170 LEU A C   1 
ATOM   1321 O O   . LEU A 1 170 ? 1.381   17.588  8.517   1.00 28.40 ? 170 LEU A O   1 
ATOM   1322 C CB  . LEU A 1 170 ? -1.146  18.689  7.050   1.00 17.28 ? 170 LEU A CB  1 
ATOM   1323 C CG  . LEU A 1 170 ? -2.280  18.993  6.088   1.00 23.60 ? 170 LEU A CG  1 
ATOM   1324 C CD1 . LEU A 1 170 ? -3.070  20.177  6.666   1.00 19.86 ? 170 LEU A CD1 1 
ATOM   1325 C CD2 . LEU A 1 170 ? -1.718  19.350  4.679   1.00 23.56 ? 170 LEU A CD2 1 
ATOM   1326 N N   . GLY A 1 171 ? 2.159   18.751  6.766   1.00 21.57 ? 171 GLY A N   1 
ATOM   1327 C CA  . GLY A 1 171 ? 3.404   19.051  7.465   1.00 21.82 ? 171 GLY A CA  1 
ATOM   1328 C C   . GLY A 1 171 ? 4.575   18.643  6.588   1.00 22.32 ? 171 GLY A C   1 
ATOM   1329 O O   . GLY A 1 171 ? 4.361   18.235  5.455   1.00 22.13 ? 171 GLY A O   1 
ATOM   1330 N N   . THR A 1 172 ? 5.804   18.772  7.075   1.00 19.92 ? 172 THR A N   1 
ATOM   1331 C CA  . THR A 1 172 ? 6.936   18.367  6.242   1.00 20.97 ? 172 THR A CA  1 
ATOM   1332 C C   . THR A 1 172 ? 7.063   16.853  6.304   1.00 21.72 ? 172 THR A C   1 
ATOM   1333 O O   . THR A 1 172 ? 6.484   16.222  7.173   1.00 17.53 ? 172 THR A O   1 
ATOM   1334 C CB  . THR A 1 172 ? 8.247   18.927  6.747   1.00 18.57 ? 172 THR A CB  1 
ATOM   1335 O OG1 . THR A 1 172 ? 8.505   18.406  8.054   1.00 24.50 ? 172 THR A OG1 1 
ATOM   1336 C CG2 . THR A 1 172 ? 8.195   20.472  6.799   1.00 22.26 ? 172 THR A CG2 1 
ATOM   1337 N N   . PRO A 1 173 ? 7.824   16.256  5.378   1.00 26.82 ? 173 PRO A N   1 
ATOM   1338 C CA  . PRO A 1 173 ? 8.001   14.799  5.381   1.00 24.45 ? 173 PRO A CA  1 
ATOM   1339 C C   . PRO A 1 173 ? 8.514   14.343  6.736   1.00 27.21 ? 173 PRO A C   1 
ATOM   1340 O O   . PRO A 1 173 ? 8.102   13.311  7.274   1.00 23.06 ? 173 PRO A O   1 
ATOM   1341 C CB  . PRO A 1 173 ? 9.036   14.584  4.277   1.00 31.81 ? 173 PRO A CB  1 
ATOM   1342 C CG  . PRO A 1 173 ? 8.632   15.615  3.269   1.00 29.18 ? 173 PRO A CG  1 
ATOM   1343 C CD  . PRO A 1 173 ? 8.399   16.851  4.155   1.00 27.10 ? 173 PRO A CD  1 
ATOM   1344 N N   . ASP A 1 174 ? 9.431   15.119  7.299   1.00 22.79 ? 174 ASP A N   1 
ATOM   1345 C CA  . ASP A 1 174 ? 9.986   14.779  8.588   1.00 22.88 ? 174 ASP A CA  1 
ATOM   1346 C C   . ASP A 1 174 ? 8.933   14.793  9.689   1.00 19.83 ? 174 ASP A C   1 
ATOM   1347 O O   . ASP A 1 174 ? 8.973   13.948  10.593  1.00 21.49 ? 174 ASP A O   1 
ATOM   1348 C CB  . ASP A 1 174 ? 11.137  15.732  8.978   1.00 28.18 ? 174 ASP A CB  1 
ATOM   1349 C CG  . ASP A 1 174 ? 12.443  15.416  8.253   1.00 39.76 ? 174 ASP A CG  1 
ATOM   1350 O OD1 . ASP A 1 174 ? 12.705  14.230  7.954   1.00 35.04 ? 174 ASP A OD1 1 
ATOM   1351 O OD2 . ASP A 1 174 ? 13.217  16.365  7.991   1.00 44.89 ? 174 ASP A OD2 1 
ATOM   1352 N N   . GLU A 1 175 ? 8.024   15.769  9.657   1.00 21.41 ? 175 GLU A N   1 
ATOM   1353 C CA  . GLU A 1 175 ? 6.973   15.829  10.676  1.00 18.28 ? 175 GLU A CA  1 
ATOM   1354 C C   . GLU A 1 175 ? 6.007   14.646  10.551  1.00 17.45 ? 175 GLU A C   1 
ATOM   1355 O O   . GLU A 1 175 ? 5.615   14.049  11.548  1.00 18.83 ? 175 GLU A O   1 
ATOM   1356 C CB  . GLU A 1 175 ? 6.159   17.117  10.560  1.00 16.95 ? 175 GLU A CB  1 
ATOM   1357 C CG  . GLU A 1 175 ? 7.048   18.370  10.705  1.00 24.92 ? 175 GLU A CG  1 
ATOM   1358 C CD  . GLU A 1 175 ? 6.280   19.675  10.541  1.00 24.28 ? 175 GLU A CD  1 
ATOM   1359 O OE1 . GLU A 1 175 ? 5.569   19.858  9.534   1.00 20.74 ? 175 GLU A OE1 1 
ATOM   1360 O OE2 . GLU A 1 175 ? 6.409   20.542  11.431  1.00 31.97 ? 175 GLU A OE2 1 
ATOM   1361 N N   . VAL A 1 176 ? 5.609   14.344  9.331   1.00 17.52 ? 176 VAL A N   1 
ATOM   1362 C CA  . VAL A 1 176 ? 4.675   13.223  9.126   1.00 14.16 ? 176 VAL A CA  1 
ATOM   1363 C C   . VAL A 1 176 ? 5.378   11.908  9.520   1.00 13.82 ? 176 VAL A C   1 
ATOM   1364 O O   . VAL A 1 176 ? 4.800   11.029  10.194  1.00 14.84 ? 176 VAL A O   1 
ATOM   1365 C CB  . VAL A 1 176 ? 4.234   13.185  7.661   1.00 13.12 ? 176 VAL A CB  1 
ATOM   1366 C CG1 . VAL A 1 176 ? 3.330   11.933  7.414   1.00 14.28 ? 176 VAL A CG1 1 
ATOM   1367 C CG2 . VAL A 1 176 ? 3.444   14.469  7.341   1.00 14.86 ? 176 VAL A CG2 1 
ATOM   1368 N N   . TYR A 1 177 ? 6.643   11.779  9.132   1.00 15.73 ? 177 TYR A N   1 
ATOM   1369 C CA  . TYR A 1 177 ? 7.412   10.582  9.486   1.00 18.59 ? 177 TYR A CA  1 
ATOM   1370 C C   . TYR A 1 177 ? 7.475   10.381  11.002  1.00 16.70 ? 177 TYR A C   1 
ATOM   1371 O O   . TYR A 1 177 ? 7.304   9.261   11.524  1.00 17.81 ? 177 TYR A O   1 
ATOM   1372 C CB  . TYR A 1 177 ? 8.817   10.699  8.915   1.00 19.41 ? 177 TYR A CB  1 
ATOM   1373 C CG  . TYR A 1 177 ? 9.647   9.453   9.094   1.00 22.84 ? 177 TYR A CG  1 
ATOM   1374 C CD1 . TYR A 1 177 ? 9.302   8.264   8.433   1.00 24.96 ? 177 TYR A CD1 1 
ATOM   1375 C CD2 . TYR A 1 177 ? 10.768  9.455   9.914   1.00 22.84 ? 177 TYR A CD2 1 
ATOM   1376 C CE1 . TYR A 1 177 ? 10.062  7.114   8.589   1.00 30.21 ? 177 TYR A CE1 1 
ATOM   1377 C CE2 . TYR A 1 177 ? 11.544  8.291   10.075  1.00 28.10 ? 177 TYR A CE2 1 
ATOM   1378 C CZ  . TYR A 1 177 ? 11.181  7.134   9.407   1.00 31.29 ? 177 TYR A CZ  1 
ATOM   1379 O OH  . TYR A 1 177 ? 11.938  5.989   9.546   1.00 25.84 ? 177 TYR A OH  1 
ATOM   1380 N N   . ALA A 1 178 ? 7.723   11.466  11.738  1.00 18.79 ? 178 ALA A N   1 
ATOM   1381 C CA  . ALA A 1 178 ? 7.774   11.369  13.192  1.00 18.89 ? 178 ALA A CA  1 
ATOM   1382 C C   . ALA A 1 178 ? 6.436   10.884  13.747  1.00 17.05 ? 178 ALA A C   1 
ATOM   1383 O O   . ALA A 1 178 ? 6.393   10.109  14.707  1.00 17.37 ? 178 ALA A O   1 
ATOM   1384 C CB  . ALA A 1 178 ? 8.124   12.754  13.832  1.00 21.44 ? 178 ALA A CB  1 
ATOM   1385 N N   . ARG A 1 179 ? 5.337   11.372  13.181  1.00 14.68 ? 179 ARG A N   1 
ATOM   1386 C CA  . ARG A 1 179 ? 4.023   10.954  13.658  1.00 15.32 ? 179 ARG A CA  1 
ATOM   1387 C C   . ARG A 1 179 ? 3.780   9.482   13.365  1.00 16.03 ? 179 ARG A C   1 
ATOM   1388 O O   . ARG A 1 179 ? 3.174   8.772   14.173  1.00 15.77 ? 179 ARG A O   1 
ATOM   1389 C CB  . ARG A 1 179 ? 2.913   11.793  13.000  1.00 16.29 ? 179 ARG A CB  1 
ATOM   1390 C CG  . ARG A 1 179 ? 2.946   13.274  13.416  1.00 16.98 ? 179 ARG A CG  1 
ATOM   1391 C CD  . ARG A 1 179 ? 2.050   14.132  12.482  1.00 25.04 ? 179 ARG A CD  1 
ATOM   1392 N NE  . ARG A 1 179 ? 2.171   15.565  12.774  1.00 22.54 ? 179 ARG A NE  1 
ATOM   1393 C CZ  . ARG A 1 179 ? 1.922   16.540  11.906  1.00 23.98 ? 179 ARG A CZ  1 
ATOM   1394 N NH1 . ARG A 1 179 ? 1.538   16.271  10.652  1.00 18.73 ? 179 ARG A NH1 1 
ATOM   1395 N NH2 . ARG A 1 179 ? 2.029   17.805  12.310  1.00 18.83 ? 179 ARG A NH2 1 
ATOM   1396 N N   . ILE A 1 180 ? 4.225   9.023   12.205  1.00 14.35 ? 180 ILE A N   1 
ATOM   1397 C CA  . ILE A 1 180 ? 4.032   7.601   11.867  1.00 14.00 ? 180 ILE A CA  1 
ATOM   1398 C C   . ILE A 1 180 ? 4.820   6.722   12.866  1.00 18.39 ? 180 ILE A C   1 
ATOM   1399 O O   . ILE A 1 180 ? 4.300   5.727   13.384  1.00 15.14 ? 180 ILE A O   1 
ATOM   1400 C CB  . ILE A 1 180 ? 4.525   7.320   10.434  1.00 14.48 ? 180 ILE A CB  1 
ATOM   1401 C CG1 . ILE A 1 180 ? 3.552   7.932   9.444   1.00 11.29 ? 180 ILE A CG1 1 
ATOM   1402 C CG2 . ILE A 1 180 ? 4.730   5.776   10.203  1.00 14.65 ? 180 ILE A CG2 1 
ATOM   1403 C CD1 . ILE A 1 180 ? 4.111   8.082   8.031   1.00 14.43 ? 180 ILE A CD1 1 
ATOM   1404 N N   . ARG A 1 181 ? 6.090   7.053   13.121  1.00 18.55 ? 181 ARG A N   1 
ATOM   1405 C CA  . ARG A 1 181 ? 6.872   6.261   14.071  1.00 18.54 ? 181 ARG A CA  1 
ATOM   1406 C C   . ARG A 1 181 ? 6.209   6.269   15.452  1.00 19.81 ? 181 ARG A C   1 
ATOM   1407 O O   . ARG A 1 181 ? 6.104   5.228   16.118  1.00 24.37 ? 181 ARG A O   1 
ATOM   1408 C CB  . ARG A 1 181 ? 8.328   6.791   14.140  1.00 18.47 ? 181 ARG A CB  1 
ATOM   1409 C CG  . ARG A 1 181 ? 9.072   6.560   12.834  1.00 24.84 ? 181 ARG A CG  1 
ATOM   1410 C CD  . ARG A 1 181 ? 10.568  6.714   13.005  1.00 33.65 ? 181 ARG A CD  1 
ATOM   1411 N NE  . ARG A 1 181 ? 11.087  5.803   14.020  1.00 36.50 ? 181 ARG A NE  1 
ATOM   1412 C CZ  . ARG A 1 181 ? 12.377  5.567   14.204  1.00 35.75 ? 181 ARG A CZ  1 
ATOM   1413 N NH1 . ARG A 1 181 ? 13.274  6.171   13.436  1.00 36.40 ? 181 ARG A NH1 1 
ATOM   1414 N NH2 . ARG A 1 181 ? 12.764  4.741   15.160  1.00 29.85 ? 181 ARG A NH2 1 
ATOM   1415 N N   . ALA A 1 182 ? 5.738   7.437   15.894  1.00 18.27 ? 182 ALA A N   1 
ATOM   1416 C CA  . ALA A 1 182 ? 5.068   7.509   17.183  1.00 18.91 ? 182 ALA A CA  1 
ATOM   1417 C C   . ALA A 1 182 ? 3.806   6.655   17.205  1.00 22.96 ? 182 ALA A C   1 
ATOM   1418 O O   . ALA A 1 182 ? 3.545   5.942   18.180  1.00 22.09 ? 182 ALA A O   1 
ATOM   1419 C CB  . ALA A 1 182 ? 4.713   8.922   17.518  1.00 23.60 ? 182 ALA A CB  1 
ATOM   1420 N N   . ALA A 1 183 ? 3.022   6.730   16.132  1.00 19.73 ? 183 ALA A N   1 
ATOM   1421 C CA  . ALA A 1 183 ? 1.792   5.938   16.045  1.00 19.21 ? 183 ALA A CA  1 
ATOM   1422 C C   . ALA A 1 183 ? 2.091   4.432   16.147  1.00 14.93 ? 183 ALA A C   1 
ATOM   1423 O O   . ALA A 1 183 ? 1.335   3.662   16.768  1.00 21.25 ? 183 ALA A O   1 
ATOM   1424 C CB  . ALA A 1 183 ? 1.095   6.225   14.717  1.00 17.12 ? 183 ALA A CB  1 
ATOM   1425 N N   . LEU A 1 184 ? 3.143   4.001   15.458  1.00 14.55 ? 184 LEU A N   1 
ATOM   1426 C CA  . LEU A 1 184 ? 3.561   2.592   15.457  1.00 19.02 ? 184 LEU A CA  1 
ATOM   1427 C C   . LEU A 1 184 ? 4.329   2.181   16.721  1.00 26.83 ? 184 LEU A C   1 
ATOM   1428 O O   . LEU A 1 184 ? 4.304   1.021   17.138  1.00 26.59 ? 184 LEU A O   1 
ATOM   1429 C CB  . LEU A 1 184 ? 4.434   2.326   14.232  1.00 18.79 ? 184 LEU A CB  1 
ATOM   1430 C CG  . LEU A 1 184 ? 3.630   2.472   12.936  1.00 16.33 ? 184 LEU A CG  1 
ATOM   1431 C CD1 . LEU A 1 184 ? 4.560   2.438   11.725  1.00 17.46 ? 184 LEU A CD1 1 
ATOM   1432 C CD2 . LEU A 1 184 ? 2.549   1.337   12.867  1.00 16.71 ? 184 LEU A CD2 1 
ATOM   1433 N N   . GLY A 1 185 ? 5.001   3.139   17.342  1.00 29.71 ? 185 GLY A N   1 
ATOM   1434 C CA  . GLY A 1 185 ? 5.771   2.841   18.540  1.00 28.89 ? 185 GLY A CA  1 
ATOM   1435 C C   . GLY A 1 185 ? 7.139   2.258   18.208  1.00 26.85 ? 185 GLY A C   1 
ATOM   1436 O O   . GLY A 1 185 ? 7.729   1.570   19.036  1.00 33.81 ? 185 GLY A O   1 
ATOM   1437 N N   . ILE A 1 186 ? 7.648   2.519   17.003  1.00 27.13 ? 186 ILE A N   1 
ATOM   1438 C CA  . ILE A 1 186 ? 8.959   2.004   16.601  1.00 31.68 ? 186 ILE A CA  1 
ATOM   1439 C C   . ILE A 1 186 ? 9.894   3.110   16.125  1.00 36.41 ? 186 ILE A C   1 
ATOM   1440 O O   . ILE A 1 186 ? 9.415   4.246   15.951  1.00 30.57 ? 186 ILE A O   1 
ATOM   1441 C CB  . ILE A 1 186 ? 8.845   0.972   15.461  1.00 36.06 ? 186 ILE A CB  1 
ATOM   1442 C CG1 . ILE A 1 186 ? 8.240   1.648   14.221  1.00 27.69 ? 186 ILE A CG1 1 
ATOM   1443 C CG2 . ILE A 1 186 ? 8.038   -0.239  15.942  1.00 31.86 ? 186 ILE A CG2 1 
ATOM   1444 C CD1 . ILE A 1 186 ? 8.050   0.732   13.036  1.00 31.07 ? 186 ILE A CD1 1 
ATOM   1445 O OXT . ILE A 1 186 ? 11.094  2.821   15.908  1.00 38.59 ? 186 ILE A OXT 1 
HETATM 1446 O O   . HOH B 2 .   ? -4.698  -7.868  6.657   1.00 12.81 ? 187 HOH A O   1 
HETATM 1447 O O   . HOH B 2 .   ? -9.736  -9.900  -4.248  1.00 19.13 ? 188 HOH A O   1 
HETATM 1448 O O   . HOH B 2 .   ? -13.172 -8.644  -1.578  1.00 19.55 ? 189 HOH A O   1 
HETATM 1449 O O   . HOH B 2 .   ? -0.893  12.443  13.591  1.00 17.31 ? 190 HOH A O   1 
HETATM 1450 O O   . HOH B 2 .   ? -13.155 -4.711  -1.066  1.00 25.10 ? 191 HOH A O   1 
HETATM 1451 O O   . HOH B 2 .   ? -4.219  3.142   0.034   1.00 23.76 ? 192 HOH A O   1 
HETATM 1452 O O   . HOH B 2 .   ? -7.927  1.150   15.345  1.00 18.74 ? 193 HOH A O   1 
HETATM 1453 O O   . HOH B 2 .   ? 2.659   -3.874  -1.000  1.00 28.75 ? 194 HOH A O   1 
HETATM 1454 O O   . HOH B 2 .   ? -12.554 6.951   7.931   1.00 31.42 ? 195 HOH A O   1 
HETATM 1455 O O   . HOH B 2 .   ? -0.017  8.709   -0.951  1.00 30.55 ? 196 HOH A O   1 
HETATM 1456 O O   . HOH B 2 .   ? 4.628   13.097  3.907   1.00 32.47 ? 197 HOH A O   1 
HETATM 1457 O O   . HOH B 2 .   ? -5.690  -6.954  10.936  1.00 27.07 ? 198 HOH A O   1 
HETATM 1458 O O   . HOH B 2 .   ? -4.673  1.288   16.864  1.00 29.70 ? 199 HOH A O   1 
HETATM 1459 O O   . HOH B 2 .   ? -1.128  -9.236  14.455  1.00 25.52 ? 200 HOH A O   1 
HETATM 1460 O O   . HOH B 2 .   ? 4.704   -21.062 0.053   1.00 26.62 ? 201 HOH A O   1 
HETATM 1461 O O   . HOH B 2 .   ? 2.088   12.933  4.252   1.00 26.80 ? 202 HOH A O   1 
HETATM 1462 O O   . HOH B 2 .   ? -7.624  -17.121 -5.679  1.00 27.46 ? 203 HOH A O   1 
HETATM 1463 O O   . HOH B 2 .   ? -1.198  17.064  14.377  1.00 26.78 ? 204 HOH A O   1 
HETATM 1464 O O   . HOH B 2 .   ? -2.601  20.208  -20.659 1.00 31.00 ? 205 HOH A O   1 
HETATM 1465 O O   . HOH B 2 .   ? -8.594  -14.187 -7.207  1.00 29.39 ? 206 HOH A O   1 
HETATM 1466 O O   . HOH B 2 .   ? -11.130 21.383  5.689   1.00 26.72 ? 207 HOH A O   1 
HETATM 1467 O O   . HOH B 2 .   ? 11.147  -13.195 1.955   1.00 38.64 ? 208 HOH A O   1 
HETATM 1468 O O   . HOH B 2 .   ? 1.521   10.809  -2.838  1.00 43.38 ? 209 HOH A O   1 
HETATM 1469 O O   . HOH B 2 .   ? -11.301 18.682  4.072   1.00 38.99 ? 210 HOH A O   1 
HETATM 1470 O O   . HOH B 2 .   ? 12.584  -2.953  0.745   1.00 34.25 ? 211 HOH A O   1 
HETATM 1471 O O   . HOH B 2 .   ? 10.038  11.124  4.510   1.00 41.29 ? 212 HOH A O   1 
HETATM 1472 O O   . HOH B 2 .   ? 2.372   -0.973  17.165  1.00 32.71 ? 213 HOH A O   1 
HETATM 1473 O O   . HOH B 2 .   ? -5.942  5.936   14.994  1.00 32.38 ? 214 HOH A O   1 
HETATM 1474 O O   . HOH B 2 .   ? 9.202   -15.350 -5.175  1.00 32.27 ? 215 HOH A O   1 
HETATM 1475 O O   . HOH B 2 .   ? -9.125  22.242  -13.299 1.00 43.21 ? 216 HOH A O   1 
HETATM 1476 O O   . HOH B 2 .   ? -6.372  -10.810 -7.681  1.00 34.65 ? 217 HOH A O   1 
HETATM 1477 O O   . HOH B 2 .   ? 11.238  19.134  8.845   1.00 42.38 ? 218 HOH A O   1 
HETATM 1478 O O   . HOH B 2 .   ? -3.943  5.817   -3.156  1.00 39.08 ? 219 HOH A O   1 
HETATM 1479 O O   . HOH B 2 .   ? 1.888   -4.033  -7.281  1.00 40.90 ? 220 HOH A O   1 
HETATM 1480 O O   . HOH B 2 .   ? -7.215  1.149   -1.303  1.00 48.81 ? 221 HOH A O   1 
HETATM 1481 O O   . HOH B 2 .   ? 14.990  9.584   10.394  1.00 46.86 ? 222 HOH A O   1 
HETATM 1482 O O   . HOH B 2 .   ? 8.931   -6.078  -3.749  1.00 36.72 ? 223 HOH A O   1 
HETATM 1483 O O   . HOH B 2 .   ? -0.330  21.316  0.416   1.00 44.40 ? 224 HOH A O   1 
HETATM 1484 O O   . HOH B 2 .   ? 5.024   15.671  3.611   1.00 33.18 ? 225 HOH A O   1 
HETATM 1485 O O   . HOH B 2 .   ? 1.085   -20.458 5.565   1.00 38.85 ? 226 HOH A O   1 
HETATM 1486 O O   . HOH B 2 .   ? 1.584   6.979   -2.806  1.00 48.77 ? 227 HOH A O   1 
HETATM 1487 O O   . HOH B 2 .   ? -17.698 1.792   0.370   1.00 45.27 ? 228 HOH A O   1 
HETATM 1488 O O   . HOH B 2 .   ? 5.190   -1.418  -2.400  1.00 38.65 ? 229 HOH A O   1 
HETATM 1489 O O   . HOH B 2 .   ? 2.920   3.787   -3.724  1.00 47.18 ? 230 HOH A O   1 
HETATM 1490 O O   . HOH B 2 .   ? 10.992  -17.315 2.914   1.00 38.60 ? 231 HOH A O   1 
HETATM 1491 O O   . HOH B 2 .   ? 6.823   -8.387  17.696  1.00 46.36 ? 232 HOH A O   1 
HETATM 1492 O O   . HOH B 2 .   ? 6.873   -12.535 8.284   1.00 42.01 ? 233 HOH A O   1 
HETATM 1493 O O   . HOH B 2 .   ? 1.551   -4.351  -3.790  1.00 25.15 ? 234 HOH A O   1 
HETATM 1494 O O   . HOH B 2 .   ? -12.333 -9.834  -4.100  1.00 32.96 ? 235 HOH A O   1 
HETATM 1495 O O   . HOH B 2 .   ? -10.383 -11.760 9.391   1.00 41.01 ? 236 HOH A O   1 
HETATM 1496 O O   . HOH B 2 .   ? 11.409  -3.175  14.685  1.00 49.13 ? 237 HOH A O   1 
HETATM 1497 O O   . HOH B 2 .   ? -3.118  -10.885 12.365  1.00 48.91 ? 238 HOH A O   1 
HETATM 1498 O O   . HOH B 2 .   ? 14.702  -4.590  0.366   1.00 39.38 ? 239 HOH A O   1 
HETATM 1499 O O   . HOH B 2 .   ? -2.709  2.951   -2.770  1.00 42.80 ? 240 HOH A O   1 
HETATM 1500 O O   . HOH B 2 .   ? -0.579  15.139  15.517  1.00 56.01 ? 241 HOH A O   1 
HETATM 1501 O O   . HOH B 2 .   ? 1.193   22.687  1.980   1.00 54.17 ? 242 HOH A O   1 
HETATM 1502 O O   . HOH B 2 .   ? 8.595   5.312   18.685  1.00 46.50 ? 243 HOH A O   1 
HETATM 1503 O O   . HOH B 2 .   ? 1.261   -21.968 11.310  1.00 47.50 ? 244 HOH A O   1 
HETATM 1504 O O   . HOH B 2 .   ? -7.727  18.272  -18.472 1.00 46.85 ? 245 HOH A O   1 
HETATM 1505 O O   . HOH B 2 .   ? -11.719 -2.412  -1.653  1.00 38.80 ? 246 HOH A O   1 
HETATM 1506 O O   . HOH B 2 .   ? 11.268  16.995  6.382   1.00 37.94 ? 247 HOH A O   1 
HETATM 1507 O O   . HOH B 2 .   ? -5.357  -7.589  13.126  1.00 33.82 ? 248 HOH A O   1 
HETATM 1508 O O   . HOH B 2 .   ? -11.554 24.254  5.163   1.00 40.55 ? 249 HOH A O   1 
HETATM 1509 O O   . HOH B 2 .   ? -7.227  -6.129  -6.911  1.00 51.65 ? 250 HOH A O   1 
HETATM 1510 O O   . HOH B 2 .   ? 6.867   -19.249 6.560   1.00 57.38 ? 251 HOH A O   1 
HETATM 1511 O O   . HOH B 2 .   ? 9.018   -15.490 8.664   1.00 59.44 ? 252 HOH A O   1 
HETATM 1512 O O   . HOH B 2 .   ? -16.867 -0.819  12.573  1.00 61.67 ? 253 HOH A O   1 
HETATM 1513 O O   . HOH B 2 .   ? -5.163  12.118  14.466  1.00 53.33 ? 254 HOH A O   1 
HETATM 1514 O O   . HOH B 2 .   ? -17.382 8.901   -8.198  1.00 44.04 ? 255 HOH A O   1 
HETATM 1515 O O   . HOH B 2 .   ? 10.194  13.036  -2.197  1.00 57.54 ? 256 HOH A O   1 
HETATM 1516 O O   . HOH B 2 .   ? 3.213   15.901  -0.324  1.00 62.18 ? 257 HOH A O   1 
HETATM 1517 O O   . HOH B 2 .   ? -20.232 4.004   3.637   1.00 48.60 ? 258 HOH A O   1 
HETATM 1518 O O   . HOH B 2 .   ? 11.898  -13.426 5.044   1.00 32.14 ? 259 HOH A O   1 
HETATM 1519 O O   . HOH B 2 .   ? -15.988 6.982   3.723   1.00 51.82 ? 260 HOH A O   1 
HETATM 1520 O O   . HOH B 2 .   ? 2.867   20.513  16.323  1.00 73.85 ? 261 HOH A O   1 
HETATM 1521 O O   . HOH B 2 .   ? -2.442  6.568   16.332  1.00 43.67 ? 262 HOH A O   1 
HETATM 1522 O O   . HOH B 2 .   ? 15.729  5.705   11.586  1.00 54.94 ? 263 HOH A O   1 
HETATM 1523 O O   . HOH B 2 .   ? -11.181 16.301  3.150   0.50 31.77 ? 264 HOH A O   1 
HETATM 1524 O O   . HOH B 2 .   ? 11.653  -11.000 -4.572  1.00 37.67 ? 265 HOH A O   1 
HETATM 1525 O O   . HOH B 2 .   ? 5.187   10.818  -14.244 1.00 50.95 ? 266 HOH A O   1 
HETATM 1526 O O   . HOH B 2 .   ? -9.154  -8.857  -6.718  1.00 44.56 ? 267 HOH A O   1 
HETATM 1527 O O   . HOH B 2 .   ? -11.082 6.931   4.067   1.00 55.55 ? 268 HOH A O   1 
HETATM 1528 O O   . HOH B 2 .   ? -0.782  -11.399 13.091  1.00 46.88 ? 269 HOH A O   1 
HETATM 1529 O O   . HOH B 2 .   ? -0.755  3.390   18.423  1.00 37.97 ? 270 HOH A O   1 
HETATM 1530 O O   . HOH B 2 .   ? 11.835  19.941  11.365  1.00 42.39 ? 271 HOH A O   1 
HETATM 1531 O O   . HOH B 2 .   ? 13.337  9.552   12.852  1.00 44.03 ? 272 HOH A O   1 
HETATM 1532 O O   . HOH B 2 .   ? 2.166   17.358  3.956   1.00 39.68 ? 273 HOH A O   1 
HETATM 1533 O O   . HOH B 2 .   ? 17.445  4.776   13.187  1.00 58.68 ? 274 HOH A O   1 
# 
